data_7TGN
#
_entry.id   7TGN
#
_cell.length_a   108.530
_cell.length_b   108.530
_cell.length_c   517.750
_cell.angle_alpha   90.000
_cell.angle_beta   90.000
_cell.angle_gamma   90.000
#
_symmetry.space_group_name_H-M   'P 43 21 2'
#
loop_
_entity.id
_entity.type
_entity.pdbx_description
1 polymer 'Desferrioxamine synthetase DesD'
2 non-polymer 1,2-ETHANEDIOL
3 non-polymer 'MAGNESIUM ION'
4 non-polymer 'CITRATE ANION'
5 water water
#
_entity_poly.entity_id   1
_entity_poly.type   'polypeptide(L)'
_entity_poly.pdbx_seq_one_letter_code
;MGSSHHHHHHSSGLVPRGSHMSLADSVAHLSPERWEQANRLLIRKALAEFAHERLITPERDGDVYVVRSDDGLTGYRFTA
AVRTLDHWQIDADSISRHRDGEELPLAALDFFIELKDSLGLSDEILPVYLEEISSTLSGTCYKLTKPRITAAELAAGGFQ
AIETGMTEGHPCFVANNGRLGFGIHEYLSYAPETASPVRLVWLAAHRSRAAFTAGVGIDYESFVRQELGEETVDRFHGVL
RERGLDPADYLFIPVHPWQWWNKLSVTFAAEVARQHLVCLGEGDDEYLAQQSIRTFFNTSHPEKHYVKTALSVINMGFMR
GLSAAYMEATPAINDWLAQLIEGDPVLKATGLTIIRERAAVGYRHLEYEKATDRYSPYRKMLAALWRESPVPSLRDGESL
ATMASLLHVDHAGASFAGALIARSGLAPAEWLRRYLRAYYTPLLHSFYAYDLVYMPHGENVILVLKDGVVERAIYKDIAE
EICVMDPDAVLPPEVQRIRAEVPEDTKLLSVFTDVFDCFFRFLAVNLASEGVLEEDDFWRTVAEVTREYQESMPELADKF
RQYDMFAPEFALSCLNRLQLRNNKQMVDLADPSGALQLVGTLRNPIAGF
;
_entity_poly.pdbx_strand_id   A,B,C,D
#
# COMPACT_ATOMS: atom_id res chain seq x y z
N HIS A 20 -15.15 -38.49 9.58
CA HIS A 20 -15.30 -39.92 9.35
C HIS A 20 -14.13 -40.71 9.94
N MET A 21 -14.45 -41.73 10.74
CA MET A 21 -13.40 -42.53 11.37
C MET A 21 -12.94 -43.64 10.44
N SER A 22 -13.79 -44.62 10.19
CA SER A 22 -13.38 -45.82 9.48
C SER A 22 -13.78 -45.76 8.01
N LEU A 23 -13.16 -46.65 7.21
CA LEU A 23 -13.50 -46.69 5.80
C LEU A 23 -14.95 -47.06 5.59
N ALA A 24 -15.44 -48.07 6.33
CA ALA A 24 -16.83 -48.49 6.20
C ALA A 24 -17.79 -47.36 6.52
N ASP A 25 -17.54 -46.65 7.63
CA ASP A 25 -18.43 -45.56 8.00
C ASP A 25 -18.43 -44.45 6.95
N SER A 26 -17.33 -44.27 6.21
CA SER A 26 -17.26 -43.19 5.24
C SER A 26 -18.34 -43.31 4.19
N VAL A 27 -18.76 -44.53 3.85
CA VAL A 27 -19.76 -44.69 2.80
C VAL A 27 -21.00 -45.45 3.30
N ALA A 28 -21.15 -45.57 4.62
CA ALA A 28 -22.32 -46.24 5.18
C ALA A 28 -23.63 -45.66 4.66
N HIS A 29 -23.68 -44.36 4.41
CA HIS A 29 -24.93 -43.77 3.95
C HIS A 29 -25.29 -44.18 2.53
N LEU A 30 -24.34 -44.69 1.76
CA LEU A 30 -24.62 -45.06 0.37
C LEU A 30 -25.02 -46.53 0.32
N SER A 31 -26.33 -46.80 0.27
CA SER A 31 -26.91 -48.12 0.10
C SER A 31 -27.74 -48.12 -1.18
N PRO A 32 -27.94 -49.28 -1.81
CA PRO A 32 -28.78 -49.31 -3.01
C PRO A 32 -30.18 -48.76 -2.78
N GLU A 33 -30.79 -49.07 -1.64
CA GLU A 33 -32.15 -48.60 -1.34
C GLU A 33 -32.20 -47.09 -1.17
N ARG A 34 -31.33 -46.54 -0.31
CA ARG A 34 -31.33 -45.09 -0.14
C ARG A 34 -31.05 -44.38 -1.46
N TRP A 35 -30.17 -44.96 -2.28
CA TRP A 35 -29.83 -44.33 -3.56
C TRP A 35 -31.05 -44.26 -4.50
N GLU A 36 -31.83 -45.34 -4.59
CA GLU A 36 -32.97 -45.31 -5.50
C GLU A 36 -34.05 -44.34 -5.00
N GLN A 37 -34.25 -44.28 -3.67
CA GLN A 37 -35.15 -43.27 -3.12
C GLN A 37 -34.66 -41.86 -3.44
N ALA A 38 -33.35 -41.62 -3.28
CA ALA A 38 -32.81 -40.30 -3.58
C ALA A 38 -32.98 -39.97 -5.05
N ASN A 39 -32.75 -40.96 -5.91
CA ASN A 39 -32.92 -40.72 -7.34
C ASN A 39 -34.38 -40.49 -7.70
N ARG A 40 -35.30 -41.15 -6.99
CA ARG A 40 -36.72 -40.90 -7.27
C ARG A 40 -37.11 -39.49 -6.86
N LEU A 41 -36.67 -39.05 -5.67
CA LEU A 41 -37.04 -37.71 -5.23
C LEU A 41 -36.41 -36.64 -6.10
N LEU A 42 -35.19 -36.85 -6.55
CA LEU A 42 -34.56 -35.80 -7.37
C LEU A 42 -35.21 -35.72 -8.75
N ILE A 43 -35.52 -36.86 -9.36
CA ILE A 43 -36.15 -36.82 -10.67
C ILE A 43 -37.53 -36.17 -10.59
N ARG A 44 -38.29 -36.47 -9.53
CA ARG A 44 -39.57 -35.81 -9.32
C ARG A 44 -39.42 -34.29 -9.31
N LYS A 45 -38.40 -33.80 -8.60
CA LYS A 45 -38.17 -32.35 -8.54
C LYS A 45 -37.67 -31.81 -9.87
N ALA A 46 -36.76 -32.54 -10.53
CA ALA A 46 -36.32 -32.12 -11.86
C ALA A 46 -37.50 -32.03 -12.82
N LEU A 47 -38.32 -33.09 -12.89
CA LEU A 47 -39.48 -33.02 -13.77
C LEU A 47 -40.39 -31.86 -13.42
N ALA A 48 -40.62 -31.65 -12.12
CA ALA A 48 -41.56 -30.62 -11.70
C ALA A 48 -41.05 -29.23 -12.06
N GLU A 49 -39.81 -28.92 -11.70
CA GLU A 49 -39.32 -27.56 -11.89
C GLU A 49 -38.83 -27.30 -13.31
N PHE A 50 -38.35 -28.31 -14.03
CA PHE A 50 -38.06 -28.11 -15.44
C PHE A 50 -39.33 -27.83 -16.24
N ALA A 51 -40.43 -28.50 -15.89
CA ALA A 51 -41.69 -28.22 -16.57
C ALA A 51 -42.21 -26.83 -16.21
N HIS A 52 -42.11 -26.47 -14.93
CA HIS A 52 -42.48 -25.12 -14.54
C HIS A 52 -41.74 -24.09 -15.39
N GLU A 53 -40.45 -24.30 -15.58
CA GLU A 53 -39.64 -23.36 -16.34
C GLU A 53 -39.73 -23.57 -17.84
N ARG A 54 -40.62 -24.45 -18.30
CA ARG A 54 -40.85 -24.69 -19.74
C ARG A 54 -39.58 -25.11 -20.48
N LEU A 55 -38.66 -25.76 -19.76
CA LEU A 55 -37.56 -26.46 -20.38
C LEU A 55 -37.98 -27.82 -20.92
N ILE A 56 -39.03 -28.41 -20.33
CA ILE A 56 -39.70 -29.58 -20.84
C ILE A 56 -41.20 -29.29 -20.88
N THR A 57 -41.89 -30.01 -21.75
CA THR A 57 -43.34 -29.90 -21.91
C THR A 57 -43.95 -31.29 -21.88
N PRO A 58 -44.39 -31.76 -20.72
CA PRO A 58 -45.09 -33.05 -20.65
C PRO A 58 -46.32 -33.06 -21.53
N GLU A 59 -46.62 -34.23 -22.11
CA GLU A 59 -47.82 -34.48 -22.91
C GLU A 59 -48.73 -35.48 -22.21
N ARG A 60 -50.03 -35.23 -22.25
CA ARG A 60 -50.98 -36.16 -21.66
C ARG A 60 -51.14 -37.40 -22.54
N ASP A 61 -51.46 -38.52 -21.89
CA ASP A 61 -51.66 -39.81 -22.57
C ASP A 61 -52.49 -40.68 -21.63
N GLY A 62 -53.80 -40.67 -21.83
CA GLY A 62 -54.70 -41.27 -20.86
C GLY A 62 -54.81 -40.35 -19.68
N ASP A 63 -54.69 -40.90 -18.47
CA ASP A 63 -54.61 -40.09 -17.26
C ASP A 63 -53.18 -39.94 -16.76
N VAL A 64 -52.20 -39.99 -17.67
CA VAL A 64 -50.77 -40.04 -17.33
C VAL A 64 -50.01 -39.09 -18.24
N TYR A 65 -49.07 -38.32 -17.66
CA TYR A 65 -48.19 -37.43 -18.40
C TYR A 65 -46.91 -38.16 -18.82
N VAL A 66 -46.27 -37.67 -19.87
CA VAL A 66 -45.05 -38.29 -20.37
C VAL A 66 -44.06 -37.21 -20.82
N VAL A 67 -42.78 -37.40 -20.45
CA VAL A 67 -41.68 -36.54 -20.89
C VAL A 67 -40.62 -37.42 -21.55
N ARG A 68 -40.24 -37.07 -22.78
CA ARG A 68 -39.32 -37.91 -23.55
C ARG A 68 -37.93 -37.27 -23.59
N SER A 69 -36.91 -38.13 -23.67
CA SER A 69 -35.53 -37.67 -23.85
C SER A 69 -35.35 -36.93 -25.17
N ASP A 70 -34.16 -36.36 -25.40
CA ASP A 70 -33.87 -35.70 -26.67
C ASP A 70 -34.08 -36.64 -27.85
N ASP A 71 -33.55 -37.86 -27.74
CA ASP A 71 -33.61 -38.78 -28.88
C ASP A 71 -35.00 -39.39 -29.06
N GLY A 72 -35.86 -39.31 -28.04
CA GLY A 72 -37.19 -39.85 -28.08
C GLY A 72 -37.31 -41.33 -27.76
N LEU A 73 -36.20 -42.01 -27.49
CA LEU A 73 -36.22 -43.43 -27.23
C LEU A 73 -36.48 -43.78 -25.76
N THR A 74 -36.47 -42.80 -24.87
CA THR A 74 -36.69 -43.05 -23.44
C THR A 74 -37.83 -42.15 -22.96
N GLY A 75 -38.82 -42.75 -22.31
CA GLY A 75 -39.98 -42.03 -21.82
C GLY A 75 -40.07 -42.03 -20.30
N TYR A 76 -40.39 -40.87 -19.74
CA TYR A 76 -40.67 -40.76 -18.32
C TYR A 76 -42.17 -40.55 -18.15
N ARG A 77 -42.84 -41.49 -17.49
CA ARG A 77 -44.28 -41.43 -17.28
C ARG A 77 -44.60 -41.24 -15.81
N PHE A 78 -45.63 -40.45 -15.52
CA PHE A 78 -46.00 -40.10 -14.16
C PHE A 78 -47.39 -39.51 -14.15
N THR A 79 -48.01 -39.49 -12.99
CA THR A 79 -49.26 -38.77 -12.77
C THR A 79 -48.92 -37.44 -12.10
N ALA A 80 -49.66 -36.40 -12.45
CA ALA A 80 -49.39 -35.05 -11.96
C ALA A 80 -50.65 -34.20 -12.05
N ALA A 81 -50.68 -33.14 -11.25
CA ALA A 81 -51.73 -32.13 -11.31
C ALA A 81 -51.09 -30.75 -11.32
N VAL A 82 -51.49 -29.90 -12.25
CA VAL A 82 -50.97 -28.55 -12.36
C VAL A 82 -51.78 -27.63 -11.45
N ARG A 83 -51.07 -26.87 -10.63
CA ARG A 83 -51.71 -26.01 -9.64
C ARG A 83 -51.41 -24.55 -9.98
N THR A 84 -51.81 -23.67 -9.09
CA THR A 84 -51.58 -22.24 -9.24
C THR A 84 -50.11 -21.98 -9.57
N LEU A 85 -49.86 -20.94 -10.37
CA LEU A 85 -48.51 -20.55 -10.78
C LEU A 85 -47.77 -21.68 -11.47
N ASP A 86 -48.52 -22.47 -12.25
CA ASP A 86 -47.94 -23.54 -13.07
C ASP A 86 -47.07 -24.47 -12.24
N HIS A 87 -47.55 -24.83 -11.04
CA HIS A 87 -46.81 -25.74 -10.20
C HIS A 87 -47.19 -27.17 -10.55
N TRP A 88 -46.19 -27.99 -10.83
CA TRP A 88 -46.41 -29.38 -11.18
C TRP A 88 -46.32 -30.22 -9.91
N GLN A 89 -47.46 -30.76 -9.48
CA GLN A 89 -47.51 -31.65 -8.32
C GLN A 89 -47.49 -33.09 -8.80
N ILE A 90 -46.32 -33.73 -8.70
CA ILE A 90 -46.06 -35.03 -9.29
C ILE A 90 -46.00 -36.06 -8.18
N ASP A 91 -46.70 -37.18 -8.35
CA ASP A 91 -46.55 -38.30 -7.44
C ASP A 91 -45.22 -38.98 -7.70
N ALA A 92 -44.33 -38.97 -6.70
CA ALA A 92 -43.01 -39.55 -6.89
C ALA A 92 -43.07 -41.05 -7.13
N ASP A 93 -44.05 -41.74 -6.55
CA ASP A 93 -44.16 -43.18 -6.72
C ASP A 93 -44.75 -43.58 -8.05
N SER A 94 -45.35 -42.65 -8.79
CA SER A 94 -45.92 -42.93 -10.10
C SER A 94 -44.91 -42.82 -11.23
N ILE A 95 -43.66 -42.45 -10.94
CA ILE A 95 -42.69 -42.17 -11.97
C ILE A 95 -42.11 -43.49 -12.48
N SER A 96 -42.20 -43.69 -13.80
CA SER A 96 -41.61 -44.86 -14.45
C SER A 96 -40.80 -44.43 -15.66
N ARG A 97 -39.78 -45.21 -15.96
CA ARG A 97 -38.85 -44.95 -17.04
C ARG A 97 -38.90 -46.13 -18.01
N HIS A 98 -39.07 -45.82 -19.31
CA HIS A 98 -39.33 -46.84 -20.34
C HIS A 98 -38.44 -46.63 -21.54
N ARG A 99 -37.97 -47.74 -22.10
CA ARG A 99 -37.13 -47.75 -23.30
C ARG A 99 -37.25 -49.11 -23.96
N ASP A 100 -37.51 -49.11 -25.28
CA ASP A 100 -37.71 -50.33 -26.07
C ASP A 100 -38.72 -51.27 -25.41
N GLY A 101 -39.81 -50.71 -24.89
CA GLY A 101 -40.80 -51.53 -24.23
C GLY A 101 -40.30 -52.25 -23.00
N GLU A 102 -39.25 -51.74 -22.37
CA GLU A 102 -38.69 -52.31 -21.15
C GLU A 102 -38.67 -51.22 -20.08
N GLU A 103 -39.17 -51.54 -18.91
CA GLU A 103 -39.10 -50.60 -17.81
C GLU A 103 -37.69 -50.58 -17.23
N LEU A 104 -37.15 -49.38 -17.02
CA LEU A 104 -35.80 -49.20 -16.54
C LEU A 104 -35.82 -48.54 -15.17
N PRO A 105 -34.82 -48.83 -14.32
CA PRO A 105 -34.69 -48.09 -13.05
C PRO A 105 -34.51 -46.60 -13.29
N LEU A 106 -34.95 -45.81 -12.31
CA LEU A 106 -34.73 -44.38 -12.36
C LEU A 106 -33.28 -44.10 -11.99
N ALA A 107 -32.63 -43.23 -12.77
CA ALA A 107 -31.22 -42.89 -12.53
C ALA A 107 -31.03 -41.42 -12.90
N ALA A 108 -30.90 -40.56 -11.88
CA ALA A 108 -30.82 -39.12 -12.15
C ALA A 108 -29.75 -38.78 -13.17
N LEU A 109 -28.57 -39.39 -13.04
CA LEU A 109 -27.47 -39.05 -13.94
C LEU A 109 -27.83 -39.32 -15.39
N ASP A 110 -28.37 -40.52 -15.67
CA ASP A 110 -28.88 -40.80 -17.01
C ASP A 110 -29.93 -39.76 -17.41
N PHE A 111 -30.77 -39.37 -16.45
CA PHE A 111 -31.86 -38.44 -16.76
C PHE A 111 -31.34 -37.14 -17.33
N PHE A 112 -30.33 -36.54 -16.69
CA PHE A 112 -29.76 -35.31 -17.21
C PHE A 112 -28.99 -35.53 -18.49
N ILE A 113 -28.26 -36.65 -18.62
CA ILE A 113 -27.60 -36.89 -19.90
C ILE A 113 -28.63 -36.96 -21.02
N GLU A 114 -29.71 -37.74 -20.81
CA GLU A 114 -30.72 -37.93 -21.86
C GLU A 114 -31.42 -36.62 -22.22
N LEU A 115 -31.40 -35.62 -21.36
CA LEU A 115 -31.97 -34.32 -21.68
C LEU A 115 -30.90 -33.22 -21.75
N LYS A 116 -29.64 -33.60 -22.02
CA LYS A 116 -28.54 -32.64 -22.08
C LYS A 116 -28.91 -31.43 -22.94
N ASP A 117 -29.38 -31.69 -24.16
CA ASP A 117 -29.70 -30.61 -25.09
C ASP A 117 -30.98 -29.87 -24.73
N SER A 118 -31.99 -30.55 -24.18
CA SER A 118 -33.20 -29.83 -23.78
C SER A 118 -32.94 -28.80 -22.69
N LEU A 119 -31.82 -28.92 -21.97
CA LEU A 119 -31.56 -28.14 -20.77
C LEU A 119 -30.51 -27.04 -20.95
N GLY A 120 -29.83 -26.96 -22.10
CA GLY A 120 -28.76 -25.99 -22.25
C GLY A 120 -27.45 -26.41 -21.65
N LEU A 121 -27.33 -27.67 -21.23
CA LEU A 121 -26.12 -28.20 -20.64
C LEU A 121 -25.03 -28.28 -21.71
N SER A 122 -24.13 -27.30 -21.73
CA SER A 122 -23.01 -27.39 -22.66
C SER A 122 -22.14 -28.62 -22.36
N ASP A 123 -21.33 -28.98 -23.34
CA ASP A 123 -20.40 -30.08 -23.15
C ASP A 123 -19.41 -29.81 -22.01
N GLU A 124 -19.08 -28.54 -21.76
CA GLU A 124 -18.16 -28.21 -20.67
C GLU A 124 -18.81 -28.24 -19.30
N ILE A 125 -20.12 -28.00 -19.22
CA ILE A 125 -20.80 -27.94 -17.92
C ILE A 125 -21.40 -29.30 -17.50
N LEU A 126 -21.76 -30.14 -18.46
CA LEU A 126 -22.42 -31.41 -18.13
C LEU A 126 -21.64 -32.27 -17.14
N PRO A 127 -20.34 -32.54 -17.30
CA PRO A 127 -19.66 -33.38 -16.29
C PRO A 127 -19.69 -32.79 -14.88
N VAL A 128 -19.44 -31.49 -14.74
CA VAL A 128 -19.46 -30.92 -13.40
C VAL A 128 -20.89 -30.81 -12.87
N TYR A 129 -21.87 -30.62 -13.76
CA TYR A 129 -23.26 -30.70 -13.30
C TYR A 129 -23.58 -32.08 -12.74
N LEU A 130 -23.13 -33.14 -13.42
CA LEU A 130 -23.36 -34.49 -12.91
C LEU A 130 -22.68 -34.69 -11.56
N GLU A 131 -21.48 -34.12 -11.40
CA GLU A 131 -20.83 -34.23 -10.11
C GLU A 131 -21.63 -33.53 -9.02
N GLU A 132 -22.22 -32.38 -9.36
CA GLU A 132 -23.07 -31.65 -8.41
C GLU A 132 -24.30 -32.47 -8.04
N ILE A 133 -24.87 -33.17 -9.03
CA ILE A 133 -26.01 -34.05 -8.81
C ILE A 133 -25.60 -35.24 -7.94
N SER A 134 -24.44 -35.84 -8.20
CA SER A 134 -24.01 -36.94 -7.35
C SER A 134 -23.88 -36.48 -5.91
N SER A 135 -23.38 -35.26 -5.71
CA SER A 135 -23.21 -34.78 -4.35
C SER A 135 -24.55 -34.47 -3.71
N THR A 136 -25.50 -33.86 -4.44
CA THR A 136 -26.86 -33.70 -3.93
C THR A 136 -27.50 -35.05 -3.57
N LEU A 137 -27.38 -36.04 -4.46
CA LEU A 137 -27.94 -37.37 -4.17
C LEU A 137 -27.28 -37.98 -2.94
N SER A 138 -25.95 -37.85 -2.81
CA SER A 138 -25.25 -38.37 -1.64
C SER A 138 -25.74 -37.71 -0.36
N GLY A 139 -25.91 -36.38 -0.36
CA GLY A 139 -26.43 -35.73 0.83
C GLY A 139 -27.82 -36.21 1.18
N THR A 140 -28.65 -36.44 0.17
CA THR A 140 -29.96 -37.01 0.45
C THR A 140 -29.83 -38.38 1.09
N CYS A 141 -28.95 -39.23 0.55
CA CYS A 141 -28.69 -40.52 1.18
C CYS A 141 -28.28 -40.36 2.64
N TYR A 142 -27.38 -39.38 2.93
CA TYR A 142 -26.99 -39.18 4.32
C TYR A 142 -28.17 -38.75 5.17
N LYS A 143 -29.02 -37.85 4.63
CA LYS A 143 -30.15 -37.38 5.43
C LYS A 143 -31.15 -38.50 5.70
N LEU A 144 -31.28 -39.45 4.76
CA LEU A 144 -32.14 -40.61 5.02
C LEU A 144 -31.61 -41.48 6.14
N THR A 145 -30.33 -41.38 6.50
CA THR A 145 -29.88 -42.16 7.65
C THR A 145 -30.16 -41.45 8.96
N LYS A 146 -30.61 -40.19 8.94
CA LYS A 146 -30.85 -39.50 10.20
C LYS A 146 -32.13 -40.01 10.84
N PRO A 147 -32.23 -39.97 12.16
CA PRO A 147 -33.42 -40.50 12.83
C PRO A 147 -34.70 -39.87 12.30
N ARG A 148 -35.71 -40.72 12.14
CA ARG A 148 -37.02 -40.29 11.67
C ARG A 148 -37.60 -39.30 12.65
N ILE A 149 -38.00 -38.13 12.15
CA ILE A 149 -38.56 -37.08 12.99
C ILE A 149 -39.77 -36.51 12.24
N THR A 150 -40.88 -36.36 12.94
CA THR A 150 -42.09 -35.84 12.32
C THR A 150 -42.08 -34.32 12.29
N ALA A 151 -42.98 -33.77 11.46
CA ALA A 151 -43.10 -32.33 11.35
C ALA A 151 -43.41 -31.70 12.70
N ALA A 152 -44.42 -32.23 13.40
CA ALA A 152 -44.81 -31.67 14.69
C ALA A 152 -43.67 -31.78 15.70
N GLU A 153 -42.96 -32.90 15.72
CA GLU A 153 -41.79 -33.00 16.61
C GLU A 153 -40.72 -32.00 16.21
N LEU A 154 -40.60 -31.72 14.91
CA LEU A 154 -39.60 -30.76 14.46
C LEU A 154 -39.98 -29.35 14.87
N ALA A 155 -41.28 -29.03 14.83
CA ALA A 155 -41.70 -27.69 15.24
C ALA A 155 -41.28 -27.39 16.68
N ALA A 156 -41.33 -28.38 17.55
CA ALA A 156 -41.03 -28.19 18.97
C ALA A 156 -39.58 -28.48 19.33
N GLY A 157 -38.71 -28.77 18.34
CA GLY A 157 -37.38 -29.29 18.62
C GLY A 157 -36.32 -28.24 18.92
N GLY A 158 -36.54 -26.97 18.55
CA GLY A 158 -35.51 -25.96 18.78
C GLY A 158 -34.93 -25.31 17.52
N PHE A 159 -34.34 -24.13 17.71
CA PHE A 159 -33.86 -23.33 16.58
C PHE A 159 -32.90 -24.13 15.70
N GLN A 160 -31.88 -24.74 16.30
CA GLN A 160 -30.86 -25.41 15.50
C GLN A 160 -31.27 -26.82 15.06
N ALA A 161 -32.11 -27.50 15.85
CA ALA A 161 -32.71 -28.73 15.34
C ALA A 161 -33.51 -28.47 14.06
N ILE A 162 -34.22 -27.35 14.00
CA ILE A 162 -34.92 -26.98 12.76
C ILE A 162 -33.92 -26.63 11.65
N GLU A 163 -32.91 -25.82 11.96
CA GLU A 163 -31.95 -25.38 10.95
C GLU A 163 -31.26 -26.58 10.30
N THR A 164 -30.79 -27.52 11.12
CA THR A 164 -30.03 -28.64 10.61
C THR A 164 -30.92 -29.83 10.21
N GLY A 165 -32.23 -29.75 10.46
CA GLY A 165 -33.20 -30.76 10.07
C GLY A 165 -33.86 -30.51 8.73
N MET A 166 -33.49 -29.45 8.04
CA MET A 166 -33.99 -29.23 6.70
C MET A 166 -33.38 -30.23 5.74
N THR A 167 -34.22 -30.74 4.85
CA THR A 167 -33.78 -31.72 3.87
C THR A 167 -33.83 -31.21 2.45
N GLU A 168 -34.78 -30.34 2.12
CA GLU A 168 -34.98 -29.97 0.73
C GLU A 168 -33.88 -29.05 0.22
N GLY A 169 -33.49 -28.05 0.98
CA GLY A 169 -32.68 -27.01 0.38
C GLY A 169 -33.57 -26.05 -0.39
N HIS A 170 -32.97 -25.30 -1.30
CA HIS A 170 -33.75 -24.37 -2.10
C HIS A 170 -34.80 -25.13 -2.90
N PRO A 171 -36.03 -24.63 -2.98
CA PRO A 171 -37.12 -25.41 -3.61
C PRO A 171 -37.18 -25.33 -5.12
N CYS A 172 -36.46 -24.41 -5.76
CA CYS A 172 -36.42 -24.29 -7.21
C CYS A 172 -35.26 -25.03 -7.83
N PHE A 173 -34.05 -24.84 -7.29
CA PHE A 173 -32.86 -25.40 -7.90
C PHE A 173 -32.82 -26.90 -7.75
N VAL A 174 -32.63 -27.60 -8.88
CA VAL A 174 -32.51 -29.05 -8.84
C VAL A 174 -31.19 -29.47 -8.21
N ALA A 175 -30.08 -28.93 -8.70
CA ALA A 175 -28.76 -29.14 -8.10
C ALA A 175 -28.54 -28.05 -7.06
N ASN A 176 -28.91 -28.32 -5.80
CA ASN A 176 -28.90 -27.26 -4.79
C ASN A 176 -28.08 -27.57 -3.54
N ASN A 177 -27.71 -28.81 -3.28
CA ASN A 177 -27.04 -29.17 -2.04
C ASN A 177 -25.69 -29.79 -2.32
N GLY A 178 -25.01 -29.29 -3.34
CA GLY A 178 -23.69 -29.77 -3.69
C GLY A 178 -22.64 -29.28 -2.73
N ARG A 179 -21.91 -30.21 -2.13
CA ARG A 179 -20.80 -29.81 -1.26
C ARG A 179 -19.47 -30.12 -1.92
N LEU A 180 -19.33 -29.76 -3.19
CA LEU A 180 -18.10 -30.10 -3.91
C LEU A 180 -16.91 -29.36 -3.34
N GLY A 181 -15.76 -30.04 -3.36
CA GLY A 181 -14.59 -29.62 -2.67
C GLY A 181 -14.40 -30.31 -1.34
N PHE A 182 -15.47 -30.80 -0.72
CA PHE A 182 -15.36 -31.55 0.52
C PHE A 182 -15.11 -33.01 0.17
N GLY A 183 -14.04 -33.59 0.72
CA GLY A 183 -13.97 -35.04 0.78
C GLY A 183 -15.07 -35.59 1.70
N ILE A 184 -15.28 -36.91 1.66
CA ILE A 184 -16.39 -37.45 2.45
C ILE A 184 -16.17 -37.21 3.93
N HIS A 185 -14.92 -37.31 4.40
CA HIS A 185 -14.67 -37.03 5.81
C HIS A 185 -14.98 -35.59 6.15
N GLU A 186 -14.75 -34.67 5.20
CA GLU A 186 -15.02 -33.26 5.47
C GLU A 186 -16.52 -32.98 5.33
N TYR A 187 -17.20 -33.65 4.39
CA TYR A 187 -18.66 -33.59 4.37
C TYR A 187 -19.25 -34.00 5.71
N LEU A 188 -18.73 -35.08 6.30
CA LEU A 188 -19.30 -35.58 7.54
C LEU A 188 -18.97 -34.68 8.72
N SER A 189 -17.91 -33.88 8.62
CA SER A 189 -17.53 -32.97 9.69
C SER A 189 -18.14 -31.58 9.53
N TYR A 190 -18.50 -31.16 8.32
CA TYR A 190 -18.78 -29.76 8.09
C TYR A 190 -20.13 -29.49 7.46
N ALA A 191 -20.77 -30.48 6.83
CA ALA A 191 -22.06 -30.19 6.21
C ALA A 191 -23.09 -29.86 7.29
N PRO A 192 -23.94 -28.87 7.07
CA PRO A 192 -24.90 -28.49 8.12
C PRO A 192 -25.85 -29.59 8.54
N GLU A 193 -26.24 -30.49 7.62
CA GLU A 193 -27.18 -31.54 7.97
C GLU A 193 -26.58 -32.62 8.87
N THR A 194 -25.25 -32.64 9.06
CA THR A 194 -24.64 -33.58 10.00
C THR A 194 -24.66 -33.04 11.42
N ALA A 195 -24.91 -31.73 11.61
CA ALA A 195 -24.94 -31.15 12.96
C ALA A 195 -23.66 -31.48 13.72
N SER A 196 -22.54 -31.47 13.04
CA SER A 196 -21.27 -31.72 13.71
C SER A 196 -20.74 -30.43 14.33
N PRO A 197 -20.31 -30.44 15.60
CA PRO A 197 -19.70 -29.25 16.18
C PRO A 197 -18.42 -28.89 15.45
N VAL A 198 -18.25 -27.60 15.21
CA VAL A 198 -17.07 -27.08 14.53
C VAL A 198 -16.44 -26.00 15.41
N ARG A 199 -15.12 -26.01 15.48
CA ARG A 199 -14.36 -25.02 16.21
C ARG A 199 -13.58 -24.19 15.21
N LEU A 200 -13.61 -22.89 15.40
CA LEU A 200 -12.93 -22.03 14.46
C LEU A 200 -11.44 -22.03 14.74
N VAL A 201 -10.67 -21.90 13.68
CA VAL A 201 -9.23 -21.64 13.75
C VAL A 201 -9.03 -20.13 13.75
N TRP A 202 -8.13 -19.64 14.61
CA TRP A 202 -7.89 -18.20 14.69
C TRP A 202 -6.48 -17.83 14.19
N LEU A 203 -6.41 -16.85 13.31
CA LEU A 203 -5.14 -16.31 12.84
C LEU A 203 -4.96 -14.89 13.36
N ALA A 204 -3.71 -14.49 13.56
CA ALA A 204 -3.36 -13.09 13.77
C ALA A 204 -2.88 -12.53 12.45
N ALA A 205 -3.52 -11.46 11.97
CA ALA A 205 -3.16 -10.84 10.70
C ALA A 205 -2.53 -9.47 10.94
N HIS A 206 -1.35 -9.25 10.37
CA HIS A 206 -0.62 -8.00 10.57
C HIS A 206 -1.39 -6.82 9.99
N ARG A 207 -1.43 -5.71 10.73
CA ARG A 207 -2.29 -4.59 10.34
C ARG A 207 -1.83 -3.86 9.08
N SER A 208 -0.67 -4.17 8.54
CA SER A 208 -0.31 -3.61 7.23
C SER A 208 -1.08 -4.29 6.10
N ARG A 209 -1.68 -5.46 6.36
CA ARG A 209 -2.40 -6.19 5.34
C ARG A 209 -3.84 -6.52 5.73
N ALA A 210 -4.27 -6.25 6.94
CA ALA A 210 -5.64 -6.56 7.35
C ALA A 210 -6.30 -5.31 7.91
N ALA A 211 -7.61 -5.23 7.71
CA ALA A 211 -8.37 -4.11 8.23
C ALA A 211 -9.63 -4.64 8.88
N PHE A 212 -10.00 -4.00 9.99
CA PHE A 212 -11.19 -4.31 10.77
C PHE A 212 -12.16 -3.15 10.64
N THR A 213 -13.43 -3.43 10.36
CA THR A 213 -14.48 -2.43 10.23
C THR A 213 -15.61 -2.80 11.18
N ALA A 214 -16.14 -1.82 11.91
CA ALA A 214 -17.14 -2.12 12.91
C ALA A 214 -18.28 -1.13 12.81
N GLY A 215 -19.47 -1.58 13.21
CA GLY A 215 -20.63 -0.73 13.27
C GLY A 215 -20.64 0.11 14.52
N VAL A 216 -21.67 0.94 14.65
CA VAL A 216 -21.71 1.90 15.74
C VAL A 216 -21.75 1.18 17.06
N GLY A 217 -20.96 1.66 18.02
CA GLY A 217 -20.93 1.07 19.33
C GLY A 217 -19.94 -0.06 19.52
N ILE A 218 -19.10 -0.34 18.53
CA ILE A 218 -18.15 -1.44 18.61
C ILE A 218 -16.74 -0.89 18.63
N ASP A 219 -15.96 -1.38 19.59
CA ASP A 219 -14.56 -1.11 19.83
C ASP A 219 -13.81 -2.45 19.68
N TYR A 220 -12.75 -2.47 18.88
CA TYR A 220 -12.11 -3.75 18.56
C TYR A 220 -11.68 -4.52 19.82
N GLU A 221 -10.93 -3.89 20.73
CA GLU A 221 -10.38 -4.62 21.87
C GLU A 221 -11.49 -5.25 22.72
N SER A 222 -12.55 -4.50 23.02
CA SER A 222 -13.65 -5.06 23.80
C SER A 222 -14.48 -6.07 22.99
N PHE A 223 -14.58 -5.87 21.67
CA PHE A 223 -15.27 -6.82 20.81
C PHE A 223 -14.65 -8.21 20.92
N VAL A 224 -13.33 -8.32 20.78
CA VAL A 224 -12.75 -9.67 20.74
C VAL A 224 -12.73 -10.27 22.12
N ARG A 225 -12.63 -9.41 23.14
CA ARG A 225 -12.73 -9.84 24.53
C ARG A 225 -14.10 -10.44 24.81
N GLN A 226 -15.16 -9.80 24.33
CA GLN A 226 -16.50 -10.35 24.54
C GLN A 226 -16.66 -11.64 23.79
N GLU A 227 -16.09 -11.72 22.58
CA GLU A 227 -16.30 -12.91 21.79
C GLU A 227 -15.45 -14.07 22.30
N LEU A 228 -14.16 -13.85 22.51
CA LEU A 228 -13.28 -14.96 22.88
C LEU A 228 -13.11 -15.12 24.37
N GLY A 229 -13.39 -14.09 25.17
CA GLY A 229 -13.06 -14.16 26.58
C GLY A 229 -11.59 -13.82 26.75
N GLU A 230 -11.27 -13.27 27.92
CA GLU A 230 -9.96 -12.68 28.12
C GLU A 230 -8.88 -13.74 28.24
N GLU A 231 -9.20 -14.90 28.80
CA GLU A 231 -8.24 -16.00 28.90
C GLU A 231 -7.74 -16.45 27.54
N THR A 232 -8.64 -16.55 26.56
CA THR A 232 -8.20 -16.96 25.22
C THR A 232 -7.44 -15.82 24.53
N VAL A 233 -7.92 -14.58 24.69
CA VAL A 233 -7.21 -13.47 24.08
C VAL A 233 -5.77 -13.42 24.60
N ASP A 234 -5.59 -13.59 25.91
CA ASP A 234 -4.24 -13.52 26.46
C ASP A 234 -3.39 -14.70 26.00
N ARG A 235 -3.98 -15.90 25.93
CA ARG A 235 -3.26 -17.03 25.34
C ARG A 235 -2.84 -16.71 23.91
N PHE A 236 -3.73 -16.12 23.13
CA PHE A 236 -3.38 -15.78 21.76
C PHE A 236 -2.23 -14.76 21.72
N HIS A 237 -2.29 -13.73 22.57
CA HIS A 237 -1.17 -12.78 22.69
C HIS A 237 0.14 -13.47 23.02
N GLY A 238 0.09 -14.49 23.88
CA GLY A 238 1.32 -15.20 24.23
C GLY A 238 1.98 -15.90 23.05
N VAL A 239 1.17 -16.42 22.11
CA VAL A 239 1.71 -16.98 20.88
C VAL A 239 2.47 -15.91 20.11
N LEU A 240 1.91 -14.70 20.01
CA LEU A 240 2.58 -13.62 19.32
C LEU A 240 3.88 -13.25 20.03
N ARG A 241 3.82 -13.09 21.35
CA ARG A 241 5.01 -12.62 22.05
C ARG A 241 6.11 -13.67 22.06
N GLU A 242 5.73 -14.97 22.17
CA GLU A 242 6.73 -16.02 22.05
C GLU A 242 7.52 -15.92 20.74
N ARG A 243 6.90 -15.42 19.67
CA ARG A 243 7.62 -15.14 18.42
C ARG A 243 8.26 -13.76 18.40
N GLY A 244 8.22 -13.02 19.51
CA GLY A 244 8.79 -11.69 19.44
C GLY A 244 7.94 -10.67 18.74
N LEU A 245 6.64 -10.93 18.56
CA LEU A 245 5.77 -10.02 17.84
C LEU A 245 4.87 -9.28 18.82
N ASP A 246 4.44 -8.08 18.40
CA ASP A 246 3.66 -7.18 19.24
C ASP A 246 2.17 -7.32 18.92
N PRO A 247 1.33 -7.73 19.88
CA PRO A 247 -0.10 -7.88 19.56
C PRO A 247 -0.73 -6.61 19.01
N ALA A 248 -0.28 -5.42 19.42
CA ALA A 248 -0.86 -4.18 18.91
C ALA A 248 -0.79 -4.06 17.38
N ASP A 249 0.15 -4.74 16.74
CA ASP A 249 0.24 -4.70 15.29
C ASP A 249 -0.66 -5.68 14.57
N TYR A 250 -1.46 -6.51 15.29
CA TYR A 250 -2.17 -7.63 14.69
C TYR A 250 -3.67 -7.54 14.95
N LEU A 251 -4.43 -8.17 14.06
CA LEU A 251 -5.87 -8.32 14.17
C LEU A 251 -6.20 -9.81 14.15
N PHE A 252 -7.24 -10.19 14.87
CA PHE A 252 -7.70 -11.57 14.90
C PHE A 252 -8.67 -11.84 13.74
N ILE A 253 -8.44 -12.92 13.01
CA ILE A 253 -9.33 -13.38 11.95
C ILE A 253 -9.73 -14.83 12.21
N PRO A 254 -11.02 -15.11 12.38
CA PRO A 254 -11.47 -16.50 12.51
C PRO A 254 -11.63 -17.15 11.15
N VAL A 255 -11.32 -18.44 11.10
CA VAL A 255 -11.15 -19.14 9.83
C VAL A 255 -11.80 -20.52 9.93
N HIS A 256 -12.57 -20.86 8.91
CA HIS A 256 -13.12 -22.20 8.76
C HIS A 256 -11.98 -23.22 8.72
N PRO A 257 -12.02 -24.26 9.55
CA PRO A 257 -10.94 -25.27 9.53
C PRO A 257 -10.63 -25.82 8.15
N TRP A 258 -11.66 -26.04 7.31
CA TRP A 258 -11.37 -26.53 5.97
C TRP A 258 -10.48 -25.53 5.21
N GLN A 259 -10.77 -24.24 5.36
CA GLN A 259 -9.98 -23.20 4.69
C GLN A 259 -8.55 -23.17 5.19
N TRP A 260 -8.35 -23.35 6.50
CA TRP A 260 -6.99 -23.36 7.03
C TRP A 260 -6.21 -24.55 6.48
N TRP A 261 -6.75 -25.76 6.67
CA TRP A 261 -5.98 -26.97 6.38
C TRP A 261 -5.79 -27.18 4.89
N ASN A 262 -6.81 -26.86 4.09
CA ASN A 262 -6.73 -27.19 2.67
C ASN A 262 -6.29 -26.04 1.80
N LYS A 263 -6.39 -24.78 2.27
CA LYS A 263 -6.06 -23.67 1.40
C LYS A 263 -5.00 -22.73 1.98
N LEU A 264 -5.32 -22.04 3.09
CA LEU A 264 -4.44 -20.95 3.55
C LEU A 264 -3.05 -21.44 3.92
N SER A 265 -2.97 -22.58 4.62
CA SER A 265 -1.70 -23.14 5.05
C SER A 265 -0.76 -23.39 3.89
N VAL A 266 -1.29 -23.59 2.67
CA VAL A 266 -0.50 -23.86 1.46
C VAL A 266 -0.42 -22.62 0.58
N THR A 267 -1.58 -22.10 0.18
CA THR A 267 -1.64 -20.96 -0.75
C THR A 267 -1.05 -19.70 -0.13
N PHE A 268 -1.33 -19.44 1.15
CA PHE A 268 -0.80 -18.26 1.85
C PHE A 268 0.45 -18.58 2.64
N ALA A 269 1.19 -19.62 2.24
CA ALA A 269 2.39 -20.03 2.96
C ALA A 269 3.36 -18.86 3.14
N ALA A 270 3.54 -18.04 2.10
CA ALA A 270 4.43 -16.89 2.22
C ALA A 270 4.01 -15.93 3.33
N GLU A 271 2.71 -15.81 3.60
CA GLU A 271 2.27 -14.90 4.64
C GLU A 271 2.56 -15.46 6.02
N VAL A 272 2.41 -16.78 6.17
CA VAL A 272 2.74 -17.44 7.44
C VAL A 272 4.23 -17.36 7.70
N ALA A 273 5.05 -17.73 6.70
CA ALA A 273 6.48 -17.77 6.92
C ALA A 273 7.04 -16.39 7.27
N ARG A 274 6.49 -15.32 6.70
CA ARG A 274 6.94 -13.97 6.97
C ARG A 274 6.26 -13.35 8.20
N GLN A 275 5.36 -14.09 8.85
CA GLN A 275 4.64 -13.63 10.04
C GLN A 275 3.68 -12.50 9.74
N HIS A 276 3.28 -12.35 8.48
CA HIS A 276 2.10 -11.54 8.18
C HIS A 276 0.84 -12.21 8.71
N LEU A 277 0.81 -13.53 8.74
CA LEU A 277 -0.23 -14.30 9.39
C LEU A 277 0.41 -15.25 10.39
N VAL A 278 -0.18 -15.34 11.58
CA VAL A 278 0.32 -16.26 12.58
C VAL A 278 -0.85 -17.14 13.01
N CYS A 279 -0.63 -18.44 13.00
CA CYS A 279 -1.66 -19.36 13.45
C CYS A 279 -1.74 -19.32 14.98
N LEU A 280 -2.89 -18.91 15.51
CA LEU A 280 -3.03 -18.68 16.93
C LEU A 280 -3.52 -19.91 17.68
N GLY A 281 -4.41 -20.69 17.09
CA GLY A 281 -4.98 -21.86 17.72
C GLY A 281 -6.45 -21.97 17.35
N GLU A 282 -7.09 -22.94 17.97
CA GLU A 282 -8.53 -23.14 17.92
C GLU A 282 -9.22 -22.32 18.99
N GLY A 283 -10.43 -21.84 18.66
CA GLY A 283 -11.29 -21.29 19.69
C GLY A 283 -12.06 -22.37 20.43
N ASP A 284 -12.45 -22.07 21.68
CA ASP A 284 -13.11 -23.09 22.52
C ASP A 284 -14.54 -23.37 22.06
N ASP A 285 -15.27 -22.33 21.66
CA ASP A 285 -16.72 -22.45 21.47
C ASP A 285 -17.08 -23.37 20.32
N GLU A 286 -18.08 -24.22 20.54
CA GLU A 286 -18.62 -25.07 19.49
C GLU A 286 -19.60 -24.31 18.61
N TYR A 287 -19.49 -24.53 17.30
CA TYR A 287 -20.36 -23.87 16.33
C TYR A 287 -21.04 -24.91 15.46
N LEU A 288 -22.21 -24.56 14.93
CA LEU A 288 -22.89 -25.37 13.94
C LEU A 288 -22.95 -24.60 12.62
N ALA A 289 -22.52 -25.23 11.54
CA ALA A 289 -22.74 -24.66 10.22
C ALA A 289 -24.24 -24.51 10.00
N GLN A 290 -24.63 -23.37 9.44
CA GLN A 290 -26.02 -23.13 9.07
C GLN A 290 -26.25 -23.60 7.63
N GLN A 291 -27.48 -23.41 7.11
CA GLN A 291 -27.76 -23.79 5.73
C GLN A 291 -26.77 -23.15 4.75
N SER A 292 -26.38 -21.91 4.99
CA SER A 292 -25.13 -21.37 4.45
C SER A 292 -23.98 -22.06 5.17
N ILE A 293 -23.23 -22.90 4.46
CA ILE A 293 -22.30 -23.77 5.16
C ILE A 293 -21.10 -22.99 5.71
N ARG A 294 -20.86 -21.79 5.20
CA ARG A 294 -19.75 -21.00 5.71
C ARG A 294 -20.15 -20.09 6.86
N THR A 295 -21.41 -20.11 7.28
CA THR A 295 -21.88 -19.24 8.36
C THR A 295 -22.11 -20.12 9.59
N PHE A 296 -21.58 -19.70 10.74
CA PHE A 296 -21.56 -20.54 11.93
C PHE A 296 -22.33 -19.89 13.06
N PHE A 297 -23.24 -20.66 13.66
CA PHE A 297 -23.98 -20.24 14.84
C PHE A 297 -23.28 -20.82 16.06
N ASN A 298 -23.14 -20.02 17.09
CA ASN A 298 -22.39 -20.43 18.28
C ASN A 298 -23.34 -21.17 19.23
N THR A 299 -23.17 -22.49 19.34
CA THR A 299 -24.04 -23.19 20.27
C THR A 299 -23.51 -23.20 21.69
N SER A 300 -22.19 -23.00 21.90
CA SER A 300 -21.73 -22.88 23.28
C SER A 300 -22.30 -21.62 23.91
N HIS A 301 -22.44 -20.57 23.11
CA HIS A 301 -22.89 -19.25 23.57
C HIS A 301 -23.84 -18.68 22.53
N PRO A 302 -25.12 -19.10 22.54
CA PRO A 302 -26.04 -18.65 21.49
C PRO A 302 -26.24 -17.15 21.46
N GLU A 303 -25.94 -16.42 22.56
CA GLU A 303 -26.03 -14.96 22.59
C GLU A 303 -24.91 -14.27 21.81
N LYS A 304 -23.82 -14.96 21.51
CA LYS A 304 -22.72 -14.34 20.80
C LYS A 304 -22.98 -14.37 19.28
N HIS A 305 -22.08 -13.72 18.52
CA HIS A 305 -22.31 -13.48 17.10
C HIS A 305 -22.23 -14.77 16.27
N TYR A 306 -22.99 -14.79 15.17
CA TYR A 306 -22.65 -15.65 14.06
C TYR A 306 -21.29 -15.27 13.52
N VAL A 307 -20.56 -16.24 12.99
CA VAL A 307 -19.33 -15.97 12.26
C VAL A 307 -19.48 -16.48 10.83
N LYS A 308 -19.36 -15.57 9.86
CA LYS A 308 -19.35 -15.93 8.45
C LYS A 308 -17.91 -15.96 7.90
N THR A 309 -17.49 -17.11 7.37
CA THR A 309 -16.09 -17.36 7.02
C THR A 309 -15.89 -17.47 5.51
N ALA A 310 -14.64 -17.31 5.11
CA ALA A 310 -14.22 -17.51 3.74
C ALA A 310 -14.07 -19.01 3.51
N LEU A 311 -14.62 -19.52 2.40
CA LEU A 311 -14.60 -20.95 2.14
C LEU A 311 -14.44 -21.18 0.64
N SER A 312 -13.24 -21.56 0.23
CA SER A 312 -12.86 -21.61 -1.19
C SER A 312 -13.24 -22.95 -1.83
N VAL A 313 -14.53 -23.31 -1.75
CA VAL A 313 -15.06 -24.50 -2.41
C VAL A 313 -15.82 -24.03 -3.64
N ILE A 314 -15.86 -24.86 -4.67
CA ILE A 314 -16.44 -24.45 -5.93
C ILE A 314 -17.88 -24.94 -6.03
N ASN A 315 -18.68 -24.23 -6.82
CA ASN A 315 -20.06 -24.59 -7.10
C ASN A 315 -20.18 -25.22 -8.49
N MET A 319 -13.36 -21.39 -7.51
CA MET A 319 -13.54 -21.43 -6.06
C MET A 319 -14.41 -20.25 -5.58
N ARG A 320 -15.33 -20.51 -4.65
CA ARG A 320 -16.13 -19.46 -4.02
C ARG A 320 -15.32 -18.78 -2.91
N GLY A 321 -15.98 -18.05 -2.01
CA GLY A 321 -15.27 -17.46 -0.88
C GLY A 321 -16.01 -16.23 -0.37
N LEU A 322 -15.26 -15.39 0.36
CA LEU A 322 -15.77 -14.17 0.96
C LEU A 322 -14.82 -13.02 0.62
N SER A 323 -15.34 -11.97 -0.03
CA SER A 323 -14.48 -10.92 -0.56
C SER A 323 -14.24 -9.84 0.50
N ALA A 324 -13.01 -9.32 0.52
CA ALA A 324 -12.65 -8.24 1.42
C ALA A 324 -12.92 -6.85 0.85
N ALA A 325 -13.40 -6.76 -0.40
CA ALA A 325 -13.59 -5.47 -1.08
C ALA A 325 -14.77 -4.69 -0.51
N TYR A 326 -15.98 -5.16 -0.79
CA TYR A 326 -17.24 -4.54 -0.37
C TYR A 326 -17.43 -4.58 1.15
N MET A 327 -16.44 -5.13 1.85
CA MET A 327 -16.56 -5.40 3.28
C MET A 327 -16.44 -4.15 4.14
N GLU A 328 -15.72 -3.13 3.68
CA GLU A 328 -15.48 -1.97 4.52
C GLU A 328 -16.76 -1.19 4.84
N ALA A 329 -17.78 -1.27 4.01
CA ALA A 329 -19.00 -0.51 4.26
C ALA A 329 -20.13 -1.36 4.84
N THR A 330 -19.94 -2.69 4.90
CA THR A 330 -21.01 -3.59 5.33
C THR A 330 -21.62 -3.21 6.68
N PRO A 331 -20.86 -2.96 7.75
CA PRO A 331 -21.55 -2.54 8.99
C PRO A 331 -22.34 -1.26 8.83
N ALA A 332 -21.89 -0.32 8.01
CA ALA A 332 -22.59 0.95 7.90
C ALA A 332 -23.91 0.79 7.16
N ILE A 333 -23.94 -0.08 6.15
CA ILE A 333 -25.20 -0.37 5.45
C ILE A 333 -26.19 -1.00 6.39
N ASN A 334 -25.70 -1.88 7.30
CA ASN A 334 -26.59 -2.49 8.28
C ASN A 334 -27.10 -1.46 9.28
N ASP A 335 -26.22 -0.56 9.75
CA ASP A 335 -26.65 0.48 10.68
C ASP A 335 -27.68 1.40 10.03
N TRP A 336 -27.48 1.71 8.75
CA TRP A 336 -28.44 2.54 8.03
C TRP A 336 -29.83 1.91 8.02
N LEU A 337 -29.94 0.65 7.58
CA LEU A 337 -31.23 -0.02 7.45
C LEU A 337 -31.93 -0.18 8.80
N ALA A 338 -31.15 -0.44 9.85
CA ALA A 338 -31.74 -0.55 11.18
C ALA A 338 -32.39 0.77 11.61
N GLN A 339 -31.67 1.89 11.44
CA GLN A 339 -32.24 3.20 11.75
C GLN A 339 -33.46 3.49 10.89
N LEU A 340 -33.49 2.96 9.67
CA LEU A 340 -34.65 3.14 8.80
C LEU A 340 -35.88 2.43 9.36
N ILE A 341 -35.71 1.20 9.84
CA ILE A 341 -36.86 0.49 10.40
C ILE A 341 -37.31 1.15 11.69
N GLU A 342 -36.37 1.57 12.55
CA GLU A 342 -36.79 2.20 13.80
C GLU A 342 -37.53 3.51 13.55
N GLY A 343 -37.08 4.28 12.55
CA GLY A 343 -37.68 5.56 12.25
C GLY A 343 -38.95 5.51 11.41
N ASP A 344 -39.57 4.35 11.30
CA ASP A 344 -40.77 4.17 10.47
C ASP A 344 -41.83 3.43 11.27
N PRO A 345 -42.94 4.08 11.62
CA PRO A 345 -43.96 3.40 12.44
C PRO A 345 -44.65 2.26 11.73
N VAL A 346 -44.69 2.28 10.39
CA VAL A 346 -45.35 1.21 9.65
C VAL A 346 -44.56 -0.08 9.79
N LEU A 347 -43.24 0.00 9.64
CA LEU A 347 -42.40 -1.18 9.81
C LEU A 347 -42.32 -1.59 11.28
N LYS A 348 -42.07 -0.63 12.18
CA LYS A 348 -42.00 -0.96 13.59
C LYS A 348 -43.28 -1.64 14.06
N ALA A 349 -44.41 -1.36 13.42
CA ALA A 349 -45.67 -1.98 13.80
C ALA A 349 -45.77 -3.42 13.30
N THR A 350 -45.00 -3.79 12.27
CA THR A 350 -44.93 -5.20 11.88
C THR A 350 -44.02 -6.01 12.79
N GLY A 351 -43.22 -5.36 13.63
CA GLY A 351 -42.22 -6.06 14.43
C GLY A 351 -40.95 -6.38 13.68
N LEU A 352 -40.81 -5.86 12.46
CA LEU A 352 -39.65 -6.17 11.65
C LEU A 352 -38.38 -5.71 12.34
N THR A 353 -37.41 -6.61 12.45
CA THR A 353 -36.06 -6.28 12.88
C THR A 353 -35.10 -7.00 11.94
N ILE A 354 -33.86 -6.54 11.93
CA ILE A 354 -32.79 -7.27 11.25
C ILE A 354 -31.81 -7.70 12.33
N ILE A 355 -31.00 -8.71 11.99
CA ILE A 355 -29.81 -8.98 12.77
C ILE A 355 -28.64 -8.48 11.93
N ARG A 356 -27.99 -7.46 12.45
CA ARG A 356 -27.00 -6.71 11.69
C ARG A 356 -25.68 -7.46 11.59
N GLU A 357 -25.04 -7.35 10.42
CA GLU A 357 -23.61 -7.54 10.35
C GLU A 357 -22.94 -6.40 11.11
N ARG A 358 -22.18 -6.75 12.15
CA ARG A 358 -21.71 -5.80 13.15
C ARG A 358 -20.24 -5.47 13.02
N ALA A 359 -19.44 -6.38 12.47
CA ALA A 359 -18.02 -6.16 12.33
C ALA A 359 -17.52 -7.02 11.18
N ALA A 360 -16.44 -6.58 10.57
CA ALA A 360 -15.89 -7.32 9.45
C ALA A 360 -14.40 -7.13 9.46
N VAL A 361 -13.70 -8.13 8.96
CA VAL A 361 -12.25 -8.10 8.87
C VAL A 361 -11.88 -8.66 7.50
N GLY A 362 -10.91 -8.04 6.85
CA GLY A 362 -10.48 -8.46 5.53
C GLY A 362 -8.96 -8.46 5.45
N TYR A 363 -8.43 -9.39 4.66
CA TYR A 363 -7.00 -9.53 4.45
C TYR A 363 -6.67 -9.20 2.99
N ARG A 364 -5.52 -8.58 2.77
CA ARG A 364 -5.08 -8.13 1.45
C ARG A 364 -3.77 -8.87 1.18
N HIS A 365 -3.80 -9.89 0.33
CA HIS A 365 -2.58 -10.59 -0.10
C HIS A 365 -2.02 -9.77 -1.23
N LEU A 366 -0.97 -8.97 -0.94
CA LEU A 366 -0.55 -7.95 -1.88
C LEU A 366 0.04 -8.57 -3.15
N GLU A 367 0.74 -9.69 -3.01
CA GLU A 367 1.33 -10.31 -4.20
C GLU A 367 0.26 -10.90 -5.12
N TYR A 368 -0.73 -11.60 -4.55
CA TYR A 368 -1.79 -12.11 -5.40
C TYR A 368 -2.60 -10.97 -6.00
N GLU A 369 -2.65 -9.84 -5.30
CA GLU A 369 -3.38 -8.68 -5.82
C GLU A 369 -2.71 -8.14 -7.07
N LYS A 370 -1.39 -7.98 -7.04
CA LYS A 370 -0.66 -7.51 -8.21
C LYS A 370 -0.85 -8.45 -9.39
N ALA A 371 -0.98 -9.76 -9.12
CA ALA A 371 -1.02 -10.79 -10.14
C ALA A 371 -2.42 -11.12 -10.64
N THR A 372 -3.46 -10.50 -10.09
CA THR A 372 -4.84 -10.87 -10.42
C THR A 372 -5.66 -9.61 -10.67
N ASP A 373 -6.82 -9.82 -11.31
CA ASP A 373 -7.88 -8.82 -11.38
C ASP A 373 -8.79 -8.93 -10.15
N ARG A 374 -9.75 -8.01 -10.04
CA ARG A 374 -10.61 -7.91 -8.86
C ARG A 374 -11.53 -9.12 -8.69
N TYR A 375 -11.76 -9.90 -9.75
CA TYR A 375 -12.70 -11.01 -9.69
C TYR A 375 -12.06 -12.35 -9.31
N SER A 376 -10.75 -12.38 -9.10
CA SER A 376 -10.04 -13.63 -8.89
C SER A 376 -10.43 -14.28 -7.56
N PRO A 377 -10.54 -15.61 -7.50
CA PRO A 377 -10.76 -16.27 -6.20
C PRO A 377 -9.59 -16.15 -5.26
N TYR A 378 -8.39 -15.83 -5.77
CA TYR A 378 -7.30 -15.55 -4.85
C TYR A 378 -7.51 -14.32 -3.99
N ARG A 379 -8.53 -13.49 -4.26
CA ARG A 379 -8.78 -12.32 -3.40
C ARG A 379 -9.88 -12.55 -2.37
N LYS A 380 -10.50 -13.73 -2.38
CA LYS A 380 -11.64 -14.05 -1.52
C LYS A 380 -11.29 -15.12 -0.51
N MET A 381 -10.00 -15.34 -0.26
CA MET A 381 -9.59 -16.47 0.55
C MET A 381 -9.49 -16.20 2.03
N LEU A 382 -9.52 -14.95 2.51
CA LEU A 382 -9.33 -14.73 3.95
C LEU A 382 -10.09 -13.47 4.35
N ALA A 383 -11.24 -13.67 4.98
CA ALA A 383 -12.10 -12.58 5.42
C ALA A 383 -13.17 -13.20 6.30
N ALA A 384 -13.77 -12.38 7.15
CA ALA A 384 -14.82 -12.88 8.03
C ALA A 384 -15.72 -11.73 8.40
N LEU A 385 -16.94 -12.06 8.79
CA LEU A 385 -17.77 -11.04 9.41
C LEU A 385 -18.60 -11.67 10.50
N TRP A 386 -19.11 -10.80 11.36
CA TRP A 386 -19.84 -11.16 12.56
C TRP A 386 -21.24 -10.59 12.45
N ARG A 387 -22.23 -11.41 12.73
CA ARG A 387 -23.62 -11.00 12.67
C ARG A 387 -24.25 -11.20 14.05
N GLU A 388 -25.05 -10.23 14.48
CA GLU A 388 -25.83 -10.30 15.71
C GLU A 388 -26.63 -11.59 15.82
N SER A 389 -26.65 -12.17 17.02
CA SER A 389 -27.54 -13.29 17.32
C SER A 389 -28.97 -12.80 17.56
N PRO A 390 -29.97 -13.50 17.02
CA PRO A 390 -31.37 -13.16 17.32
C PRO A 390 -31.82 -13.57 18.71
N VAL A 391 -31.00 -14.34 19.43
CA VAL A 391 -31.48 -15.01 20.65
C VAL A 391 -31.76 -14.02 21.78
N PRO A 392 -30.90 -13.03 22.04
CA PRO A 392 -31.20 -12.10 23.17
C PRO A 392 -32.46 -11.29 23.00
N SER A 393 -33.02 -11.17 21.80
CA SER A 393 -34.28 -10.45 21.58
C SER A 393 -35.50 -11.27 21.98
N LEU A 394 -35.33 -12.55 22.34
CA LEU A 394 -36.47 -13.43 22.53
C LEU A 394 -37.20 -13.15 23.84
N ARG A 395 -38.49 -12.81 23.76
CA ARG A 395 -39.33 -12.66 24.95
C ARG A 395 -39.95 -14.02 25.32
N ASP A 396 -40.71 -14.03 26.44
CA ASP A 396 -41.20 -15.28 27.01
C ASP A 396 -42.01 -16.09 26.02
N GLY A 397 -41.72 -17.39 25.94
CA GLY A 397 -42.41 -18.27 25.03
C GLY A 397 -42.11 -18.08 23.56
N GLU A 398 -41.19 -17.21 23.18
CA GLU A 398 -40.85 -17.05 21.77
C GLU A 398 -39.76 -18.04 21.39
N SER A 399 -39.79 -18.50 20.13
CA SER A 399 -38.75 -19.39 19.62
C SER A 399 -38.42 -19.01 18.18
N LEU A 400 -37.33 -19.59 17.66
CA LEU A 400 -36.79 -19.21 16.37
C LEU A 400 -36.90 -20.35 15.37
N ALA A 401 -37.32 -20.04 14.14
CA ALA A 401 -37.27 -20.99 13.03
C ALA A 401 -36.89 -20.29 11.74
N THR A 402 -35.97 -20.87 10.98
CA THR A 402 -35.74 -20.39 9.63
C THR A 402 -37.05 -20.41 8.84
N MET A 403 -37.28 -19.37 8.04
CA MET A 403 -38.49 -19.37 7.22
C MET A 403 -38.50 -20.50 6.21
N ALA A 404 -37.31 -20.98 5.81
CA ALA A 404 -37.23 -22.17 4.97
C ALA A 404 -38.08 -23.31 5.52
N SER A 405 -38.21 -23.40 6.84
CA SER A 405 -38.95 -24.51 7.43
C SER A 405 -40.41 -24.49 7.06
N LEU A 406 -40.94 -23.38 6.54
CA LEU A 406 -42.35 -23.43 6.17
C LEU A 406 -42.59 -24.34 4.98
N LEU A 407 -41.55 -24.68 4.21
CA LEU A 407 -41.66 -25.56 3.04
C LEU A 407 -41.31 -27.00 3.35
N HIS A 408 -40.84 -27.27 4.56
CA HIS A 408 -40.39 -28.60 4.91
C HIS A 408 -41.56 -29.57 4.99
N VAL A 409 -41.32 -30.80 4.54
CA VAL A 409 -42.28 -31.90 4.56
C VAL A 409 -41.54 -33.10 5.14
N ASP A 410 -42.14 -33.75 6.15
CA ASP A 410 -41.49 -34.89 6.79
C ASP A 410 -41.65 -36.13 5.91
N HIS A 411 -41.09 -37.26 6.38
CA HIS A 411 -41.13 -38.50 5.60
C HIS A 411 -42.55 -39.01 5.38
N ALA A 412 -43.50 -38.55 6.17
CA ALA A 412 -44.89 -38.98 6.07
C ALA A 412 -45.75 -38.03 5.25
N GLY A 413 -45.17 -36.98 4.69
CA GLY A 413 -45.93 -36.06 3.88
C GLY A 413 -46.63 -34.96 4.64
N ALA A 414 -46.28 -34.74 5.89
CA ALA A 414 -46.86 -33.67 6.69
C ALA A 414 -46.03 -32.40 6.57
N SER A 415 -46.72 -31.27 6.53
CA SER A 415 -46.16 -29.94 6.34
C SER A 415 -45.75 -29.35 7.68
N PHE A 416 -44.51 -28.82 7.75
CA PHE A 416 -44.09 -28.10 8.94
C PHE A 416 -45.03 -26.94 9.24
N ALA A 417 -45.40 -26.16 8.21
CA ALA A 417 -46.35 -25.06 8.38
C ALA A 417 -47.69 -25.57 8.90
N GLY A 418 -48.10 -26.77 8.47
CA GLY A 418 -49.34 -27.35 8.98
C GLY A 418 -49.27 -27.61 10.47
N ALA A 419 -48.17 -28.21 10.94
CA ALA A 419 -48.02 -28.49 12.36
C ALA A 419 -48.05 -27.22 13.19
N LEU A 420 -47.56 -26.09 12.63
CA LEU A 420 -47.65 -24.81 13.34
C LEU A 420 -49.09 -24.33 13.44
N ILE A 421 -49.86 -24.42 12.35
CA ILE A 421 -51.26 -24.05 12.39
C ILE A 421 -52.01 -24.89 13.41
N ALA A 422 -51.71 -26.19 13.48
CA ALA A 422 -52.43 -27.04 14.41
C ALA A 422 -52.08 -26.68 15.85
N ARG A 423 -50.80 -26.40 16.11
CA ARG A 423 -50.38 -25.98 17.43
C ARG A 423 -50.99 -24.64 17.83
N SER A 424 -51.30 -23.81 16.84
CA SER A 424 -51.87 -22.51 17.15
C SER A 424 -53.36 -22.56 17.42
N GLY A 425 -54.04 -23.62 17.00
CA GLY A 425 -55.49 -23.64 17.10
C GLY A 425 -56.18 -22.55 16.32
N LEU A 426 -55.45 -21.78 15.50
CA LEU A 426 -56.05 -20.71 14.72
C LEU A 426 -56.68 -21.26 13.45
N ALA A 427 -57.55 -20.43 12.86
CA ALA A 427 -57.97 -20.69 11.50
C ALA A 427 -56.75 -20.61 10.59
N PRO A 428 -56.66 -21.49 9.58
CA PRO A 428 -55.48 -21.43 8.69
C PRO A 428 -55.34 -20.07 8.01
N ALA A 429 -56.43 -19.48 7.52
CA ALA A 429 -56.29 -18.17 6.90
C ALA A 429 -55.87 -17.12 7.91
N GLU A 430 -56.26 -17.28 9.18
CA GLU A 430 -55.86 -16.30 10.20
C GLU A 430 -54.38 -16.45 10.53
N TRP A 431 -53.92 -17.68 10.73
CA TRP A 431 -52.49 -17.92 10.88
C TRP A 431 -51.71 -17.32 9.72
N LEU A 432 -52.20 -17.51 8.49
CA LEU A 432 -51.48 -17.02 7.32
C LEU A 432 -51.45 -15.50 7.30
N ARG A 433 -52.54 -14.86 7.68
CA ARG A 433 -52.58 -13.40 7.72
C ARG A 433 -51.57 -12.84 8.71
N ARG A 434 -51.34 -13.52 9.83
CA ARG A 434 -50.36 -13.01 10.79
C ARG A 434 -48.95 -13.20 10.26
N TYR A 435 -48.72 -14.30 9.56
CA TYR A 435 -47.44 -14.52 8.89
C TYR A 435 -47.20 -13.49 7.81
N LEU A 436 -48.22 -13.14 7.03
CA LEU A 436 -48.01 -12.16 5.97
C LEU A 436 -47.85 -10.76 6.52
N ARG A 437 -48.55 -10.43 7.61
CA ARG A 437 -48.33 -9.15 8.27
C ARG A 437 -46.87 -9.01 8.69
N ALA A 438 -46.26 -10.09 9.18
CA ALA A 438 -44.92 -9.99 9.75
C ALA A 438 -43.83 -10.04 8.68
N TYR A 439 -44.05 -10.76 7.59
CA TYR A 439 -43.03 -10.96 6.58
C TYR A 439 -43.31 -10.25 5.27
N TYR A 440 -44.55 -10.29 4.78
CA TYR A 440 -44.89 -9.82 3.44
C TYR A 440 -45.15 -8.32 3.42
N THR A 441 -45.99 -7.82 4.33
CA THR A 441 -46.28 -6.39 4.40
C THR A 441 -45.03 -5.51 4.43
N PRO A 442 -44.00 -5.81 5.22
CA PRO A 442 -42.81 -4.94 5.19
C PRO A 442 -42.07 -4.97 3.87
N LEU A 443 -42.15 -6.07 3.10
CA LEU A 443 -41.57 -6.04 1.77
C LEU A 443 -42.31 -5.06 0.88
N LEU A 444 -43.64 -4.96 1.04
CA LEU A 444 -44.39 -4.03 0.21
C LEU A 444 -44.03 -2.60 0.54
N HIS A 445 -44.02 -2.26 1.83
CA HIS A 445 -43.70 -0.90 2.25
C HIS A 445 -42.29 -0.52 1.81
N SER A 446 -41.33 -1.44 1.92
CA SER A 446 -39.96 -1.14 1.50
C SER A 446 -39.91 -0.83 0.01
N PHE A 447 -40.71 -1.53 -0.78
CA PHE A 447 -40.71 -1.31 -2.22
C PHE A 447 -41.34 0.03 -2.57
N TYR A 448 -42.51 0.33 -2.01
CA TYR A 448 -43.25 1.52 -2.41
C TYR A 448 -42.72 2.79 -1.76
N ALA A 449 -42.42 2.74 -0.46
CA ALA A 449 -41.95 3.94 0.23
C ALA A 449 -40.50 4.27 -0.10
N TYR A 450 -39.63 3.26 -0.18
CA TYR A 450 -38.21 3.50 -0.27
C TYR A 450 -37.52 2.99 -1.53
N ASP A 451 -38.26 2.36 -2.45
CA ASP A 451 -37.68 1.71 -3.64
C ASP A 451 -36.65 0.65 -3.23
N LEU A 452 -36.93 -0.06 -2.16
CA LEU A 452 -35.96 -0.92 -1.49
C LEU A 452 -36.39 -2.38 -1.60
N VAL A 453 -35.46 -3.24 -2.01
CA VAL A 453 -35.73 -4.68 -2.15
C VAL A 453 -34.60 -5.46 -1.50
N TYR A 454 -34.79 -6.78 -1.44
CA TYR A 454 -33.83 -7.70 -0.81
C TYR A 454 -33.50 -8.85 -1.75
N MET A 455 -33.14 -9.99 -1.18
CA MET A 455 -33.27 -11.29 -1.86
C MET A 455 -34.04 -12.16 -0.89
N PRO A 456 -35.32 -11.83 -0.66
CA PRO A 456 -36.07 -12.38 0.52
C PRO A 456 -36.53 -13.82 0.33
N HIS A 457 -35.59 -14.74 0.34
CA HIS A 457 -35.88 -16.17 0.21
C HIS A 457 -35.92 -16.80 1.60
N GLY A 458 -36.00 -18.12 1.66
CA GLY A 458 -36.23 -18.77 2.93
C GLY A 458 -35.03 -18.70 3.86
N GLU A 459 -33.82 -18.79 3.31
CA GLU A 459 -32.64 -18.91 4.15
C GLU A 459 -32.26 -17.62 4.86
N ASN A 460 -32.69 -16.45 4.37
CA ASN A 460 -32.26 -15.20 4.98
C ASN A 460 -33.39 -14.50 5.73
N VAL A 461 -34.36 -15.26 6.23
CA VAL A 461 -35.43 -14.78 7.08
C VAL A 461 -35.56 -15.74 8.24
N ILE A 462 -35.61 -15.21 9.46
CA ILE A 462 -35.84 -16.02 10.64
C ILE A 462 -37.19 -15.62 11.20
N LEU A 463 -38.01 -16.60 11.55
CA LEU A 463 -39.34 -16.33 12.08
C LEU A 463 -39.29 -16.43 13.59
N VAL A 464 -40.05 -15.56 14.26
CA VAL A 464 -40.24 -15.63 15.70
C VAL A 464 -41.62 -16.26 15.95
N LEU A 465 -41.64 -17.37 16.66
CA LEU A 465 -42.85 -18.15 16.90
C LEU A 465 -43.23 -18.11 18.36
N LYS A 466 -44.50 -17.83 18.64
CA LYS A 466 -45.07 -18.02 19.96
C LYS A 466 -46.35 -18.81 19.79
N ASP A 467 -46.45 -19.93 20.50
CA ASP A 467 -47.67 -20.76 20.44
C ASP A 467 -48.04 -21.12 19.00
N GLY A 468 -47.04 -21.46 18.19
CA GLY A 468 -47.25 -21.83 16.80
C GLY A 468 -47.50 -20.68 15.85
N VAL A 469 -47.53 -19.45 16.34
CA VAL A 469 -47.91 -18.30 15.53
C VAL A 469 -46.67 -17.44 15.27
N VAL A 470 -46.64 -16.82 14.10
CA VAL A 470 -45.53 -15.97 13.70
C VAL A 470 -45.75 -14.59 14.29
N GLU A 471 -44.97 -14.25 15.32
CA GLU A 471 -45.08 -12.96 15.98
C GLU A 471 -44.42 -11.85 15.17
N ARG A 472 -43.28 -12.15 14.56
CA ARG A 472 -42.53 -11.14 13.82
C ARG A 472 -41.48 -11.87 13.00
N ALA A 473 -40.85 -11.12 12.10
CA ALA A 473 -39.79 -11.67 11.26
C ALA A 473 -38.49 -10.91 11.47
N ILE A 474 -37.39 -11.62 11.24
CA ILE A 474 -36.04 -11.09 11.34
C ILE A 474 -35.35 -11.34 10.01
N TYR A 475 -34.80 -10.28 9.40
CA TYR A 475 -34.06 -10.39 8.14
C TYR A 475 -32.55 -10.43 8.40
N LYS A 476 -31.83 -11.20 7.57
CA LYS A 476 -30.37 -11.22 7.61
C LYS A 476 -29.81 -11.27 6.18
N ASP A 477 -28.47 -11.24 6.09
CA ASP A 477 -27.73 -11.20 4.82
C ASP A 477 -28.08 -9.93 4.05
N ILE A 478 -27.77 -8.81 4.69
CA ILE A 478 -28.24 -7.48 4.26
C ILE A 478 -27.36 -6.86 3.17
N ALA A 479 -26.11 -6.58 3.50
CA ALA A 479 -25.29 -5.72 2.65
C ALA A 479 -25.13 -6.29 1.24
N GLU A 480 -24.99 -7.62 1.13
CA GLU A 480 -24.79 -8.26 -0.16
C GLU A 480 -26.07 -8.39 -0.97
N GLU A 481 -27.21 -7.99 -0.43
CA GLU A 481 -28.47 -8.31 -1.05
C GLU A 481 -29.37 -7.11 -1.30
N ILE A 482 -29.23 -6.03 -0.57
CA ILE A 482 -30.20 -4.95 -0.65
C ILE A 482 -29.83 -3.99 -1.78
N CYS A 483 -30.85 -3.27 -2.23
CA CYS A 483 -30.76 -2.45 -3.43
C CYS A 483 -31.82 -1.35 -3.34
N VAL A 484 -31.42 -0.11 -3.63
CA VAL A 484 -32.35 0.99 -3.88
C VAL A 484 -32.38 1.27 -5.37
N MET A 485 -33.57 1.19 -5.94
CA MET A 485 -33.79 1.40 -7.37
C MET A 485 -34.08 2.87 -7.65
N ASP A 486 -33.13 3.70 -7.24
CA ASP A 486 -33.17 5.15 -7.51
C ASP A 486 -31.72 5.62 -7.47
N PRO A 487 -31.08 5.76 -8.63
CA PRO A 487 -29.63 6.06 -8.62
C PRO A 487 -29.30 7.44 -8.08
N ASP A 488 -30.28 8.35 -8.01
CA ASP A 488 -30.07 9.70 -7.52
C ASP A 488 -30.76 9.90 -6.16
N ALA A 489 -30.75 8.88 -5.32
CA ALA A 489 -31.33 8.96 -3.99
C ALA A 489 -30.27 9.36 -2.97
N VAL A 490 -30.70 10.13 -1.97
CA VAL A 490 -29.78 10.69 -0.98
C VAL A 490 -29.42 9.61 0.03
N LEU A 491 -28.14 9.23 0.06
CA LEU A 491 -27.63 8.20 0.95
C LEU A 491 -26.24 8.59 1.41
N PRO A 492 -25.82 8.13 2.59
CA PRO A 492 -24.45 8.38 3.06
C PRO A 492 -23.42 7.86 2.08
N PRO A 493 -22.15 8.34 2.17
CA PRO A 493 -21.16 7.86 1.17
C PRO A 493 -20.95 6.37 1.23
N GLU A 494 -20.80 5.81 2.43
CA GLU A 494 -20.59 4.38 2.58
C GLU A 494 -21.80 3.57 2.11
N VAL A 495 -23.00 4.17 2.10
CA VAL A 495 -24.21 3.46 1.70
C VAL A 495 -24.51 3.60 0.20
N GLN A 496 -24.07 4.69 -0.43
CA GLN A 496 -24.50 4.99 -1.80
C GLN A 496 -24.29 3.81 -2.75
N ARG A 497 -23.33 2.94 -2.46
CA ARG A 497 -23.00 1.84 -3.37
C ARG A 497 -24.12 0.81 -3.51
N ILE A 498 -25.17 0.89 -2.70
CA ILE A 498 -26.30 -0.02 -2.85
C ILE A 498 -27.38 0.55 -3.75
N ARG A 499 -27.07 1.59 -4.50
CA ARG A 499 -27.96 2.13 -5.50
C ARG A 499 -27.78 1.37 -6.82
N ALA A 500 -28.83 1.36 -7.62
CA ALA A 500 -28.76 0.79 -8.96
C ALA A 500 -29.92 1.31 -9.79
N GLU A 501 -29.79 1.20 -11.11
CA GLU A 501 -30.87 1.53 -12.03
C GLU A 501 -31.47 0.21 -12.53
N VAL A 502 -32.75 0.00 -12.23
CA VAL A 502 -33.41 -1.26 -12.59
C VAL A 502 -34.55 -0.94 -13.56
N PRO A 503 -34.73 -1.73 -14.61
CA PRO A 503 -35.77 -1.41 -15.61
C PRO A 503 -37.13 -1.36 -14.95
N GLU A 504 -37.94 -0.38 -15.37
CA GLU A 504 -39.25 -0.21 -14.76
C GLU A 504 -40.10 -1.46 -14.92
N ASP A 505 -39.95 -2.17 -16.06
CA ASP A 505 -40.71 -3.39 -16.26
C ASP A 505 -40.32 -4.50 -15.30
N THR A 506 -39.12 -4.44 -14.71
CA THR A 506 -38.61 -5.56 -13.96
C THR A 506 -38.55 -5.33 -12.45
N LYS A 507 -38.69 -4.10 -11.97
CA LYS A 507 -38.59 -3.81 -10.53
C LYS A 507 -39.52 -4.69 -9.70
N LEU A 508 -40.75 -4.89 -10.17
CA LEU A 508 -41.77 -5.55 -9.36
C LEU A 508 -41.59 -7.06 -9.29
N LEU A 509 -40.74 -7.64 -10.15
CA LEU A 509 -40.42 -9.06 -10.04
C LEU A 509 -39.72 -9.40 -8.72
N SER A 510 -39.12 -8.41 -8.06
CA SER A 510 -38.59 -8.64 -6.72
C SER A 510 -39.64 -9.29 -5.83
N VAL A 511 -40.91 -9.05 -6.10
CA VAL A 511 -42.01 -9.55 -5.32
C VAL A 511 -42.63 -10.79 -5.96
N PHE A 512 -42.89 -10.74 -7.26
CA PHE A 512 -43.54 -11.85 -7.92
C PHE A 512 -42.64 -13.07 -8.02
N THR A 513 -41.39 -12.87 -8.45
CA THR A 513 -40.47 -13.99 -8.56
C THR A 513 -40.07 -14.50 -7.19
N ASP A 514 -39.43 -13.64 -6.40
CA ASP A 514 -38.74 -14.11 -5.19
C ASP A 514 -39.70 -14.53 -4.10
N VAL A 515 -40.90 -13.96 -4.05
CA VAL A 515 -41.89 -14.28 -3.03
C VAL A 515 -42.98 -15.20 -3.59
N PHE A 516 -43.70 -14.73 -4.61
CA PHE A 516 -44.79 -15.53 -5.17
C PHE A 516 -44.28 -16.80 -5.81
N ASP A 517 -43.49 -16.68 -6.89
CA ASP A 517 -43.16 -17.86 -7.70
C ASP A 517 -42.12 -18.76 -7.05
N CYS A 518 -41.28 -18.21 -6.17
CA CYS A 518 -40.19 -18.97 -5.56
C CYS A 518 -40.44 -19.32 -4.10
N PHE A 519 -41.57 -18.93 -3.52
CA PHE A 519 -41.79 -19.33 -2.14
C PHE A 519 -43.25 -19.64 -1.81
N PHE A 520 -44.16 -18.71 -2.09
CA PHE A 520 -45.57 -18.98 -1.82
C PHE A 520 -46.11 -20.10 -2.71
N ARG A 521 -45.58 -20.21 -3.94
CA ARG A 521 -46.00 -21.28 -4.83
C ARG A 521 -45.94 -22.63 -4.13
N PHE A 522 -44.86 -22.89 -3.41
CA PHE A 522 -44.69 -24.17 -2.72
C PHE A 522 -45.50 -24.21 -1.44
N LEU A 523 -45.53 -23.11 -0.68
CA LEU A 523 -46.28 -23.09 0.57
C LEU A 523 -47.76 -23.35 0.33
N ALA A 524 -48.35 -22.69 -0.68
CA ALA A 524 -49.78 -22.87 -0.93
C ALA A 524 -50.10 -24.29 -1.38
N VAL A 525 -49.23 -24.89 -2.18
CA VAL A 525 -49.50 -26.23 -2.65
C VAL A 525 -49.44 -27.23 -1.49
N ASN A 526 -48.50 -27.02 -0.57
CA ASN A 526 -48.34 -27.94 0.56
C ASN A 526 -49.50 -27.85 1.54
N LEU A 527 -50.01 -26.65 1.79
CA LEU A 527 -51.14 -26.51 2.71
C LEU A 527 -52.42 -27.05 2.09
N ALA A 528 -52.53 -26.99 0.76
CA ALA A 528 -53.66 -27.60 0.08
C ALA A 528 -53.54 -29.12 0.12
N SER A 529 -52.38 -29.65 -0.27
CA SER A 529 -52.16 -31.10 -0.29
C SER A 529 -52.45 -31.76 1.06
N GLU A 530 -52.15 -31.06 2.15
CA GLU A 530 -52.43 -31.57 3.48
C GLU A 530 -53.91 -31.47 3.85
N GLY A 531 -54.68 -30.68 3.09
CA GLY A 531 -56.08 -30.49 3.40
C GLY A 531 -56.33 -29.38 4.39
N VAL A 532 -55.40 -28.44 4.52
CA VAL A 532 -55.48 -27.38 5.52
C VAL A 532 -56.08 -26.10 4.96
N LEU A 533 -55.69 -25.73 3.75
CA LEU A 533 -56.16 -24.47 3.18
C LEU A 533 -56.18 -24.60 1.66
N GLU A 534 -57.32 -24.35 1.04
CA GLU A 534 -57.42 -24.36 -0.41
C GLU A 534 -56.57 -23.24 -1.01
N GLU A 535 -56.09 -23.48 -2.22
CA GLU A 535 -55.25 -22.50 -2.90
C GLU A 535 -55.94 -21.16 -3.02
N ASP A 536 -57.22 -21.17 -3.41
CA ASP A 536 -57.95 -19.92 -3.63
C ASP A 536 -57.99 -19.08 -2.37
N ASP A 537 -58.18 -19.72 -1.22
CA ASP A 537 -58.20 -18.98 0.03
C ASP A 537 -56.83 -18.43 0.35
N PHE A 538 -55.78 -19.22 0.11
CA PHE A 538 -54.42 -18.76 0.33
C PHE A 538 -54.18 -17.44 -0.41
N TRP A 539 -54.42 -17.44 -1.72
CA TRP A 539 -54.15 -16.25 -2.50
C TRP A 539 -55.19 -15.16 -2.29
N ARG A 540 -56.41 -15.52 -1.89
CA ARG A 540 -57.34 -14.51 -1.40
C ARG A 540 -56.72 -13.77 -0.23
N THR A 541 -56.23 -14.51 0.78
CA THR A 541 -55.61 -13.88 1.96
C THR A 541 -54.45 -12.99 1.56
N VAL A 542 -53.61 -13.46 0.64
CA VAL A 542 -52.50 -12.63 0.15
C VAL A 542 -53.05 -11.33 -0.43
N ALA A 543 -54.13 -11.42 -1.20
CA ALA A 543 -54.71 -10.23 -1.81
C ALA A 543 -55.35 -9.33 -0.77
N GLU A 544 -56.00 -9.91 0.25
CA GLU A 544 -56.55 -9.10 1.33
C GLU A 544 -55.47 -8.26 1.99
N VAL A 545 -54.34 -8.90 2.33
CA VAL A 545 -53.28 -8.20 3.05
C VAL A 545 -52.66 -7.11 2.18
N THR A 546 -52.49 -7.37 0.89
CA THR A 546 -51.98 -6.33 -0.01
C THR A 546 -52.91 -5.13 -0.03
N ARG A 547 -54.22 -5.36 -0.12
CA ARG A 547 -55.17 -4.26 -0.15
C ARG A 547 -55.20 -3.53 1.19
N GLU A 548 -55.14 -4.27 2.30
CA GLU A 548 -55.07 -3.63 3.62
C GLU A 548 -53.93 -2.63 3.67
N TYR A 549 -52.74 -3.07 3.24
CA TYR A 549 -51.59 -2.15 3.24
C TYR A 549 -51.81 -0.99 2.27
N GLN A 550 -52.38 -1.28 1.11
CA GLN A 550 -52.67 -0.23 0.13
C GLN A 550 -53.60 0.81 0.72
N GLU A 551 -54.71 0.37 1.31
CA GLU A 551 -55.72 1.28 1.84
C GLU A 551 -55.20 2.11 3.01
N SER A 552 -54.12 1.65 3.67
CA SER A 552 -53.59 2.37 4.83
C SER A 552 -52.61 3.46 4.44
N MET A 553 -52.15 3.49 3.19
CA MET A 553 -51.16 4.46 2.72
C MET A 553 -51.65 5.13 1.44
N PRO A 554 -52.69 5.96 1.54
CA PRO A 554 -53.23 6.60 0.32
C PRO A 554 -52.23 7.47 -0.42
N GLU A 555 -51.34 8.15 0.30
CA GLU A 555 -50.39 9.07 -0.31
C GLU A 555 -49.38 8.36 -1.21
N LEU A 556 -49.33 7.03 -1.22
CA LEU A 556 -48.43 6.32 -2.09
C LEU A 556 -49.12 5.81 -3.35
N ALA A 557 -50.37 6.24 -3.59
CA ALA A 557 -51.19 5.68 -4.67
C ALA A 557 -50.58 5.91 -6.05
N ASP A 558 -49.82 6.99 -6.22
CA ASP A 558 -49.12 7.18 -7.48
C ASP A 558 -48.20 6.01 -7.81
N LYS A 559 -47.58 5.41 -6.78
CA LYS A 559 -46.69 4.27 -6.99
C LYS A 559 -47.47 2.98 -7.20
N PHE A 560 -48.60 2.82 -6.49
CA PHE A 560 -49.41 1.62 -6.66
C PHE A 560 -49.92 1.50 -8.08
N ARG A 561 -50.18 2.63 -8.75
CA ARG A 561 -50.66 2.58 -10.13
C ARG A 561 -49.52 2.27 -11.10
N GLN A 562 -48.34 2.84 -10.87
CA GLN A 562 -47.22 2.59 -11.78
C GLN A 562 -46.67 1.17 -11.65
N TYR A 563 -46.83 0.54 -10.50
CA TYR A 563 -46.38 -0.83 -10.25
C TYR A 563 -47.55 -1.58 -9.63
N ASP A 564 -48.35 -2.21 -10.46
CA ASP A 564 -49.61 -2.78 -9.99
C ASP A 564 -49.36 -4.21 -9.56
N MET A 565 -49.65 -4.50 -8.29
CA MET A 565 -49.55 -5.86 -7.76
C MET A 565 -50.60 -6.78 -8.34
N PHE A 566 -51.70 -6.22 -8.85
CA PHE A 566 -52.84 -6.98 -9.30
C PHE A 566 -52.90 -7.08 -10.83
N ALA A 567 -51.78 -6.83 -11.51
CA ALA A 567 -51.73 -7.07 -12.94
C ALA A 567 -52.08 -8.52 -13.21
N PRO A 568 -52.78 -8.82 -14.31
CA PRO A 568 -53.23 -10.21 -14.52
C PRO A 568 -52.09 -11.18 -14.80
N GLU A 569 -50.97 -10.70 -15.30
CA GLU A 569 -49.85 -11.58 -15.59
C GLU A 569 -48.56 -10.88 -15.20
N PHE A 570 -47.54 -11.70 -14.92
CA PHE A 570 -46.18 -11.21 -14.82
C PHE A 570 -45.26 -12.24 -15.45
N ALA A 571 -44.00 -11.84 -15.64
CA ALA A 571 -43.02 -12.68 -16.33
C ALA A 571 -42.59 -13.87 -15.48
N LEU A 572 -42.31 -14.98 -16.16
CA LEU A 572 -41.79 -16.18 -15.52
C LEU A 572 -40.27 -16.12 -15.54
N SER A 573 -39.67 -15.89 -14.38
CA SER A 573 -38.22 -15.91 -14.26
C SER A 573 -37.78 -17.31 -13.83
N CYS A 574 -36.80 -17.86 -14.55
CA CYS A 574 -36.42 -19.27 -14.46
C CYS A 574 -35.08 -19.42 -13.77
N LEU A 575 -35.08 -20.04 -12.60
CA LEU A 575 -33.88 -20.13 -11.79
C LEU A 575 -32.91 -21.19 -12.29
N ASN A 576 -33.41 -22.40 -12.61
CA ASN A 576 -32.51 -23.44 -13.08
C ASN A 576 -31.82 -23.01 -14.37
N ARG A 577 -32.52 -22.25 -15.22
CA ARG A 577 -31.90 -21.80 -16.47
C ARG A 577 -30.62 -21.00 -16.21
N LEU A 578 -30.63 -20.11 -15.22
CA LEU A 578 -29.42 -19.36 -14.87
C LEU A 578 -28.30 -20.29 -14.43
N GLN A 579 -28.63 -21.30 -13.61
CA GLN A 579 -27.63 -22.25 -13.14
C GLN A 579 -27.01 -23.02 -14.31
N LEU A 580 -27.81 -23.40 -15.30
CA LEU A 580 -27.31 -24.18 -16.43
C LEU A 580 -26.53 -23.34 -17.44
N ARG A 581 -26.39 -22.03 -17.22
CA ARG A 581 -25.62 -21.17 -18.10
C ARG A 581 -24.12 -21.16 -17.76
N ASN A 582 -23.77 -21.33 -16.49
CA ASN A 582 -22.37 -21.38 -16.08
C ASN A 582 -22.15 -22.36 -14.94
N ALA A 595 -28.92 -10.09 -16.18
CA ALA A 595 -29.06 -11.29 -17.00
C ALA A 595 -30.04 -12.28 -16.36
N LEU A 596 -31.34 -11.96 -16.41
CA LEU A 596 -32.39 -12.86 -15.95
C LEU A 596 -32.93 -13.67 -17.12
N GLN A 597 -33.44 -14.86 -16.81
CA GLN A 597 -33.98 -15.78 -17.82
C GLN A 597 -35.50 -15.69 -17.80
N LEU A 598 -36.03 -14.79 -18.63
CA LEU A 598 -37.47 -14.55 -18.72
C LEU A 598 -38.02 -15.22 -19.99
N VAL A 599 -38.89 -16.22 -19.81
CA VAL A 599 -39.54 -16.88 -20.93
C VAL A 599 -41.02 -17.03 -20.60
N GLY A 600 -41.87 -16.28 -21.30
CA GLY A 600 -43.30 -16.38 -21.08
C GLY A 600 -43.78 -15.62 -19.85
N THR A 601 -44.99 -15.95 -19.43
CA THR A 601 -45.69 -15.26 -18.34
C THR A 601 -46.48 -16.24 -17.51
N LEU A 602 -46.87 -15.81 -16.32
CA LEU A 602 -47.69 -16.59 -15.40
C LEU A 602 -48.96 -15.81 -15.06
N ARG A 603 -50.03 -16.55 -14.74
CA ARG A 603 -51.23 -15.89 -14.24
C ARG A 603 -50.96 -15.41 -12.82
N ASN A 604 -51.17 -14.13 -12.56
CA ASN A 604 -50.99 -13.60 -11.23
C ASN A 604 -52.12 -14.10 -10.32
N PRO A 605 -51.82 -14.80 -9.23
CA PRO A 605 -52.89 -15.38 -8.41
C PRO A 605 -53.81 -14.38 -7.75
N ILE A 606 -53.42 -13.11 -7.63
CA ILE A 606 -54.21 -12.18 -6.84
C ILE A 606 -55.02 -11.21 -7.71
N ALA A 607 -54.97 -11.34 -9.04
CA ALA A 607 -55.57 -10.32 -9.90
C ALA A 607 -57.09 -10.25 -9.79
N GLY A 608 -57.75 -11.36 -9.46
CA GLY A 608 -59.20 -11.36 -9.39
C GLY A 608 -59.76 -11.32 -7.99
N PHE A 609 -58.95 -10.86 -7.03
CA PHE A 609 -59.39 -10.77 -5.65
C PHE A 609 -59.40 -9.32 -5.15
N HIS B 20 -0.44 -34.46 9.86
CA HIS B 20 -0.42 -33.31 10.76
C HIS B 20 -1.51 -33.41 11.81
N MET B 21 -1.13 -33.72 13.05
CA MET B 21 -2.11 -33.68 14.12
C MET B 21 -2.36 -32.24 14.56
N SER B 22 -1.31 -31.54 14.99
CA SER B 22 -1.46 -30.27 15.67
C SER B 22 -1.51 -29.06 14.73
N LEU B 23 -2.17 -28.01 15.20
CA LEU B 23 -2.30 -26.80 14.42
C LEU B 23 -0.95 -26.07 14.31
N ALA B 24 -0.15 -26.07 15.36
CA ALA B 24 1.20 -25.52 15.24
C ALA B 24 2.10 -26.44 14.43
N ASP B 25 1.89 -27.75 14.50
CA ASP B 25 2.66 -28.63 13.63
C ASP B 25 2.34 -28.41 12.16
N SER B 26 1.17 -27.87 11.83
CA SER B 26 0.87 -27.67 10.42
C SER B 26 1.71 -26.57 9.78
N VAL B 27 2.30 -25.66 10.55
CA VAL B 27 3.11 -24.64 9.88
C VAL B 27 4.49 -24.48 10.51
N ALA B 28 4.91 -25.49 11.27
CA ALA B 28 6.20 -25.38 11.95
C ALA B 28 7.35 -25.33 10.95
N HIS B 29 7.19 -25.89 9.75
CA HIS B 29 8.29 -25.82 8.80
C HIS B 29 8.48 -24.43 8.24
N LEU B 30 7.46 -23.56 8.35
CA LEU B 30 7.49 -22.20 7.79
C LEU B 30 8.01 -21.23 8.84
N SER B 31 9.30 -21.06 8.87
CA SER B 31 9.90 -20.04 9.71
C SER B 31 10.52 -18.97 8.85
N PRO B 32 10.65 -17.73 9.35
CA PRO B 32 11.25 -16.66 8.53
C PRO B 32 12.62 -17.02 7.96
N GLU B 33 13.44 -17.73 8.74
CA GLU B 33 14.80 -18.04 8.30
C GLU B 33 14.80 -19.09 7.19
N ARG B 34 14.04 -20.18 7.37
CA ARG B 34 13.96 -21.19 6.31
C ARG B 34 13.35 -20.60 5.05
N TRP B 35 12.32 -19.76 5.20
CA TRP B 35 11.71 -19.12 4.04
C TRP B 35 12.72 -18.26 3.27
N GLU B 36 13.51 -17.45 3.98
CA GLU B 36 14.58 -16.68 3.33
C GLU B 36 15.54 -17.60 2.61
N GLN B 37 16.03 -18.63 3.30
CA GLN B 37 16.88 -19.62 2.68
C GLN B 37 16.24 -20.22 1.43
N ALA B 38 14.95 -20.59 1.49
CA ALA B 38 14.30 -21.21 0.33
C ALA B 38 14.11 -20.22 -0.82
N ASN B 39 13.80 -18.96 -0.51
CA ASN B 39 13.69 -17.94 -1.54
C ASN B 39 15.04 -17.70 -2.24
N ARG B 40 16.12 -17.61 -1.47
CA ARG B 40 17.45 -17.44 -2.08
C ARG B 40 17.78 -18.59 -3.02
N LEU B 41 17.59 -19.83 -2.56
CA LEU B 41 17.92 -20.98 -3.40
C LEU B 41 17.07 -21.02 -4.66
N LEU B 42 15.77 -20.70 -4.55
CA LEU B 42 14.92 -20.77 -5.72
C LEU B 42 15.26 -19.66 -6.72
N ILE B 43 15.61 -18.48 -6.21
CA ILE B 43 16.00 -17.39 -7.11
C ILE B 43 17.31 -17.72 -7.81
N ARG B 44 18.26 -18.33 -7.09
CA ARG B 44 19.48 -18.81 -7.73
C ARG B 44 19.17 -19.75 -8.90
N LYS B 45 18.33 -20.75 -8.66
CA LYS B 45 18.00 -21.68 -9.74
C LYS B 45 17.28 -20.97 -10.89
N ALA B 46 16.35 -20.08 -10.57
CA ALA B 46 15.59 -19.40 -11.61
C ALA B 46 16.50 -18.51 -12.47
N LEU B 47 17.30 -17.65 -11.85
CA LEU B 47 18.29 -16.90 -12.60
C LEU B 47 19.15 -17.81 -13.48
N ALA B 48 19.63 -18.92 -12.90
CA ALA B 48 20.53 -19.80 -13.65
C ALA B 48 19.81 -20.43 -14.85
N GLU B 49 18.64 -21.04 -14.60
CA GLU B 49 17.99 -21.77 -15.68
C GLU B 49 17.30 -20.84 -16.68
N PHE B 50 16.74 -19.72 -16.22
CA PHE B 50 16.21 -18.74 -17.17
C PHE B 50 17.30 -18.18 -18.07
N ALA B 51 18.50 -17.91 -17.53
CA ALA B 51 19.58 -17.43 -18.37
C ALA B 51 20.05 -18.50 -19.34
N HIS B 52 20.06 -19.76 -18.90
CA HIS B 52 20.40 -20.86 -19.79
C HIS B 52 19.41 -20.95 -20.94
N GLU B 53 18.14 -20.74 -20.67
CA GLU B 53 17.13 -20.80 -21.72
C GLU B 53 17.02 -19.48 -22.47
N ARG B 54 17.81 -18.48 -22.08
CA ARG B 54 17.86 -17.19 -22.76
C ARG B 54 16.54 -16.43 -22.63
N LEU B 55 15.79 -16.73 -21.56
CA LEU B 55 14.61 -15.95 -21.21
C LEU B 55 15.02 -14.61 -20.63
N ILE B 56 16.18 -14.56 -20.00
CA ILE B 56 16.78 -13.35 -19.45
C ILE B 56 18.21 -13.35 -19.94
N THR B 57 18.80 -12.16 -19.98
CA THR B 57 20.18 -12.00 -20.44
C THR B 57 20.90 -11.16 -19.40
N PRO B 58 21.67 -11.79 -18.52
CA PRO B 58 22.43 -11.01 -17.52
C PRO B 58 23.50 -10.16 -18.19
N GLU B 59 23.62 -8.92 -17.73
CA GLU B 59 24.65 -8.01 -18.21
C GLU B 59 25.77 -7.98 -17.20
N ARG B 60 27.01 -8.12 -17.68
CA ARG B 60 28.15 -8.00 -16.79
C ARG B 60 28.40 -6.53 -16.46
N ASP B 61 28.56 -6.23 -15.17
CA ASP B 61 28.73 -4.88 -14.64
C ASP B 61 29.95 -4.93 -13.71
N GLY B 62 31.14 -5.02 -14.34
CA GLY B 62 32.38 -5.24 -13.60
C GLY B 62 32.56 -6.72 -13.25
N ASP B 63 32.76 -7.00 -11.98
CA ASP B 63 32.93 -8.37 -11.52
C ASP B 63 31.61 -9.02 -11.11
N VAL B 64 30.48 -8.43 -11.50
CA VAL B 64 29.16 -8.95 -11.16
C VAL B 64 28.31 -8.97 -12.42
N TYR B 65 27.28 -9.83 -12.41
CA TYR B 65 26.23 -9.81 -13.43
C TYR B 65 24.99 -9.12 -12.88
N VAL B 66 24.18 -8.57 -13.79
CA VAL B 66 22.95 -7.87 -13.42
C VAL B 66 21.80 -8.37 -14.28
N VAL B 67 20.65 -8.64 -13.64
CA VAL B 67 19.37 -8.90 -14.32
C VAL B 67 18.32 -7.94 -13.76
N ARG B 68 17.63 -7.25 -14.65
CA ARG B 68 16.71 -6.22 -14.21
C ARG B 68 15.29 -6.64 -14.51
N SER B 69 14.37 -6.13 -13.69
CA SER B 69 12.95 -6.34 -13.88
C SER B 69 12.52 -5.78 -15.22
N ASP B 70 11.30 -6.14 -15.63
CA ASP B 70 10.82 -5.70 -16.93
C ASP B 70 10.76 -4.19 -17.04
N ASP B 71 10.57 -3.49 -15.92
CA ASP B 71 10.47 -2.03 -15.98
C ASP B 71 11.79 -1.33 -15.69
N GLY B 72 12.79 -2.07 -15.20
CA GLY B 72 14.09 -1.51 -14.90
C GLY B 72 14.26 -1.04 -13.48
N LEU B 73 13.16 -0.97 -12.71
CA LEU B 73 13.25 -0.39 -11.37
C LEU B 73 13.95 -1.33 -10.41
N THR B 74 13.91 -2.63 -10.66
CA THR B 74 14.49 -3.60 -9.74
C THR B 74 15.67 -4.30 -10.42
N GLY B 75 16.79 -4.41 -9.72
CA GLY B 75 17.97 -5.11 -10.22
C GLY B 75 18.35 -6.27 -9.33
N TYR B 76 18.76 -7.39 -9.94
CA TYR B 76 19.28 -8.56 -9.22
C TYR B 76 20.76 -8.72 -9.57
N ARG B 77 21.61 -8.62 -8.57
CA ARG B 77 23.05 -8.62 -8.80
C ARG B 77 23.66 -9.88 -8.18
N PHE B 78 24.63 -10.47 -8.89
CA PHE B 78 25.16 -11.74 -8.43
C PHE B 78 26.45 -12.01 -9.18
N THR B 79 27.34 -12.77 -8.55
CA THR B 79 28.52 -13.27 -9.24
C THR B 79 28.20 -14.64 -9.82
N ALA B 80 28.77 -14.92 -10.99
CA ALA B 80 28.51 -16.18 -11.67
C ALA B 80 29.69 -16.57 -12.54
N ALA B 81 29.77 -17.85 -12.82
CA ALA B 81 30.68 -18.42 -13.80
C ALA B 81 29.85 -19.22 -14.79
N VAL B 82 30.06 -18.97 -16.07
CA VAL B 82 29.37 -19.70 -17.13
C VAL B 82 30.21 -20.92 -17.51
N ARG B 83 29.65 -22.11 -17.29
CA ARG B 83 30.34 -23.37 -17.50
C ARG B 83 29.85 -24.02 -18.80
N THR B 84 30.33 -25.22 -19.07
CA THR B 84 30.00 -25.91 -20.32
C THR B 84 28.48 -26.06 -20.49
N LEU B 85 28.04 -25.97 -21.74
CA LEU B 85 26.63 -26.03 -22.15
C LEU B 85 25.85 -24.83 -21.63
N ASP B 86 26.50 -23.67 -21.60
CA ASP B 86 25.88 -22.44 -21.08
C ASP B 86 25.25 -22.67 -19.69
N HIS B 87 25.98 -23.34 -18.81
CA HIS B 87 25.50 -23.53 -17.46
C HIS B 87 25.94 -22.34 -16.59
N TRP B 88 24.97 -21.64 -16.02
CA TRP B 88 25.29 -20.53 -15.13
C TRP B 88 25.39 -21.06 -13.72
N GLN B 89 26.63 -21.14 -13.22
CA GLN B 89 26.93 -21.45 -11.83
C GLN B 89 26.94 -20.15 -11.05
N ILE B 90 25.86 -19.89 -10.31
CA ILE B 90 25.68 -18.65 -9.56
C ILE B 90 25.94 -18.93 -8.09
N ASP B 91 26.74 -18.07 -7.44
CA ASP B 91 26.90 -18.14 -5.98
C ASP B 91 25.64 -17.61 -5.32
N ALA B 92 24.89 -18.50 -4.66
CA ALA B 92 23.61 -18.12 -4.07
C ALA B 92 23.77 -16.97 -3.09
N ASP B 93 24.86 -16.96 -2.32
CA ASP B 93 25.02 -15.95 -1.27
C ASP B 93 25.38 -14.59 -1.82
N SER B 94 25.78 -14.50 -3.08
CA SER B 94 26.10 -13.22 -3.70
C SER B 94 24.88 -12.49 -4.26
N ILE B 95 23.71 -13.13 -4.31
CA ILE B 95 22.54 -12.52 -4.94
C ILE B 95 22.00 -11.43 -4.04
N SER B 96 21.80 -10.25 -4.60
CA SER B 96 21.23 -9.13 -3.90
C SER B 96 20.18 -8.49 -4.79
N ARG B 97 19.17 -7.91 -4.15
CA ARG B 97 18.07 -7.24 -4.83
C ARG B 97 18.10 -5.74 -4.51
N HIS B 98 17.89 -4.90 -5.52
CA HIS B 98 18.07 -3.46 -5.41
C HIS B 98 16.93 -2.71 -6.10
N ARG B 99 16.35 -1.72 -5.40
CA ARG B 99 15.40 -0.78 -5.99
C ARG B 99 15.59 0.59 -5.34
N ASP B 100 15.62 1.65 -6.15
CA ASP B 100 15.73 3.03 -5.67
C ASP B 100 16.84 3.20 -4.63
N GLY B 101 18.07 2.84 -5.02
CA GLY B 101 19.20 2.95 -4.12
C GLY B 101 19.15 2.21 -2.79
N GLU B 102 18.19 1.29 -2.60
CA GLU B 102 18.11 0.51 -1.37
C GLU B 102 18.22 -0.98 -1.68
N GLU B 103 18.82 -1.73 -0.77
CA GLU B 103 18.95 -3.18 -0.92
C GLU B 103 17.75 -3.86 -0.27
N LEU B 104 17.06 -4.72 -1.02
CA LEU B 104 15.80 -5.32 -0.59
C LEU B 104 15.94 -6.81 -0.31
N PRO B 105 15.02 -7.38 0.46
CA PRO B 105 15.04 -8.83 0.67
C PRO B 105 14.60 -9.58 -0.58
N LEU B 106 15.19 -10.76 -0.77
CA LEU B 106 14.85 -11.62 -1.88
C LEU B 106 13.46 -12.20 -1.68
N ALA B 107 12.61 -12.11 -2.70
CA ALA B 107 11.24 -12.60 -2.63
C ALA B 107 10.90 -13.28 -3.96
N ALA B 108 10.82 -14.61 -3.95
CA ALA B 108 10.59 -15.34 -5.19
C ALA B 108 9.33 -14.86 -5.89
N LEU B 109 8.23 -14.71 -5.14
CA LEU B 109 6.98 -14.32 -5.77
C LEU B 109 7.11 -12.97 -6.50
N ASP B 110 7.70 -11.97 -5.84
CA ASP B 110 7.96 -10.71 -6.51
C ASP B 110 8.82 -10.88 -7.75
N PHE B 111 9.87 -11.70 -7.65
CA PHE B 111 10.75 -12.00 -8.79
C PHE B 111 9.96 -12.37 -10.04
N PHE B 112 8.97 -13.27 -9.91
CA PHE B 112 8.26 -13.71 -11.11
C PHE B 112 7.27 -12.67 -11.59
N ILE B 113 6.64 -11.94 -10.68
CA ILE B 113 5.78 -10.84 -11.11
C ILE B 113 6.62 -9.79 -11.85
N GLU B 114 7.81 -9.48 -11.34
CA GLU B 114 8.64 -8.43 -11.96
C GLU B 114 9.12 -8.81 -13.35
N LEU B 115 9.24 -10.11 -13.62
CA LEU B 115 9.69 -10.61 -14.92
C LEU B 115 8.56 -11.28 -15.69
N LYS B 116 7.31 -10.96 -15.34
CA LYS B 116 6.13 -11.61 -15.90
C LYS B 116 6.17 -11.61 -17.44
N ASP B 117 6.51 -10.48 -18.04
CA ASP B 117 6.45 -10.39 -19.49
C ASP B 117 7.66 -11.04 -20.16
N SER B 118 8.86 -10.85 -19.61
CA SER B 118 10.03 -11.59 -20.10
C SER B 118 9.76 -13.10 -20.09
N LEU B 119 9.01 -13.59 -19.10
CA LEU B 119 8.87 -15.02 -18.95
C LEU B 119 7.68 -15.59 -19.71
N GLY B 120 6.85 -14.75 -20.32
CA GLY B 120 5.67 -15.24 -21.00
C GLY B 120 4.55 -15.67 -20.10
N LEU B 121 4.59 -15.30 -18.82
CA LEU B 121 3.50 -15.57 -17.90
C LEU B 121 2.29 -14.72 -18.29
N SER B 122 1.27 -15.35 -18.87
CA SER B 122 0.04 -14.64 -19.17
C SER B 122 -0.67 -14.23 -17.88
N ASP B 123 -1.68 -13.35 -18.03
CA ASP B 123 -2.49 -12.92 -16.89
C ASP B 123 -3.17 -14.08 -16.20
N GLU B 124 -3.53 -15.11 -16.96
CA GLU B 124 -4.36 -16.16 -16.39
C GLU B 124 -3.53 -17.17 -15.62
N ILE B 125 -2.34 -17.51 -16.10
CA ILE B 125 -1.57 -18.53 -15.42
C ILE B 125 -0.60 -17.98 -14.37
N LEU B 126 -0.25 -16.69 -14.42
CA LEU B 126 0.58 -16.10 -13.39
C LEU B 126 0.10 -16.41 -11.97
N PRO B 127 -1.17 -16.23 -11.61
CA PRO B 127 -1.58 -16.58 -10.24
C PRO B 127 -1.31 -18.03 -9.89
N VAL B 128 -1.63 -18.96 -10.80
CA VAL B 128 -1.44 -20.37 -10.46
C VAL B 128 0.05 -20.70 -10.44
N TYR B 129 0.83 -20.05 -11.31
CA TYR B 129 2.28 -20.23 -11.24
C TYR B 129 2.81 -19.83 -9.86
N LEU B 130 2.40 -18.66 -9.37
CA LEU B 130 2.84 -18.23 -8.05
C LEU B 130 2.38 -19.20 -6.97
N GLU B 131 1.21 -19.81 -7.13
CA GLU B 131 0.83 -20.81 -6.13
C GLU B 131 1.73 -22.04 -6.21
N GLU B 132 2.14 -22.43 -7.41
CA GLU B 132 3.05 -23.58 -7.53
C GLU B 132 4.39 -23.29 -6.88
N ILE B 133 4.92 -22.08 -7.13
CA ILE B 133 6.15 -21.62 -6.51
C ILE B 133 6.03 -21.66 -4.99
N SER B 134 4.94 -21.11 -4.43
CA SER B 134 4.73 -21.18 -2.98
C SER B 134 4.82 -22.62 -2.48
N SER B 135 4.15 -23.54 -3.18
CA SER B 135 4.20 -24.94 -2.78
C SER B 135 5.63 -25.45 -2.83
N THR B 136 6.33 -25.15 -3.93
CA THR B 136 7.74 -25.48 -4.02
C THR B 136 8.53 -24.91 -2.84
N LEU B 137 8.28 -23.65 -2.49
CA LEU B 137 9.01 -23.01 -1.40
C LEU B 137 8.69 -23.65 -0.05
N SER B 138 7.41 -23.99 0.18
CA SER B 138 7.01 -24.65 1.42
C SER B 138 7.67 -26.00 1.57
N GLY B 139 7.74 -26.76 0.48
CA GLY B 139 8.42 -28.05 0.51
C GLY B 139 9.90 -27.91 0.81
N THR B 140 10.55 -26.89 0.26
CA THR B 140 11.95 -26.66 0.63
C THR B 140 12.07 -26.35 2.11
N CYS B 141 11.16 -25.52 2.64
CA CYS B 141 11.20 -25.27 4.08
C CYS B 141 11.03 -26.57 4.85
N TYR B 142 10.06 -27.38 4.44
CA TYR B 142 9.89 -28.67 5.11
C TYR B 142 11.20 -29.47 5.07
N LYS B 143 11.81 -29.58 3.89
CA LYS B 143 13.01 -30.38 3.75
C LYS B 143 14.16 -29.84 4.59
N LEU B 144 14.19 -28.53 4.84
CA LEU B 144 15.23 -27.95 5.68
C LEU B 144 15.08 -28.33 7.14
N THR B 145 13.91 -28.80 7.58
CA THR B 145 13.78 -29.29 8.94
C THR B 145 14.18 -30.76 9.08
N LYS B 146 14.36 -31.47 7.99
CA LYS B 146 14.88 -32.81 8.10
C LYS B 146 16.32 -32.79 8.59
N PRO B 147 16.76 -33.87 9.28
CA PRO B 147 18.17 -33.99 9.69
C PRO B 147 19.04 -33.70 8.47
N ARG B 148 19.97 -32.74 8.62
CA ARG B 148 20.81 -32.20 7.52
C ARG B 148 21.88 -33.18 7.01
N ILE B 149 21.49 -34.42 6.49
CA ILE B 149 22.43 -35.51 6.30
C ILE B 149 23.53 -35.34 5.20
N THR B 150 24.71 -35.92 5.45
CA THR B 150 25.80 -35.69 4.50
C THR B 150 25.71 -36.64 3.32
N ALA B 151 26.35 -36.20 2.23
CA ALA B 151 26.29 -36.98 1.01
C ALA B 151 26.88 -38.36 1.22
N ALA B 152 28.00 -38.45 1.93
CA ALA B 152 28.61 -39.75 2.18
C ALA B 152 27.72 -40.63 3.03
N GLU B 153 27.09 -40.07 4.08
CA GLU B 153 26.19 -40.85 4.91
C GLU B 153 24.97 -41.33 4.13
N LEU B 154 24.38 -40.43 3.32
CA LEU B 154 23.22 -40.82 2.53
C LEU B 154 23.57 -41.94 1.57
N ALA B 155 24.77 -41.88 0.98
CA ALA B 155 25.19 -42.93 0.06
C ALA B 155 25.16 -44.31 0.72
N ALA B 156 25.42 -44.39 2.02
CA ALA B 156 25.45 -45.65 2.73
C ALA B 156 24.10 -46.01 3.35
N GLY B 157 23.06 -45.24 3.07
CA GLY B 157 21.78 -45.32 3.77
C GLY B 157 20.71 -46.28 3.27
N GLY B 158 20.92 -47.01 2.17
CA GLY B 158 19.91 -47.92 1.66
C GLY B 158 18.99 -47.26 0.64
N PHE B 159 18.22 -48.12 -0.05
CA PHE B 159 17.49 -47.71 -1.24
C PHE B 159 16.46 -46.61 -0.93
N GLN B 160 15.61 -46.83 0.07
CA GLN B 160 14.54 -45.86 0.31
C GLN B 160 15.01 -44.63 1.09
N ALA B 161 16.09 -44.73 1.86
CA ALA B 161 16.67 -43.54 2.47
C ALA B 161 17.16 -42.57 1.40
N ILE B 162 17.73 -43.10 0.32
CA ILE B 162 18.15 -42.25 -0.79
C ILE B 162 16.94 -41.67 -1.51
N GLU B 163 15.92 -42.50 -1.77
CA GLU B 163 14.73 -42.08 -2.50
C GLU B 163 14.04 -40.93 -1.82
N THR B 164 13.84 -41.02 -0.52
CA THR B 164 13.20 -39.98 0.28
C THR B 164 14.15 -38.87 0.71
N GLY B 165 15.46 -39.02 0.50
CA GLY B 165 16.35 -37.96 0.88
C GLY B 165 16.70 -36.98 -0.22
N MET B 166 16.14 -37.15 -1.41
CA MET B 166 16.36 -36.20 -2.48
C MET B 166 15.67 -34.89 -2.17
N THR B 167 16.30 -33.79 -2.54
CA THR B 167 15.78 -32.47 -2.25
C THR B 167 15.58 -31.61 -3.49
N GLU B 168 16.37 -31.80 -4.54
CA GLU B 168 16.29 -30.90 -5.67
C GLU B 168 15.00 -31.09 -6.47
N GLY B 169 14.62 -32.35 -6.76
CA GLY B 169 13.65 -32.58 -7.80
C GLY B 169 14.30 -32.37 -9.16
N HIS B 170 13.47 -32.23 -10.19
CA HIS B 170 13.99 -32.02 -11.54
C HIS B 170 14.96 -30.85 -11.57
N PRO B 171 16.13 -31.00 -12.22
CA PRO B 171 17.16 -29.95 -12.15
C PRO B 171 16.92 -28.74 -13.04
N CYS B 172 16.05 -28.86 -14.05
CA CYS B 172 15.77 -27.75 -14.97
C CYS B 172 14.55 -26.94 -14.58
N PHE B 173 13.46 -27.60 -14.21
CA PHE B 173 12.22 -26.89 -13.91
C PHE B 173 12.32 -26.14 -12.61
N VAL B 174 12.03 -24.83 -12.67
CA VAL B 174 12.06 -23.98 -11.50
C VAL B 174 10.89 -24.32 -10.57
N ALA B 175 9.67 -24.36 -11.13
CA ALA B 175 8.48 -24.77 -10.39
C ALA B 175 8.34 -26.27 -10.56
N ASN B 176 9.01 -27.04 -9.70
CA ASN B 176 9.10 -28.47 -9.94
C ASN B 176 8.49 -29.36 -8.87
N ASN B 177 8.37 -28.93 -7.62
CA ASN B 177 7.92 -29.85 -6.58
C ASN B 177 6.58 -29.43 -6.00
N GLY B 178 5.70 -28.91 -6.84
CA GLY B 178 4.38 -28.49 -6.42
C GLY B 178 3.49 -29.68 -6.07
N ARG B 179 2.96 -29.68 -4.85
CA ARG B 179 1.98 -30.68 -4.43
C ARG B 179 0.62 -30.02 -4.26
N LEU B 180 0.17 -29.27 -5.25
CA LEU B 180 -1.09 -28.57 -5.12
C LEU B 180 -2.24 -29.58 -5.19
N GLY B 181 -3.25 -29.36 -4.36
CA GLY B 181 -4.33 -30.30 -4.14
C GLY B 181 -4.24 -30.98 -2.80
N PHE B 182 -3.04 -31.05 -2.22
CA PHE B 182 -2.88 -31.54 -0.85
C PHE B 182 -3.08 -30.38 0.11
N GLY B 183 -3.91 -30.58 1.13
CA GLY B 183 -3.81 -29.72 2.29
C GLY B 183 -2.48 -29.97 3.00
N ILE B 184 -2.17 -29.11 3.96
CA ILE B 184 -0.89 -29.26 4.63
C ILE B 184 -0.85 -30.60 5.40
N HIS B 185 -1.96 -31.01 6.01
CA HIS B 185 -2.00 -32.32 6.67
C HIS B 185 -1.77 -33.44 5.67
N GLU B 186 -2.29 -33.29 4.45
CA GLU B 186 -2.09 -34.30 3.43
C GLU B 186 -0.66 -34.29 2.92
N TYR B 187 -0.09 -33.10 2.68
CA TYR B 187 1.31 -33.00 2.35
C TYR B 187 2.15 -33.75 3.38
N LEU B 188 1.86 -33.55 4.66
CA LEU B 188 2.71 -34.13 5.68
C LEU B 188 2.54 -35.65 5.81
N SER B 189 1.46 -36.21 5.29
CA SER B 189 1.28 -37.66 5.28
C SER B 189 1.76 -38.31 4.00
N TYR B 190 1.75 -37.58 2.88
CA TYR B 190 1.82 -38.27 1.60
C TYR B 190 2.99 -37.82 0.71
N ALA B 191 3.61 -36.69 0.98
CA ALA B 191 4.70 -36.25 0.12
C ALA B 191 5.92 -37.17 0.31
N PRO B 192 6.63 -37.50 -0.77
CA PRO B 192 7.76 -38.44 -0.67
C PRO B 192 8.80 -38.05 0.37
N GLU B 193 9.15 -36.76 0.44
CA GLU B 193 10.21 -36.30 1.34
C GLU B 193 9.83 -36.42 2.81
N THR B 194 8.56 -36.71 3.13
CA THR B 194 8.22 -36.94 4.53
C THR B 194 8.47 -38.37 4.96
N ALA B 195 8.62 -39.31 4.01
CA ALA B 195 8.86 -40.73 4.32
C ALA B 195 7.85 -41.27 5.32
N SER B 196 6.58 -40.87 5.15
CA SER B 196 5.50 -41.34 6.01
C SER B 196 4.92 -42.67 5.48
N PRO B 197 4.94 -43.74 6.26
CA PRO B 197 4.27 -44.98 5.83
C PRO B 197 2.82 -44.72 5.40
N VAL B 198 2.41 -45.38 4.33
CA VAL B 198 1.07 -45.25 3.76
C VAL B 198 0.53 -46.67 3.56
N ARG B 199 -0.72 -46.89 4.00
CA ARG B 199 -1.43 -48.14 3.71
C ARG B 199 -2.45 -47.88 2.60
N LEU B 200 -2.52 -48.78 1.64
CA LEU B 200 -3.41 -48.57 0.51
C LEU B 200 -4.83 -49.02 0.83
N VAL B 201 -5.77 -48.35 0.21
CA VAL B 201 -7.19 -48.70 0.29
C VAL B 201 -7.51 -49.61 -0.89
N TRP B 202 -8.31 -50.65 -0.64
CA TRP B 202 -8.65 -51.63 -1.66
C TRP B 202 -10.14 -51.58 -1.99
N LEU B 203 -10.44 -51.49 -3.28
CA LEU B 203 -11.80 -51.51 -3.78
C LEU B 203 -12.05 -52.78 -4.59
N ALA B 204 -13.28 -53.28 -4.50
CA ALA B 204 -13.74 -54.32 -5.40
C ALA B 204 -14.58 -53.62 -6.47
N ALA B 205 -14.20 -53.81 -7.73
CA ALA B 205 -14.86 -53.17 -8.86
C ALA B 205 -15.55 -54.23 -9.70
N HIS B 206 -16.79 -53.96 -10.09
CA HIS B 206 -17.57 -54.95 -10.83
C HIS B 206 -17.05 -55.10 -12.26
N ARG B 207 -16.99 -56.35 -12.74
CA ARG B 207 -16.40 -56.63 -14.03
C ARG B 207 -17.15 -56.02 -15.21
N SER B 208 -18.38 -55.53 -15.03
CA SER B 208 -19.03 -54.82 -16.12
C SER B 208 -18.39 -53.46 -16.36
N ARG B 209 -17.64 -52.94 -15.39
CA ARG B 209 -17.04 -51.61 -15.51
C ARG B 209 -15.55 -51.62 -15.21
N ALA B 210 -14.92 -52.78 -15.05
CA ALA B 210 -13.51 -52.85 -14.72
C ALA B 210 -12.89 -53.98 -15.52
N ALA B 211 -11.60 -53.81 -15.79
CA ALA B 211 -10.86 -54.74 -16.63
C ALA B 211 -9.43 -54.84 -16.12
N PHE B 212 -8.94 -56.06 -16.07
CA PHE B 212 -7.61 -56.41 -15.62
C PHE B 212 -6.80 -56.91 -16.82
N THR B 213 -5.53 -56.54 -16.85
CA THR B 213 -4.64 -56.88 -17.95
C THR B 213 -3.32 -57.34 -17.35
N ALA B 214 -2.81 -58.47 -17.85
CA ALA B 214 -1.66 -59.14 -17.27
C ALA B 214 -0.57 -59.32 -18.31
N GLY B 215 0.69 -59.28 -17.84
CA GLY B 215 1.83 -59.69 -18.65
C GLY B 215 2.02 -61.19 -18.65
N VAL B 216 3.04 -61.64 -19.39
CA VAL B 216 3.32 -63.06 -19.51
C VAL B 216 3.60 -63.66 -18.15
N GLY B 217 3.02 -64.82 -17.88
CA GLY B 217 3.22 -65.49 -16.61
C GLY B 217 2.37 -64.98 -15.45
N ILE B 218 1.45 -64.05 -15.69
CA ILE B 218 0.61 -63.49 -14.64
C ILE B 218 -0.78 -64.13 -14.73
N ASP B 219 -1.24 -64.67 -13.62
CA ASP B 219 -2.62 -65.11 -13.47
C ASP B 219 -3.26 -64.27 -12.37
N TYR B 220 -4.47 -63.76 -12.62
CA TYR B 220 -5.06 -62.79 -11.71
C TYR B 220 -5.15 -63.33 -10.29
N GLU B 221 -5.68 -64.56 -10.14
CA GLU B 221 -5.96 -65.08 -8.80
C GLU B 221 -4.67 -65.34 -8.02
N SER B 222 -3.66 -65.92 -8.66
CA SER B 222 -2.40 -66.09 -7.95
C SER B 222 -1.72 -64.74 -7.73
N PHE B 223 -1.82 -63.84 -8.70
CA PHE B 223 -1.22 -62.52 -8.56
C PHE B 223 -1.71 -61.83 -7.29
N VAL B 224 -3.04 -61.76 -7.11
CA VAL B 224 -3.55 -61.03 -5.95
C VAL B 224 -3.32 -61.83 -4.68
N ARG B 225 -3.30 -63.17 -4.77
CA ARG B 225 -3.00 -63.97 -3.59
C ARG B 225 -1.58 -63.70 -3.12
N GLN B 226 -0.62 -63.61 -4.06
CA GLN B 226 0.76 -63.31 -3.70
C GLN B 226 0.87 -61.97 -3.01
N GLU B 227 0.21 -60.94 -3.57
CA GLU B 227 0.38 -59.58 -3.06
C GLU B 227 -0.27 -59.39 -1.71
N LEU B 228 -1.47 -59.95 -1.51
CA LEU B 228 -2.23 -59.71 -0.29
C LEU B 228 -2.13 -60.85 0.71
N GLY B 229 -1.87 -62.07 0.26
CA GLY B 229 -1.92 -63.22 1.14
C GLY B 229 -3.33 -63.76 1.25
N GLU B 230 -3.45 -65.07 1.50
CA GLU B 230 -4.77 -65.68 1.51
C GLU B 230 -5.66 -65.05 2.59
N GLU B 231 -5.07 -64.73 3.75
CA GLU B 231 -5.86 -64.22 4.87
C GLU B 231 -6.56 -62.92 4.49
N THR B 232 -5.80 -61.97 3.96
CA THR B 232 -6.39 -60.71 3.50
C THR B 232 -7.40 -60.94 2.40
N VAL B 233 -7.09 -61.85 1.47
CA VAL B 233 -7.99 -62.08 0.34
C VAL B 233 -9.32 -62.67 0.81
N ASP B 234 -9.28 -63.53 1.82
CA ASP B 234 -10.54 -64.08 2.34
C ASP B 234 -11.33 -63.05 3.12
N ARG B 235 -10.64 -62.22 3.91
CA ARG B 235 -11.31 -61.11 4.57
C ARG B 235 -12.07 -60.24 3.58
N PHE B 236 -11.47 -60.01 2.41
CA PHE B 236 -12.12 -59.15 1.41
C PHE B 236 -13.29 -59.87 0.76
N HIS B 237 -13.13 -61.15 0.40
CA HIS B 237 -14.27 -61.92 -0.09
C HIS B 237 -15.41 -61.91 0.90
N GLY B 238 -15.09 -61.99 2.19
CA GLY B 238 -16.10 -61.87 3.21
C GLY B 238 -16.90 -60.59 3.07
N VAL B 239 -16.22 -59.46 2.88
CA VAL B 239 -16.92 -58.18 2.76
C VAL B 239 -17.96 -58.24 1.65
N LEU B 240 -17.63 -58.91 0.53
CA LEU B 240 -18.58 -59.01 -0.57
C LEU B 240 -19.74 -59.96 -0.24
N ARG B 241 -19.46 -61.03 0.52
CA ARG B 241 -20.52 -62.01 0.82
C ARG B 241 -21.61 -61.40 1.70
N GLU B 242 -21.21 -60.68 2.74
CA GLU B 242 -22.18 -60.07 3.65
C GLU B 242 -23.11 -59.12 2.90
N ARG B 243 -22.60 -58.45 1.86
CA ARG B 243 -23.45 -57.66 0.97
C ARG B 243 -24.21 -58.51 -0.04
N GLY B 244 -23.99 -59.83 -0.07
CA GLY B 244 -24.71 -60.68 -1.00
C GLY B 244 -24.12 -60.77 -2.40
N LEU B 245 -22.85 -60.44 -2.57
CA LEU B 245 -22.23 -60.30 -3.87
C LEU B 245 -21.35 -61.50 -4.19
N ASP B 246 -21.16 -61.75 -5.49
CA ASP B 246 -20.32 -62.86 -5.92
C ASP B 246 -18.92 -62.35 -6.19
N PRO B 247 -17.93 -62.71 -5.37
CA PRO B 247 -16.56 -62.23 -5.62
C PRO B 247 -16.07 -62.45 -7.04
N ALA B 248 -16.53 -63.51 -7.69
CA ALA B 248 -16.12 -63.76 -9.08
C ALA B 248 -16.54 -62.65 -10.03
N ASP B 249 -17.49 -61.79 -9.64
CA ASP B 249 -17.92 -60.68 -10.49
C ASP B 249 -17.11 -59.40 -10.27
N TYR B 250 -16.06 -59.44 -9.45
CA TYR B 250 -15.36 -58.22 -9.05
C TYR B 250 -13.85 -58.37 -9.25
N LEU B 251 -13.20 -57.23 -9.48
CA LEU B 251 -11.75 -57.16 -9.57
C LEU B 251 -11.24 -56.23 -8.48
N PHE B 252 -10.08 -56.57 -7.90
CA PHE B 252 -9.49 -55.75 -6.83
C PHE B 252 -8.73 -54.57 -7.42
N ILE B 253 -8.95 -53.37 -6.88
CA ILE B 253 -8.21 -52.19 -7.29
C ILE B 253 -7.66 -51.49 -6.04
N PRO B 254 -6.35 -51.37 -5.88
CA PRO B 254 -5.79 -50.58 -4.78
C PRO B 254 -5.82 -49.11 -5.15
N VAL B 255 -6.04 -48.27 -4.14
CA VAL B 255 -6.22 -46.85 -4.39
C VAL B 255 -5.47 -46.04 -3.33
N HIS B 256 -5.00 -44.87 -3.75
CA HIS B 256 -4.36 -43.95 -2.83
C HIS B 256 -5.40 -43.45 -1.83
N PRO B 257 -5.11 -43.49 -0.53
CA PRO B 257 -6.08 -42.97 0.45
C PRO B 257 -6.56 -41.57 0.14
N TRP B 258 -5.67 -40.66 -0.29
CA TRP B 258 -6.14 -39.33 -0.65
C TRP B 258 -7.20 -39.41 -1.72
N GLN B 259 -6.99 -40.29 -2.72
CA GLN B 259 -7.94 -40.46 -3.82
C GLN B 259 -9.27 -41.00 -3.34
N TRP B 260 -9.26 -41.91 -2.37
CA TRP B 260 -10.51 -42.46 -1.86
C TRP B 260 -11.32 -41.42 -1.10
N TRP B 261 -10.68 -40.72 -0.16
CA TRP B 261 -11.39 -39.83 0.74
C TRP B 261 -11.80 -38.54 0.09
N ASN B 262 -10.98 -38.02 -0.84
CA ASN B 262 -11.24 -36.72 -1.42
C ASN B 262 -11.92 -36.80 -2.79
N LYS B 263 -11.83 -37.93 -3.51
CA LYS B 263 -12.41 -37.99 -4.84
C LYS B 263 -13.43 -39.10 -5.02
N LEU B 264 -13.06 -40.36 -4.78
CA LEU B 264 -13.91 -41.45 -5.25
C LEU B 264 -15.18 -41.57 -4.41
N SER B 265 -15.07 -41.36 -3.09
CA SER B 265 -16.22 -41.48 -2.22
C SER B 265 -17.28 -40.43 -2.50
N VAL B 266 -16.92 -39.35 -3.19
CA VAL B 266 -17.85 -38.29 -3.51
C VAL B 266 -18.24 -38.35 -4.98
N THR B 267 -17.23 -38.34 -5.85
CA THR B 267 -17.47 -38.21 -7.28
C THR B 267 -18.05 -39.50 -7.86
N PHE B 268 -17.56 -40.65 -7.40
CA PHE B 268 -18.10 -41.94 -7.81
C PHE B 268 -19.11 -42.49 -6.81
N ALA B 269 -19.87 -41.63 -6.13
CA ALA B 269 -20.81 -42.12 -5.13
C ALA B 269 -21.85 -43.04 -5.75
N ALA B 270 -22.25 -42.75 -6.98
CA ALA B 270 -23.20 -43.62 -7.67
C ALA B 270 -22.67 -45.04 -7.78
N GLU B 271 -21.37 -45.19 -8.01
CA GLU B 271 -20.79 -46.52 -8.17
C GLU B 271 -20.71 -47.27 -6.84
N VAL B 272 -20.48 -46.54 -5.75
CA VAL B 272 -20.45 -47.15 -4.42
C VAL B 272 -21.85 -47.58 -4.01
N ALA B 273 -22.83 -46.71 -4.21
CA ALA B 273 -24.21 -46.99 -3.80
C ALA B 273 -24.76 -48.20 -4.53
N ARG B 274 -24.60 -48.24 -5.86
CA ARG B 274 -25.12 -49.33 -6.67
C ARG B 274 -24.24 -50.58 -6.59
N GLN B 275 -23.17 -50.54 -5.81
CA GLN B 275 -22.28 -51.66 -5.60
C GLN B 275 -21.46 -52.01 -6.84
N HIS B 276 -21.34 -51.09 -7.78
CA HIS B 276 -20.33 -51.23 -8.83
C HIS B 276 -18.92 -51.14 -8.24
N LEU B 277 -18.76 -50.43 -7.13
CA LEU B 277 -17.54 -50.37 -6.37
C LEU B 277 -17.88 -50.71 -4.93
N VAL B 278 -17.01 -51.45 -4.26
CA VAL B 278 -17.24 -51.80 -2.87
C VAL B 278 -15.93 -51.59 -2.11
N CYS B 279 -16.00 -50.87 -1.01
CA CYS B 279 -14.81 -50.59 -0.21
C CYS B 279 -14.45 -51.85 0.55
N LEU B 280 -13.33 -52.47 0.19
CA LEU B 280 -12.94 -53.72 0.86
C LEU B 280 -12.28 -53.46 2.21
N GLY B 281 -11.35 -52.50 2.26
CA GLY B 281 -10.67 -52.15 3.48
C GLY B 281 -9.27 -51.62 3.16
N GLU B 282 -8.43 -51.71 4.17
CA GLU B 282 -7.05 -51.24 4.10
C GLU B 282 -6.14 -52.45 4.01
N GLY B 283 -5.23 -52.44 3.04
CA GLY B 283 -4.17 -53.43 3.04
C GLY B 283 -3.29 -53.32 4.26
N ASP B 284 -2.59 -54.41 4.56
CA ASP B 284 -1.75 -54.52 5.74
C ASP B 284 -0.32 -54.00 5.52
N ASP B 285 0.23 -54.07 4.30
CA ASP B 285 1.62 -53.68 4.08
C ASP B 285 1.79 -52.16 4.09
N GLU B 286 2.91 -51.70 4.66
CA GLU B 286 3.26 -50.28 4.70
C GLU B 286 4.08 -49.91 3.46
N TYR B 287 3.65 -48.87 2.75
CA TYR B 287 4.29 -48.39 1.54
C TYR B 287 4.96 -47.03 1.78
N LEU B 288 5.96 -46.72 0.96
CA LEU B 288 6.49 -45.36 0.88
C LEU B 288 6.20 -44.78 -0.49
N ALA B 289 5.73 -43.54 -0.53
CA ALA B 289 5.66 -42.82 -1.79
C ALA B 289 7.06 -42.60 -2.35
N GLN B 290 7.22 -42.81 -3.64
CA GLN B 290 8.46 -42.55 -4.33
C GLN B 290 8.45 -41.11 -4.83
N GLN B 291 9.52 -40.69 -5.54
CA GLN B 291 9.52 -39.33 -6.07
C GLN B 291 8.36 -39.08 -7.03
N SER B 292 7.92 -40.11 -7.76
CA SER B 292 6.57 -40.17 -8.31
C SER B 292 5.60 -40.35 -7.15
N ILE B 293 4.92 -39.26 -6.75
CA ILE B 293 4.15 -39.34 -5.50
C ILE B 293 2.99 -40.33 -5.59
N ARG B 294 2.59 -40.75 -6.79
CA ARG B 294 1.51 -41.71 -6.95
C ARG B 294 2.00 -43.15 -7.00
N THR B 295 3.31 -43.37 -6.89
CA THR B 295 3.91 -44.70 -7.00
C THR B 295 4.45 -45.13 -5.64
N PHE B 296 4.10 -46.33 -5.19
CA PHE B 296 4.41 -46.80 -3.85
C PHE B 296 5.31 -48.03 -3.86
N PHE B 297 6.37 -47.97 -3.07
CA PHE B 297 7.28 -49.08 -2.82
C PHE B 297 6.89 -49.74 -1.51
N ASN B 298 6.86 -51.07 -1.50
CA ASN B 298 6.37 -51.85 -0.37
C ASN B 298 7.51 -52.04 0.62
N THR B 299 7.44 -51.40 1.78
CA THR B 299 8.51 -51.53 2.76
C THR B 299 8.37 -52.80 3.60
N SER B 300 7.14 -53.24 3.85
CA SER B 300 6.94 -54.46 4.63
C SER B 300 7.45 -55.69 3.89
N HIS B 301 7.31 -55.71 2.56
CA HIS B 301 7.80 -56.82 1.75
C HIS B 301 8.43 -56.21 0.49
N PRO B 302 9.70 -55.83 0.55
CA PRO B 302 10.31 -55.14 -0.59
C PRO B 302 10.33 -55.98 -1.85
N GLU B 303 10.21 -57.32 -1.73
CA GLU B 303 10.13 -58.20 -2.87
C GLU B 303 8.85 -57.98 -3.67
N LYS B 304 7.80 -57.44 -3.05
CA LYS B 304 6.53 -57.30 -3.71
C LYS B 304 6.56 -56.16 -4.73
N HIS B 305 5.45 -55.99 -5.45
CA HIS B 305 5.41 -55.04 -6.54
C HIS B 305 5.23 -53.60 -6.04
N TYR B 306 5.83 -52.67 -6.78
CA TYR B 306 5.38 -51.29 -6.71
C TYR B 306 3.91 -51.21 -7.11
N VAL B 307 3.17 -50.32 -6.47
CA VAL B 307 1.80 -50.01 -6.84
C VAL B 307 1.76 -48.55 -7.29
N LYS B 308 1.34 -48.32 -8.53
CA LYS B 308 1.13 -46.98 -9.08
C LYS B 308 -0.38 -46.71 -9.12
N THR B 309 -0.81 -45.64 -8.48
CA THR B 309 -2.23 -45.37 -8.25
C THR B 309 -2.67 -44.13 -9.01
N ALA B 310 -3.99 -43.98 -9.14
CA ALA B 310 -4.56 -42.76 -9.70
C ALA B 310 -4.66 -41.72 -8.60
N LEU B 311 -4.20 -40.50 -8.91
CA LEU B 311 -4.17 -39.44 -7.92
C LEU B 311 -4.51 -38.12 -8.60
N SER B 312 -5.67 -37.57 -8.27
CA SER B 312 -6.26 -36.42 -8.98
C SER B 312 -5.81 -35.10 -8.38
N VAL B 313 -4.50 -34.91 -8.20
CA VAL B 313 -3.95 -33.64 -7.76
C VAL B 313 -3.75 -32.73 -8.98
N ILE B 314 -3.32 -31.48 -8.74
CA ILE B 314 -3.26 -30.43 -9.75
C ILE B 314 -1.79 -30.15 -10.07
N ASN B 315 -1.50 -29.89 -11.35
CA ASN B 315 -0.12 -29.61 -11.77
C ASN B 315 0.10 -28.18 -12.24
N MET B 316 -0.76 -27.64 -13.11
CA MET B 316 -0.64 -26.24 -13.50
C MET B 316 -2.04 -25.70 -13.74
N GLY B 317 -2.92 -25.93 -12.77
CA GLY B 317 -4.34 -25.79 -12.97
C GLY B 317 -5.04 -27.04 -13.47
N PHE B 318 -4.28 -28.04 -13.95
CA PHE B 318 -4.83 -29.24 -14.58
C PHE B 318 -4.80 -30.43 -13.62
N MET B 319 -5.90 -31.22 -13.65
CA MET B 319 -6.08 -32.36 -12.75
C MET B 319 -5.38 -33.59 -13.34
N ARG B 320 -4.38 -34.12 -12.62
CA ARG B 320 -3.64 -35.29 -13.09
C ARG B 320 -4.44 -36.56 -12.76
N GLY B 321 -3.80 -37.72 -12.91
CA GLY B 321 -4.42 -38.99 -12.55
C GLY B 321 -3.72 -40.13 -13.27
N LEU B 322 -4.49 -41.21 -13.46
CA LEU B 322 -4.01 -42.39 -14.18
C LEU B 322 -5.15 -42.87 -15.06
N SER B 323 -4.93 -42.89 -16.38
CA SER B 323 -5.98 -43.19 -17.34
C SER B 323 -6.01 -44.67 -17.69
N ALA B 324 -7.17 -45.14 -18.13
CA ALA B 324 -7.35 -46.53 -18.54
C ALA B 324 -7.21 -46.74 -20.04
N ALA B 325 -6.77 -45.71 -20.79
CA ALA B 325 -6.77 -45.72 -22.25
C ALA B 325 -5.69 -46.65 -22.82
N TYR B 326 -4.43 -46.23 -22.72
CA TYR B 326 -3.31 -47.06 -23.14
C TYR B 326 -2.98 -48.16 -22.13
N MET B 327 -3.89 -48.41 -21.17
CA MET B 327 -3.62 -49.34 -20.09
C MET B 327 -3.68 -50.80 -20.53
N GLU B 328 -4.50 -51.13 -21.54
CA GLU B 328 -4.65 -52.52 -21.94
C GLU B 328 -3.36 -53.10 -22.51
N ALA B 329 -2.44 -52.26 -23.00
CA ALA B 329 -1.23 -52.76 -23.66
C ALA B 329 0.04 -52.43 -22.91
N THR B 330 -0.04 -51.83 -21.73
CA THR B 330 1.16 -51.50 -20.97
C THR B 330 1.99 -52.73 -20.59
N PRO B 331 1.44 -53.83 -20.06
CA PRO B 331 2.27 -55.04 -19.88
C PRO B 331 2.91 -55.56 -21.16
N ALA B 332 2.17 -55.60 -22.27
CA ALA B 332 2.76 -56.17 -23.50
C ALA B 332 3.93 -55.31 -23.99
N ILE B 333 3.84 -53.99 -23.83
CA ILE B 333 4.96 -53.12 -24.19
C ILE B 333 6.20 -53.46 -23.37
N ASN B 334 6.02 -53.69 -22.06
CA ASN B 334 7.12 -54.09 -21.17
C ASN B 334 7.67 -55.46 -21.52
N ASP B 335 6.79 -56.42 -21.84
CA ASP B 335 7.26 -57.74 -22.23
C ASP B 335 8.09 -57.66 -23.50
N TRP B 336 7.65 -56.83 -24.44
CA TRP B 336 8.40 -56.67 -25.68
C TRP B 336 9.78 -56.08 -25.41
N LEU B 337 9.85 -55.02 -24.62
CA LEU B 337 11.14 -54.40 -24.34
C LEU B 337 12.07 -55.35 -23.61
N ALA B 338 11.54 -56.07 -22.61
CA ALA B 338 12.35 -57.04 -21.87
C ALA B 338 12.93 -58.09 -22.82
N GLN B 339 12.08 -58.68 -23.66
CA GLN B 339 12.54 -59.66 -24.63
C GLN B 339 13.61 -59.07 -25.55
N LEU B 340 13.39 -57.83 -25.98
CA LEU B 340 14.36 -57.15 -26.85
C LEU B 340 15.73 -57.06 -26.18
N ILE B 341 15.76 -56.71 -24.89
CA ILE B 341 17.03 -56.65 -24.16
C ILE B 341 17.65 -58.03 -24.04
N GLU B 342 16.86 -59.01 -23.57
CA GLU B 342 17.37 -60.36 -23.42
C GLU B 342 17.97 -60.89 -24.71
N GLY B 343 17.47 -60.44 -25.86
CA GLY B 343 17.90 -60.95 -27.15
C GLY B 343 19.04 -60.21 -27.81
N ASP B 344 19.59 -59.18 -27.19
CA ASP B 344 20.63 -58.36 -27.82
C ASP B 344 21.95 -58.48 -27.06
N PRO B 345 23.00 -59.04 -27.67
CA PRO B 345 24.26 -59.20 -26.92
C PRO B 345 24.84 -57.89 -26.43
N VAL B 346 24.71 -56.79 -27.18
CA VAL B 346 25.24 -55.51 -26.73
C VAL B 346 24.56 -55.05 -25.44
N LEU B 347 23.23 -55.07 -25.41
CA LEU B 347 22.54 -54.64 -24.20
C LEU B 347 22.82 -55.59 -23.04
N LYS B 348 22.79 -56.90 -23.28
CA LYS B 348 23.05 -57.85 -22.19
C LYS B 348 24.43 -57.63 -21.60
N ALA B 349 25.40 -57.19 -22.41
CA ALA B 349 26.76 -56.97 -21.92
C ALA B 349 26.86 -55.75 -21.02
N THR B 350 25.97 -54.76 -21.19
CA THR B 350 25.93 -53.61 -20.30
C THR B 350 25.26 -53.93 -18.98
N GLY B 351 24.59 -55.08 -18.88
CA GLY B 351 23.84 -55.43 -17.71
C GLY B 351 22.47 -54.81 -17.63
N LEU B 352 22.04 -54.12 -18.70
CA LEU B 352 20.78 -53.40 -18.66
C LEU B 352 19.60 -54.32 -18.38
N THR B 353 18.72 -53.89 -17.48
CA THR B 353 17.45 -54.58 -17.28
C THR B 353 16.36 -53.54 -17.12
N ILE B 354 15.13 -54.02 -17.08
CA ILE B 354 14.01 -53.15 -16.73
C ILE B 354 13.23 -53.82 -15.61
N ILE B 355 12.54 -53.00 -14.83
CA ILE B 355 11.49 -53.52 -13.97
C ILE B 355 10.18 -53.30 -14.70
N ARG B 356 9.58 -54.39 -15.14
CA ARG B 356 8.37 -54.35 -15.96
C ARG B 356 7.15 -53.96 -15.14
N GLU B 357 6.33 -53.09 -15.73
CA GLU B 357 4.92 -53.03 -15.41
C GLU B 357 4.33 -54.38 -15.80
N ARG B 358 3.84 -55.14 -14.82
CA ARG B 358 3.43 -56.53 -14.98
C ARG B 358 1.92 -56.72 -15.11
N ALA B 359 1.13 -55.88 -14.43
CA ALA B 359 -0.31 -56.00 -14.40
C ALA B 359 -0.92 -54.60 -14.28
N ALA B 360 -2.07 -54.40 -14.92
CA ALA B 360 -2.78 -53.15 -14.82
C ALA B 360 -4.26 -53.43 -14.67
N VAL B 361 -4.98 -52.49 -14.05
CA VAL B 361 -6.42 -52.60 -13.88
C VAL B 361 -7.02 -51.21 -14.07
N GLY B 362 -8.16 -51.17 -14.76
CA GLY B 362 -8.82 -49.91 -15.04
C GLY B 362 -10.30 -49.99 -14.76
N TYR B 363 -10.87 -48.85 -14.39
CA TYR B 363 -12.29 -48.73 -14.18
C TYR B 363 -12.87 -47.82 -15.26
N ARG B 364 -14.11 -48.08 -15.67
CA ARG B 364 -14.78 -47.28 -16.68
C ARG B 364 -16.10 -46.80 -16.10
N HIS B 365 -16.15 -45.52 -15.74
CA HIS B 365 -17.38 -44.89 -15.28
C HIS B 365 -18.19 -44.51 -16.50
N LEU B 366 -19.22 -45.32 -16.80
CA LEU B 366 -19.89 -45.18 -18.09
C LEU B 366 -20.61 -43.85 -18.20
N GLU B 367 -21.17 -43.36 -17.10
CA GLU B 367 -21.94 -42.12 -17.18
C GLU B 367 -21.03 -40.92 -17.43
N TYR B 368 -19.86 -40.88 -16.81
CA TYR B 368 -18.96 -39.78 -17.12
C TYR B 368 -18.40 -39.93 -18.52
N GLU B 369 -18.26 -41.16 -19.00
CA GLU B 369 -17.81 -41.41 -20.38
C GLU B 369 -18.76 -40.78 -21.39
N LYS B 370 -20.07 -40.97 -21.20
CA LYS B 370 -21.05 -40.34 -22.08
C LYS B 370 -20.95 -38.83 -22.04
N ALA B 371 -20.61 -38.27 -20.89
CA ALA B 371 -20.59 -36.83 -20.70
C ALA B 371 -19.26 -36.17 -21.06
N THR B 372 -18.23 -36.92 -21.43
CA THR B 372 -16.90 -36.32 -21.55
C THR B 372 -16.21 -36.74 -22.83
N ASP B 373 -15.08 -36.10 -23.11
CA ASP B 373 -14.18 -36.50 -24.18
C ASP B 373 -13.06 -37.36 -23.62
N ARG B 374 -12.16 -37.78 -24.52
CA ARG B 374 -11.12 -38.75 -24.16
C ARG B 374 -10.16 -38.22 -23.11
N TYR B 375 -9.96 -36.89 -23.04
CA TYR B 375 -8.92 -36.28 -22.23
C TYR B 375 -9.43 -35.69 -20.92
N SER B 376 -10.67 -35.99 -20.52
CA SER B 376 -11.23 -35.39 -19.31
C SER B 376 -10.66 -36.06 -18.05
N PRO B 377 -10.38 -35.29 -17.00
CA PRO B 377 -9.88 -35.91 -15.76
C PRO B 377 -10.85 -36.89 -15.13
N TYR B 378 -12.13 -36.88 -15.55
CA TYR B 378 -13.08 -37.85 -15.01
C TYR B 378 -12.77 -39.28 -15.46
N ARG B 379 -12.02 -39.45 -16.56
CA ARG B 379 -11.66 -40.79 -17.03
C ARG B 379 -10.36 -41.29 -16.44
N LYS B 380 -9.64 -40.47 -15.69
CA LYS B 380 -8.34 -40.86 -15.15
C LYS B 380 -8.37 -40.99 -13.63
N MET B 381 -9.54 -41.32 -13.08
CA MET B 381 -9.73 -41.27 -11.63
C MET B 381 -9.59 -42.60 -10.92
N LEU B 382 -9.66 -43.73 -11.61
CA LEU B 382 -9.61 -45.02 -10.93
C LEU B 382 -8.93 -46.03 -11.86
N ALA B 383 -7.69 -46.37 -11.52
CA ALA B 383 -6.84 -47.26 -12.30
C ALA B 383 -5.59 -47.48 -11.49
N ALA B 384 -4.91 -48.58 -11.76
CA ALA B 384 -3.69 -48.87 -11.03
C ALA B 384 -2.83 -49.81 -11.86
N LEU B 385 -1.54 -49.77 -11.63
CA LEU B 385 -0.69 -50.78 -12.21
C LEU B 385 0.38 -51.20 -11.22
N TRP B 386 0.92 -52.38 -11.46
CA TRP B 386 1.94 -52.98 -10.62
C TRP B 386 3.24 -53.11 -11.39
N ARG B 387 4.35 -52.77 -10.73
CA ARG B 387 5.68 -52.87 -11.30
C ARG B 387 6.54 -53.82 -10.45
N GLU B 388 7.27 -54.72 -11.11
CA GLU B 388 8.31 -55.53 -10.46
C GLU B 388 9.19 -54.72 -9.52
N SER B 389 9.57 -55.34 -8.38
CA SER B 389 10.60 -54.78 -7.52
C SER B 389 11.99 -55.12 -8.06
N PRO B 390 12.95 -54.19 -7.95
CA PRO B 390 14.35 -54.52 -8.32
C PRO B 390 15.10 -55.23 -7.21
N VAL B 391 14.53 -55.29 -6.01
CA VAL B 391 15.23 -55.85 -4.86
C VAL B 391 15.65 -57.31 -5.05
N PRO B 392 14.80 -58.23 -5.55
CA PRO B 392 15.26 -59.63 -5.64
C PRO B 392 16.37 -59.85 -6.65
N SER B 393 16.63 -58.94 -7.58
CA SER B 393 17.77 -59.08 -8.50
C SER B 393 19.12 -58.89 -7.82
N LEU B 394 19.14 -58.30 -6.62
CA LEU B 394 20.39 -57.86 -6.02
C LEU B 394 21.26 -59.03 -5.55
N ARG B 395 22.53 -59.03 -5.97
CA ARG B 395 23.50 -60.00 -5.49
C ARG B 395 24.21 -59.46 -4.25
N ASP B 396 25.21 -60.20 -3.78
CA ASP B 396 25.93 -59.81 -2.57
C ASP B 396 26.57 -58.43 -2.74
N GLY B 397 26.43 -57.61 -1.72
CA GLY B 397 27.00 -56.29 -1.73
C GLY B 397 26.33 -55.29 -2.64
N GLU B 398 25.31 -55.69 -3.40
CA GLU B 398 24.64 -54.76 -4.30
C GLU B 398 23.58 -53.95 -3.54
N SER B 399 23.45 -52.68 -3.90
CA SER B 399 22.42 -51.80 -3.35
C SER B 399 21.80 -50.99 -4.49
N LEU B 400 20.73 -50.28 -4.17
CA LEU B 400 19.94 -49.56 -5.16
C LEU B 400 19.91 -48.07 -4.85
N ALA B 401 20.07 -47.24 -5.88
CA ALA B 401 19.97 -45.78 -5.75
C ALA B 401 19.35 -45.18 -7.00
N THR B 402 18.35 -44.31 -6.82
CA THR B 402 17.82 -43.53 -7.93
C THR B 402 18.94 -42.74 -8.59
N MET B 403 18.93 -42.73 -9.93
CA MET B 403 19.95 -41.99 -10.66
C MET B 403 19.89 -40.50 -10.36
N ALA B 404 18.72 -40.00 -9.97
CA ALA B 404 18.59 -38.61 -9.55
C ALA B 404 19.60 -38.26 -8.46
N SER B 405 19.98 -39.25 -7.64
CA SER B 405 20.91 -38.99 -6.55
C SER B 405 22.28 -38.58 -7.05
N LEU B 406 22.61 -38.83 -8.32
CA LEU B 406 23.89 -38.35 -8.82
C LEU B 406 23.97 -36.83 -8.86
N LEU B 407 22.84 -36.13 -8.89
CA LEU B 407 22.84 -34.68 -8.89
C LEU B 407 22.71 -34.12 -7.50
N HIS B 408 22.50 -34.97 -6.51
CA HIS B 408 22.18 -34.51 -5.18
C HIS B 408 23.40 -33.87 -4.52
N VAL B 409 23.17 -32.75 -3.87
CA VAL B 409 24.20 -32.03 -3.13
C VAL B 409 23.68 -31.83 -1.72
N ASP B 410 24.49 -32.17 -0.72
CA ASP B 410 24.01 -32.03 0.64
C ASP B 410 24.14 -30.59 1.11
N HIS B 411 23.77 -30.35 2.37
CA HIS B 411 23.76 -29.02 2.96
C HIS B 411 25.12 -28.34 2.91
N ALA B 412 26.21 -29.11 3.02
CA ALA B 412 27.57 -28.55 2.98
C ALA B 412 28.15 -28.45 1.57
N GLY B 413 27.36 -28.75 0.55
CA GLY B 413 27.83 -28.64 -0.81
C GLY B 413 28.58 -29.82 -1.38
N ALA B 414 28.60 -30.97 -0.69
CA ALA B 414 29.29 -32.15 -1.22
C ALA B 414 28.36 -32.97 -2.12
N SER B 415 28.93 -33.45 -3.24
CA SER B 415 28.15 -34.21 -4.22
C SER B 415 27.98 -35.66 -3.78
N PHE B 416 26.75 -36.16 -3.93
CA PHE B 416 26.50 -37.58 -3.75
C PHE B 416 27.32 -38.42 -4.71
N ALA B 417 27.49 -37.96 -5.96
CA ALA B 417 28.33 -38.70 -6.90
C ALA B 417 29.78 -38.73 -6.42
N GLY B 418 30.31 -37.57 -5.99
CA GLY B 418 31.64 -37.54 -5.45
C GLY B 418 31.82 -38.48 -4.27
N ALA B 419 30.77 -38.66 -3.47
CA ALA B 419 30.86 -39.58 -2.34
C ALA B 419 30.95 -41.02 -2.83
N LEU B 420 30.20 -41.36 -3.89
CA LEU B 420 30.33 -42.68 -4.50
C LEU B 420 31.73 -42.87 -5.07
N ILE B 421 32.27 -41.85 -5.76
CA ILE B 421 33.61 -41.97 -6.32
C ILE B 421 34.61 -42.23 -5.21
N ALA B 422 34.52 -41.47 -4.12
CA ALA B 422 35.44 -41.64 -3.00
C ALA B 422 35.33 -43.04 -2.41
N ARG B 423 34.10 -43.54 -2.26
CA ARG B 423 33.93 -44.88 -1.69
C ARG B 423 34.48 -45.96 -2.61
N SER B 424 34.45 -45.73 -3.93
CA SER B 424 34.82 -46.79 -4.87
C SER B 424 36.31 -47.02 -4.92
N GLY B 425 37.11 -45.99 -4.63
CA GLY B 425 38.55 -46.11 -4.77
C GLY B 425 39.04 -46.03 -6.19
N LEU B 426 38.16 -45.72 -7.16
CA LEU B 426 38.55 -45.58 -8.54
C LEU B 426 38.91 -44.13 -8.85
N ALA B 427 39.76 -43.94 -9.85
CA ALA B 427 39.91 -42.62 -10.43
C ALA B 427 38.55 -42.13 -10.95
N PRO B 428 38.26 -40.83 -10.85
CA PRO B 428 36.91 -40.34 -11.22
C PRO B 428 36.52 -40.66 -12.63
N ALA B 429 37.42 -40.48 -13.59
CA ALA B 429 37.08 -40.78 -14.98
C ALA B 429 36.73 -42.24 -15.14
N GLU B 430 37.40 -43.13 -14.40
CA GLU B 430 37.11 -44.55 -14.49
C GLU B 430 35.79 -44.90 -13.81
N TRP B 431 35.50 -44.26 -12.68
CA TRP B 431 34.18 -44.40 -12.08
C TRP B 431 33.11 -43.97 -13.07
N LEU B 432 33.33 -42.82 -13.71
CA LEU B 432 32.41 -42.29 -14.70
C LEU B 432 32.26 -43.23 -15.88
N ARG B 433 33.38 -43.78 -16.36
CA ARG B 433 33.35 -44.65 -17.52
C ARG B 433 32.45 -45.85 -17.26
N ARG B 434 32.46 -46.38 -16.05
CA ARG B 434 31.62 -47.52 -15.73
C ARG B 434 30.16 -47.12 -15.62
N TYR B 435 29.88 -45.95 -15.02
CA TYR B 435 28.51 -45.43 -15.04
C TYR B 435 28.01 -45.23 -16.46
N LEU B 436 28.85 -44.66 -17.34
CA LEU B 436 28.43 -44.41 -18.72
C LEU B 436 28.16 -45.72 -19.48
N ARG B 437 29.06 -46.71 -19.35
CA ARG B 437 28.82 -48.00 -20.00
C ARG B 437 27.53 -48.65 -19.49
N ALA B 438 27.17 -48.36 -18.24
CA ALA B 438 25.98 -48.96 -17.63
C ALA B 438 24.69 -48.30 -18.07
N TYR B 439 24.67 -46.97 -18.20
CA TYR B 439 23.44 -46.23 -18.42
C TYR B 439 23.36 -45.59 -19.79
N TYR B 440 24.47 -45.06 -20.30
CA TYR B 440 24.54 -44.27 -21.54
C TYR B 440 24.72 -45.13 -22.78
N THR B 441 25.61 -46.12 -22.72
CA THR B 441 25.79 -47.01 -23.86
C THR B 441 24.50 -47.66 -24.32
N PRO B 442 23.64 -48.20 -23.43
CA PRO B 442 22.37 -48.75 -23.92
C PRO B 442 21.49 -47.72 -24.61
N LEU B 443 21.50 -46.46 -24.17
CA LEU B 443 20.73 -45.42 -24.86
C LEU B 443 21.21 -45.24 -26.29
N LEU B 444 22.53 -45.11 -26.47
CA LEU B 444 23.08 -44.97 -27.82
C LEU B 444 22.71 -46.17 -28.66
N HIS B 445 22.91 -47.37 -28.12
CA HIS B 445 22.58 -48.58 -28.88
C HIS B 445 21.09 -48.64 -29.19
N SER B 446 20.24 -48.32 -28.21
CA SER B 446 18.80 -48.31 -28.47
C SER B 446 18.45 -47.38 -29.63
N PHE B 447 19.02 -46.17 -29.64
CA PHE B 447 18.73 -45.21 -30.70
C PHE B 447 19.21 -45.71 -32.06
N TYR B 448 20.46 -46.19 -32.13
CA TYR B 448 21.01 -46.53 -33.44
C TYR B 448 20.54 -47.90 -33.93
N ALA B 449 20.44 -48.88 -33.04
CA ALA B 449 20.06 -50.22 -33.51
C ALA B 449 18.56 -50.35 -33.71
N TYR B 450 17.74 -49.67 -32.89
CA TYR B 450 16.30 -49.88 -32.91
C TYR B 450 15.48 -48.61 -33.12
N ASP B 451 16.11 -47.45 -33.27
CA ASP B 451 15.40 -46.17 -33.37
C ASP B 451 14.59 -45.89 -32.12
N LEU B 452 15.05 -46.44 -31.00
CA LEU B 452 14.30 -46.50 -29.76
C LEU B 452 14.84 -45.49 -28.77
N VAL B 453 13.96 -44.66 -28.21
CA VAL B 453 14.32 -43.65 -27.20
C VAL B 453 13.39 -43.77 -26.01
N TYR B 454 13.79 -43.12 -24.90
CA TYR B 454 13.04 -43.20 -23.66
C TYR B 454 12.70 -41.82 -23.14
N MET B 455 12.24 -41.73 -21.89
CA MET B 455 12.27 -40.44 -21.20
C MET B 455 13.40 -40.52 -20.18
N PRO B 456 14.66 -40.50 -20.62
CA PRO B 456 15.77 -40.94 -19.76
C PRO B 456 16.22 -39.86 -18.78
N HIS B 457 15.41 -39.60 -17.77
CA HIS B 457 15.74 -38.66 -16.72
C HIS B 457 16.03 -39.38 -15.41
N GLY B 458 16.37 -38.60 -14.39
CA GLY B 458 16.90 -39.16 -13.15
C GLY B 458 15.91 -39.99 -12.36
N GLU B 459 14.62 -39.65 -12.45
CA GLU B 459 13.62 -40.34 -11.64
C GLU B 459 13.19 -41.68 -12.22
N ASN B 460 13.48 -41.97 -13.49
CA ASN B 460 13.03 -43.24 -14.05
C ASN B 460 14.20 -44.16 -14.41
N VAL B 461 15.35 -43.97 -13.76
CA VAL B 461 16.48 -44.88 -13.83
C VAL B 461 16.94 -45.21 -12.42
N ILE B 462 17.16 -46.49 -12.14
CA ILE B 462 17.67 -46.96 -10.86
C ILE B 462 19.07 -47.53 -11.07
N LEU B 463 20.02 -47.10 -10.27
CA LEU B 463 21.38 -47.58 -10.35
C LEU B 463 21.61 -48.67 -9.32
N VAL B 464 22.37 -49.68 -9.73
CA VAL B 464 22.79 -50.78 -8.86
C VAL B 464 24.26 -50.54 -8.53
N LEU B 465 24.55 -50.42 -7.25
CA LEU B 465 25.86 -50.03 -6.77
C LEU B 465 26.48 -51.21 -6.04
N LYS B 466 27.76 -51.42 -6.26
CA LYS B 466 28.55 -52.37 -5.49
C LYS B 466 29.84 -51.65 -5.14
N ASP B 467 30.12 -51.50 -3.85
CA ASP B 467 31.32 -50.82 -3.37
C ASP B 467 31.49 -49.44 -3.99
N GLY B 468 30.38 -48.69 -4.08
CA GLY B 468 30.39 -47.36 -4.64
C GLY B 468 30.40 -47.28 -6.16
N VAL B 469 30.53 -48.42 -6.86
CA VAL B 469 30.64 -48.44 -8.33
C VAL B 469 29.28 -48.77 -8.93
N VAL B 470 28.97 -48.16 -10.07
CA VAL B 470 27.74 -48.50 -10.79
C VAL B 470 27.97 -49.81 -11.53
N GLU B 471 27.35 -50.90 -11.05
CA GLU B 471 27.45 -52.19 -11.76
C GLU B 471 26.57 -52.23 -12.99
N ARG B 472 25.35 -51.69 -12.90
CA ARG B 472 24.37 -51.81 -13.96
C ARG B 472 23.26 -50.83 -13.66
N ALA B 473 22.43 -50.57 -14.67
CA ALA B 473 21.31 -49.66 -14.56
C ALA B 473 20.00 -50.40 -14.85
N ILE B 474 18.93 -49.92 -14.22
CA ILE B 474 17.57 -50.47 -14.33
C ILE B 474 16.67 -49.33 -14.79
N TYR B 475 15.97 -49.53 -15.91
CA TYR B 475 15.00 -48.55 -16.39
C TYR B 475 13.60 -48.85 -15.87
N LYS B 476 12.80 -47.80 -15.72
CA LYS B 476 11.38 -47.94 -15.38
C LYS B 476 10.63 -46.78 -16.01
N ASP B 477 9.31 -46.76 -15.81
CA ASP B 477 8.42 -45.80 -16.47
C ASP B 477 8.51 -45.96 -17.99
N ILE B 478 8.21 -47.18 -18.43
CA ILE B 478 8.45 -47.59 -19.81
C ILE B 478 7.33 -47.18 -20.74
N ALA B 479 6.13 -47.74 -20.54
CA ALA B 479 5.09 -47.71 -21.57
C ALA B 479 4.75 -46.27 -21.98
N GLU B 480 4.57 -45.38 -21.01
CA GLU B 480 4.13 -44.03 -21.32
C GLU B 480 5.24 -43.19 -21.95
N GLU B 481 6.48 -43.66 -21.91
CA GLU B 481 7.61 -42.85 -22.30
C GLU B 481 8.35 -43.31 -23.54
N ILE B 482 8.29 -44.59 -23.91
CA ILE B 482 9.17 -45.07 -24.95
C ILE B 482 8.57 -44.77 -26.32
N CYS B 483 9.44 -44.71 -27.31
CA CYS B 483 9.08 -44.29 -28.65
C CYS B 483 10.05 -44.93 -29.64
N VAL B 484 9.51 -45.54 -30.69
CA VAL B 484 10.30 -46.07 -31.80
C VAL B 484 10.10 -45.10 -32.96
N MET B 485 11.17 -44.38 -33.32
CA MET B 485 11.11 -43.38 -34.39
C MET B 485 11.33 -44.05 -35.74
N ASP B 486 10.34 -44.85 -36.12
CA ASP B 486 10.29 -45.59 -37.37
C ASP B 486 8.86 -46.11 -37.55
N PRO B 487 8.08 -45.51 -38.44
CA PRO B 487 6.70 -45.98 -38.67
C PRO B 487 6.61 -47.40 -39.21
N ASP B 488 7.69 -47.94 -39.79
CA ASP B 488 7.66 -49.23 -40.48
C ASP B 488 8.39 -50.33 -39.72
N ALA B 489 8.74 -50.09 -38.46
CA ALA B 489 9.45 -51.08 -37.65
C ALA B 489 8.56 -52.26 -37.27
N VAL B 490 9.15 -53.45 -37.22
CA VAL B 490 8.43 -54.69 -36.94
C VAL B 490 8.12 -54.79 -35.44
N LEU B 491 6.84 -54.79 -35.10
CA LEU B 491 6.38 -54.78 -33.71
C LEU B 491 5.13 -55.62 -33.57
N PRO B 492 4.87 -56.17 -32.38
CA PRO B 492 3.59 -56.82 -32.11
C PRO B 492 2.45 -55.84 -32.22
N PRO B 493 1.22 -56.33 -32.45
CA PRO B 493 0.08 -55.41 -32.62
C PRO B 493 -0.13 -54.46 -31.46
N GLU B 494 -0.20 -55.00 -30.24
CA GLU B 494 -0.38 -54.14 -29.07
C GLU B 494 0.81 -53.22 -28.84
N VAL B 495 1.97 -53.49 -29.45
CA VAL B 495 3.16 -52.64 -29.26
C VAL B 495 3.35 -51.62 -30.37
N GLN B 496 2.63 -51.74 -31.50
CA GLN B 496 2.80 -50.83 -32.63
C GLN B 496 2.48 -49.37 -32.28
N ARG B 497 1.73 -49.13 -31.19
CA ARG B 497 1.35 -47.77 -30.80
C ARG B 497 2.54 -46.88 -30.45
N ILE B 498 3.70 -47.47 -30.11
CA ILE B 498 4.86 -46.66 -29.70
C ILE B 498 5.65 -46.10 -30.87
N ARG B 499 5.24 -46.38 -32.11
CA ARG B 499 5.89 -45.80 -33.28
C ARG B 499 5.47 -44.35 -33.46
N ALA B 500 6.35 -43.56 -34.07
CA ALA B 500 6.08 -42.16 -34.38
C ALA B 500 7.02 -41.69 -35.49
N GLU B 501 6.54 -40.76 -36.32
CA GLU B 501 7.35 -40.08 -37.31
C GLU B 501 7.68 -38.68 -36.79
N VAL B 502 8.96 -38.45 -36.47
CA VAL B 502 9.44 -37.14 -36.05
C VAL B 502 10.53 -36.69 -37.02
N PRO B 503 10.73 -35.38 -37.21
CA PRO B 503 11.69 -34.93 -38.23
C PRO B 503 13.10 -35.43 -37.95
N GLU B 504 13.88 -35.60 -39.03
CA GLU B 504 15.19 -36.20 -38.92
C GLU B 504 16.15 -35.35 -38.07
N ASP B 505 16.01 -34.02 -38.14
CA ASP B 505 16.86 -33.12 -37.37
C ASP B 505 16.43 -33.00 -35.92
N THR B 506 15.40 -33.74 -35.53
CA THR B 506 14.88 -33.77 -34.18
C THR B 506 15.23 -35.05 -33.44
N LYS B 507 15.50 -36.13 -34.16
CA LYS B 507 15.60 -37.45 -33.54
C LYS B 507 16.71 -37.49 -32.51
N LEU B 508 17.86 -36.91 -32.83
CA LEU B 508 19.02 -36.96 -31.95
C LEU B 508 18.87 -36.07 -30.71
N LEU B 509 17.94 -35.11 -30.72
CA LEU B 509 17.72 -34.29 -29.54
C LEU B 509 17.35 -35.11 -28.32
N SER B 510 16.81 -36.31 -28.50
CA SER B 510 16.49 -37.16 -27.35
C SER B 510 17.74 -37.49 -26.53
N VAL B 511 18.91 -37.47 -27.15
CA VAL B 511 20.16 -37.61 -26.41
C VAL B 511 20.71 -36.26 -26.01
N PHE B 512 20.80 -35.32 -26.95
CA PHE B 512 21.45 -34.05 -26.64
C PHE B 512 20.69 -33.28 -25.59
N THR B 513 19.35 -33.32 -25.63
CA THR B 513 18.58 -32.56 -24.66
C THR B 513 18.40 -33.32 -23.35
N ASP B 514 17.87 -34.53 -23.43
CA ASP B 514 17.44 -35.20 -22.21
C ASP B 514 18.61 -35.74 -21.42
N VAL B 515 19.67 -36.18 -22.09
CA VAL B 515 20.85 -36.69 -21.41
C VAL B 515 21.85 -35.58 -21.13
N PHE B 516 22.39 -34.95 -22.19
CA PHE B 516 23.47 -33.98 -22.01
C PHE B 516 22.98 -32.74 -21.28
N ASP B 517 21.98 -32.05 -21.84
CA ASP B 517 21.59 -30.72 -21.34
C ASP B 517 20.72 -30.78 -20.08
N CYS B 518 20.03 -31.88 -19.83
CA CYS B 518 19.15 -31.94 -18.67
C CYS B 518 19.68 -32.84 -17.57
N PHE B 519 20.84 -33.44 -17.76
CA PHE B 519 21.36 -34.28 -16.70
C PHE B 519 22.89 -34.23 -16.63
N PHE B 520 23.59 -34.55 -17.73
CA PHE B 520 25.05 -34.50 -17.68
C PHE B 520 25.56 -33.10 -17.38
N ARG B 521 24.86 -32.07 -17.88
CA ARG B 521 25.27 -30.70 -17.63
C ARG B 521 25.44 -30.45 -16.14
N PHE B 522 24.51 -30.98 -15.35
CA PHE B 522 24.57 -30.78 -13.91
C PHE B 522 25.62 -31.67 -13.26
N LEU B 523 25.73 -32.93 -13.69
CA LEU B 523 26.69 -33.81 -13.05
C LEU B 523 28.12 -33.33 -13.30
N ALA B 524 28.44 -32.93 -14.53
CA ALA B 524 29.76 -32.38 -14.84
C ALA B 524 30.09 -31.19 -13.96
N VAL B 525 29.16 -30.24 -13.84
CA VAL B 525 29.43 -29.07 -13.01
C VAL B 525 29.59 -29.44 -11.55
N ASN B 526 28.80 -30.40 -11.06
CA ASN B 526 28.94 -30.73 -9.65
C ASN B 526 30.31 -31.35 -9.35
N LEU B 527 30.76 -32.27 -10.21
CA LEU B 527 32.06 -32.90 -9.98
C LEU B 527 33.20 -31.92 -10.22
N ALA B 528 33.03 -30.97 -11.14
CA ALA B 528 34.03 -29.93 -11.32
C ALA B 528 34.07 -28.98 -10.12
N SER B 529 32.92 -28.67 -9.53
CA SER B 529 32.89 -27.76 -8.37
C SER B 529 33.55 -28.40 -7.16
N GLU B 530 33.38 -29.70 -6.99
CA GLU B 530 34.02 -30.39 -5.87
C GLU B 530 35.51 -30.64 -6.08
N GLY B 531 36.07 -30.28 -7.24
CA GLY B 531 37.45 -30.59 -7.54
C GLY B 531 37.71 -32.06 -7.83
N VAL B 532 36.66 -32.82 -8.09
CA VAL B 532 36.79 -34.26 -8.32
C VAL B 532 37.20 -34.55 -9.75
N LEU B 533 36.56 -33.89 -10.72
CA LEU B 533 36.80 -34.11 -12.14
C LEU B 533 36.59 -32.81 -12.89
N GLU B 534 37.56 -32.43 -13.71
CA GLU B 534 37.40 -31.24 -14.54
C GLU B 534 36.36 -31.50 -15.63
N GLU B 535 35.64 -30.44 -15.99
CA GLU B 535 34.61 -30.54 -17.02
C GLU B 535 35.14 -31.14 -18.30
N ASP B 536 36.30 -30.68 -18.75
CA ASP B 536 36.85 -31.23 -19.98
C ASP B 536 37.11 -32.73 -19.85
N ASP B 537 37.51 -33.19 -18.68
CA ASP B 537 37.76 -34.62 -18.53
C ASP B 537 36.46 -35.41 -18.46
N PHE B 538 35.40 -34.80 -17.92
CA PHE B 538 34.08 -35.43 -17.97
C PHE B 538 33.67 -35.69 -19.43
N TRP B 539 33.60 -34.62 -20.23
CA TRP B 539 33.13 -34.73 -21.60
C TRP B 539 34.07 -35.56 -22.46
N ARG B 540 35.39 -35.44 -22.26
CA ARG B 540 36.30 -36.34 -22.96
C ARG B 540 35.93 -37.80 -22.69
N THR B 541 35.46 -38.10 -21.48
CA THR B 541 35.11 -39.48 -21.16
C THR B 541 33.83 -39.88 -21.87
N VAL B 542 32.85 -38.98 -21.92
CA VAL B 542 31.63 -39.23 -22.67
C VAL B 542 31.96 -39.51 -24.13
N ALA B 543 32.82 -38.69 -24.71
CA ALA B 543 33.26 -38.86 -26.09
C ALA B 543 33.89 -40.22 -26.30
N GLU B 544 34.84 -40.60 -25.43
CA GLU B 544 35.49 -41.90 -25.55
C GLU B 544 34.48 -43.04 -25.50
N VAL B 545 33.49 -42.94 -24.61
CA VAL B 545 32.50 -44.01 -24.50
C VAL B 545 31.66 -44.05 -25.75
N THR B 546 31.32 -42.88 -26.30
CA THR B 546 30.61 -42.80 -27.57
C THR B 546 31.41 -43.46 -28.69
N ARG B 547 32.70 -43.09 -28.84
CA ARG B 547 33.52 -43.72 -29.89
C ARG B 547 33.69 -45.20 -29.65
N GLU B 548 33.87 -45.59 -28.39
CA GLU B 548 34.04 -47.01 -28.07
C GLU B 548 32.80 -47.80 -28.49
N TYR B 549 31.60 -47.24 -28.28
CA TYR B 549 30.41 -47.89 -28.77
C TYR B 549 30.39 -47.95 -30.30
N GLN B 550 30.68 -46.82 -30.97
CA GLN B 550 30.57 -46.83 -32.43
C GLN B 550 31.55 -47.80 -33.05
N GLU B 551 32.80 -47.80 -32.56
CA GLU B 551 33.79 -48.74 -33.07
C GLU B 551 33.37 -50.19 -32.86
N SER B 552 32.49 -50.48 -31.91
CA SER B 552 32.06 -51.86 -31.71
C SER B 552 30.91 -52.25 -32.62
N MET B 553 30.28 -51.29 -33.31
CA MET B 553 29.19 -51.56 -34.25
C MET B 553 29.46 -50.93 -35.61
N PRO B 554 30.41 -51.47 -36.37
CA PRO B 554 30.66 -50.90 -37.71
C PRO B 554 29.50 -51.08 -38.68
N GLU B 555 28.57 -52.00 -38.43
CA GLU B 555 27.46 -52.18 -39.37
C GLU B 555 26.42 -51.08 -39.27
N LEU B 556 26.51 -50.20 -38.28
CA LEU B 556 25.63 -49.04 -38.17
C LEU B 556 26.35 -47.75 -38.54
N ALA B 557 27.53 -47.85 -39.16
CA ALA B 557 28.38 -46.68 -39.42
C ALA B 557 27.63 -45.59 -40.17
N ASP B 558 26.86 -45.97 -41.21
CA ASP B 558 26.10 -44.97 -41.95
C ASP B 558 25.14 -44.21 -41.05
N LYS B 559 24.52 -44.89 -40.08
CA LYS B 559 23.65 -44.20 -39.14
C LYS B 559 24.42 -43.23 -38.28
N PHE B 560 25.65 -43.61 -37.88
CA PHE B 560 26.47 -42.72 -37.07
C PHE B 560 26.76 -41.45 -37.81
N ARG B 561 26.82 -41.54 -39.12
CA ARG B 561 27.06 -40.28 -39.75
C ARG B 561 25.81 -39.52 -40.12
N GLN B 562 24.70 -40.21 -40.34
CA GLN B 562 23.43 -39.53 -40.55
C GLN B 562 22.97 -38.77 -39.31
N TYR B 563 23.18 -39.34 -38.12
CA TYR B 563 22.85 -38.75 -36.83
C TYR B 563 24.15 -38.63 -36.06
N ASP B 564 24.84 -37.51 -36.24
CA ASP B 564 26.21 -37.35 -35.76
C ASP B 564 26.19 -36.91 -34.29
N MET B 565 26.55 -37.84 -33.40
CA MET B 565 26.76 -37.50 -32.00
C MET B 565 27.88 -36.45 -31.82
N PHE B 566 28.73 -36.24 -32.84
CA PHE B 566 29.84 -35.31 -32.75
C PHE B 566 29.60 -34.04 -33.57
N ALA B 567 28.36 -33.77 -33.95
CA ALA B 567 28.02 -32.54 -34.66
C ALA B 567 28.43 -31.32 -33.83
N PRO B 568 28.75 -30.19 -34.48
CA PRO B 568 29.27 -29.04 -33.73
C PRO B 568 28.27 -28.43 -32.77
N GLU B 569 26.98 -28.46 -33.10
CA GLU B 569 25.97 -27.77 -32.32
C GLU B 569 24.68 -28.57 -32.35
N PHE B 570 23.83 -28.33 -31.36
CA PHE B 570 22.49 -28.88 -31.36
C PHE B 570 21.54 -27.84 -30.76
N ALA B 571 20.24 -28.07 -30.99
CA ALA B 571 19.26 -27.05 -30.65
C ALA B 571 19.14 -26.91 -29.15
N LEU B 572 18.96 -25.67 -28.69
CA LEU B 572 18.72 -25.39 -27.29
C LEU B 572 17.22 -25.57 -27.04
N SER B 573 16.84 -26.71 -26.47
CA SER B 573 15.44 -26.95 -26.15
C SER B 573 15.18 -26.45 -24.74
N CYS B 574 14.10 -25.70 -24.58
CA CYS B 574 13.86 -24.90 -23.40
C CYS B 574 12.67 -25.44 -22.59
N LEU B 575 12.99 -26.11 -21.49
CA LEU B 575 11.95 -26.76 -20.68
C LEU B 575 11.09 -25.77 -19.91
N ASN B 576 11.67 -24.70 -19.38
CA ASN B 576 10.85 -23.75 -18.65
C ASN B 576 9.94 -22.96 -19.58
N ARG B 577 10.39 -22.70 -20.82
CA ARG B 577 9.52 -22.07 -21.82
C ARG B 577 8.23 -22.84 -22.02
N LEU B 578 8.31 -24.17 -22.15
CA LEU B 578 7.11 -24.97 -22.25
C LEU B 578 6.19 -24.75 -21.05
N GLN B 579 6.69 -24.98 -19.84
CA GLN B 579 5.84 -24.97 -18.65
C GLN B 579 5.17 -23.61 -18.44
N LEU B 580 5.82 -22.52 -18.83
CA LEU B 580 5.23 -21.19 -18.70
C LEU B 580 4.15 -20.90 -19.74
N ARG B 581 3.88 -21.85 -20.65
CA ARG B 581 2.84 -21.69 -21.65
C ARG B 581 1.78 -22.79 -21.60
N ASN B 582 1.93 -23.77 -20.70
CA ASN B 582 1.07 -24.97 -20.65
C ASN B 582 1.06 -25.68 -21.99
N ASN B 583 2.23 -25.79 -22.61
CA ASN B 583 2.37 -26.46 -23.90
C ASN B 583 3.56 -27.42 -23.89
N LEU B 598 12.40 -24.54 -29.03
CA LEU B 598 13.68 -24.47 -29.73
C LEU B 598 14.04 -23.03 -30.12
N VAL B 599 15.04 -22.48 -29.44
CA VAL B 599 15.49 -21.11 -29.65
C VAL B 599 17.01 -21.03 -29.51
N GLY B 600 17.72 -21.07 -30.64
CA GLY B 600 19.17 -21.00 -30.61
C GLY B 600 19.83 -22.36 -30.49
N THR B 601 21.15 -22.33 -30.33
CA THR B 601 21.93 -23.56 -30.32
C THR B 601 22.94 -23.53 -29.17
N LEU B 602 23.36 -24.73 -28.78
CA LEU B 602 24.41 -24.97 -27.80
C LEU B 602 25.59 -25.65 -28.49
N ARG B 603 26.82 -25.29 -28.10
CA ARG B 603 27.98 -26.01 -28.61
C ARG B 603 28.00 -27.42 -28.01
N ASN B 604 28.08 -28.43 -28.86
CA ASN B 604 28.07 -29.82 -28.37
C ASN B 604 29.33 -30.08 -27.58
N PRO B 605 29.24 -30.49 -26.31
CA PRO B 605 30.45 -30.66 -25.48
C PRO B 605 31.45 -31.65 -26.03
N ILE B 606 31.11 -32.40 -27.07
CA ILE B 606 32.08 -33.26 -27.74
C ILE B 606 32.52 -32.57 -29.02
N ALA B 607 33.54 -31.73 -28.89
CA ALA B 607 34.05 -31.03 -30.07
C ALA B 607 35.22 -31.83 -30.61
N GLY B 608 36.44 -31.44 -30.20
CA GLY B 608 37.63 -32.18 -30.55
C GLY B 608 37.83 -33.44 -29.76
N PHE B 609 37.02 -33.66 -28.74
CA PHE B 609 37.05 -34.89 -27.96
C PHE B 609 36.56 -36.06 -28.83
N HIS C 20 8.97 35.27 23.01
CA HIS C 20 8.76 36.65 23.40
C HIS C 20 7.30 37.03 23.30
N MET C 21 6.79 37.74 24.29
CA MET C 21 5.44 38.28 24.14
C MET C 21 5.44 39.74 23.73
N SER C 22 6.27 40.60 24.35
CA SER C 22 6.24 42.01 23.99
C SER C 22 7.25 42.32 22.89
N LEU C 23 6.98 43.39 22.13
CA LEU C 23 7.88 43.79 21.06
C LEU C 23 9.24 44.17 21.60
N ALA C 24 9.30 44.70 22.83
CA ALA C 24 10.58 45.01 23.46
C ALA C 24 11.44 43.76 23.64
N ASP C 25 10.84 42.67 24.13
CA ASP C 25 11.63 41.45 24.32
C ASP C 25 12.14 40.90 23.00
N SER C 26 11.43 41.17 21.89
CA SER C 26 11.81 40.60 20.61
C SER C 26 13.21 41.05 20.14
N VAL C 27 13.77 42.13 20.69
CA VAL C 27 15.05 42.64 20.20
C VAL C 27 16.03 42.90 21.34
N ALA C 28 15.64 42.56 22.57
CA ALA C 28 16.44 42.98 23.72
C ALA C 28 17.86 42.42 23.68
N HIS C 29 18.07 41.27 23.06
CA HIS C 29 19.41 40.72 22.98
C HIS C 29 20.31 41.42 21.98
N LEU C 30 19.74 42.22 21.09
CA LEU C 30 20.48 42.83 19.98
C LEU C 30 20.83 44.26 20.36
N SER C 31 22.07 44.48 20.76
CA SER C 31 22.56 45.80 21.11
C SER C 31 23.84 46.06 20.33
N PRO C 32 24.19 47.33 20.11
CA PRO C 32 25.44 47.62 19.41
C PRO C 32 26.65 46.96 20.06
N GLU C 33 26.68 46.84 21.40
CA GLU C 33 27.85 46.30 22.08
C GLU C 33 27.96 44.79 21.91
N ARG C 34 26.87 44.07 22.18
CA ARG C 34 26.88 42.62 22.01
C ARG C 34 27.07 42.26 20.55
N TRP C 35 26.49 43.05 19.65
CA TRP C 35 26.67 42.77 18.23
C TRP C 35 28.13 42.94 17.84
N GLU C 36 28.79 43.95 18.42
CA GLU C 36 30.21 44.15 18.15
C GLU C 36 31.04 42.99 18.69
N GLN C 37 30.78 42.57 19.93
CA GLN C 37 31.45 41.40 20.48
C GLN C 37 31.25 40.17 19.58
N ALA C 38 30.00 39.88 19.22
CA ALA C 38 29.70 38.70 18.44
C ALA C 38 30.44 38.72 17.10
N ASN C 39 30.47 39.88 16.46
CA ASN C 39 31.17 40.01 15.18
C ASN C 39 32.67 39.75 15.35
N ARG C 40 33.26 40.27 16.43
CA ARG C 40 34.68 40.05 16.68
C ARG C 40 34.98 38.57 16.90
N LEU C 41 34.16 37.89 17.70
CA LEU C 41 34.39 36.46 17.93
C LEU C 41 34.22 35.67 16.64
N LEU C 42 33.20 36.00 15.86
CA LEU C 42 32.96 35.19 14.68
C LEU C 42 34.06 35.38 13.65
N ILE C 43 34.55 36.61 13.47
CA ILE C 43 35.68 36.79 12.56
C ILE C 43 36.93 36.10 13.11
N ARG C 44 37.17 36.18 14.42
CA ARG C 44 38.31 35.48 15.01
C ARG C 44 38.26 33.99 14.69
N LYS C 45 37.06 33.38 14.79
CA LYS C 45 36.92 31.97 14.47
C LYS C 45 37.05 31.73 12.98
N ALA C 46 36.44 32.60 12.17
CA ALA C 46 36.46 32.36 10.73
C ALA C 46 37.88 32.42 10.19
N LEU C 47 38.66 33.41 10.63
CA LEU C 47 40.06 33.51 10.22
C LEU C 47 40.83 32.25 10.61
N ALA C 48 40.73 31.87 11.89
CA ALA C 48 41.50 30.72 12.39
C ALA C 48 41.22 29.46 11.58
N GLU C 49 39.95 29.19 11.29
CA GLU C 49 39.55 27.93 10.66
C GLU C 49 39.68 27.96 9.15
N PHE C 50 39.39 29.09 8.51
CA PHE C 50 39.67 29.19 7.09
C PHE C 50 41.17 29.05 6.79
N ALA C 51 42.02 29.54 7.69
CA ALA C 51 43.46 29.43 7.49
C ALA C 51 43.92 27.99 7.69
N HIS C 52 43.38 27.33 8.71
CA HIS C 52 43.60 25.90 8.90
C HIS C 52 43.23 25.13 7.65
N GLU C 53 42.06 25.39 7.06
CA GLU C 53 41.64 24.72 5.82
C GLU C 53 42.31 25.30 4.59
N ARG C 54 43.22 26.26 4.76
CA ARG C 54 43.96 26.87 3.67
C ARG C 54 43.02 27.47 2.63
N LEU C 55 41.82 27.88 3.07
CA LEU C 55 41.00 28.75 2.24
C LEU C 55 41.59 30.15 2.15
N ILE C 56 42.32 30.57 3.19
CA ILE C 56 43.11 31.80 3.17
C ILE C 56 44.50 31.46 3.67
N THR C 57 45.49 32.17 3.15
CA THR C 57 46.89 32.01 3.55
C THR C 57 47.36 33.34 4.12
N PRO C 58 47.30 33.53 5.45
CA PRO C 58 47.78 34.78 6.04
C PRO C 58 49.27 34.98 5.78
N GLU C 59 49.66 36.23 5.59
CA GLU C 59 51.01 36.61 5.21
C GLU C 59 51.68 37.37 6.35
N ARG C 60 52.95 37.01 6.64
CA ARG C 60 53.69 37.68 7.69
C ARG C 60 53.95 39.15 7.33
N ASP C 61 53.77 40.04 8.30
CA ASP C 61 53.94 41.47 8.13
C ASP C 61 54.65 42.05 9.34
N GLY C 62 55.80 41.47 9.67
CA GLY C 62 56.43 41.74 10.94
C GLY C 62 55.95 40.73 11.96
N ASP C 63 55.71 41.17 13.19
CA ASP C 63 55.17 40.31 14.24
C ASP C 63 53.64 40.22 14.18
N VAL C 64 53.06 40.48 13.01
CA VAL C 64 51.62 40.54 12.78
C VAL C 64 51.31 39.72 11.54
N TYR C 65 50.11 39.15 11.50
CA TYR C 65 49.62 38.46 10.32
C TYR C 65 48.58 39.33 9.63
N VAL C 66 48.44 39.16 8.33
CA VAL C 66 47.54 39.97 7.51
C VAL C 66 46.81 39.07 6.53
N VAL C 67 45.50 39.24 6.44
CA VAL C 67 44.68 38.52 5.46
C VAL C 67 43.90 39.57 4.70
N ARG C 68 43.91 39.48 3.37
CA ARG C 68 43.34 40.51 2.51
C ARG C 68 42.16 39.94 1.74
N SER C 69 41.22 40.83 1.40
CA SER C 69 40.02 40.47 0.63
C SER C 69 40.35 39.91 -0.75
N ASP C 70 39.32 39.56 -1.53
CA ASP C 70 39.55 39.08 -2.88
C ASP C 70 40.27 40.13 -3.73
N ASP C 71 39.80 41.37 -3.68
CA ASP C 71 40.60 42.49 -4.13
C ASP C 71 41.53 42.91 -3.00
N GLY C 72 42.52 43.71 -3.32
CA GLY C 72 43.37 44.09 -2.21
C GLY C 72 42.81 45.20 -1.35
N LEU C 73 41.58 45.63 -1.62
CA LEU C 73 41.05 46.83 -0.99
C LEU C 73 41.13 46.75 0.53
N THR C 74 40.73 45.61 1.10
CA THR C 74 40.53 45.50 2.54
C THR C 74 41.47 44.48 3.15
N GLY C 75 42.10 44.85 4.24
CA GLY C 75 43.02 43.97 4.95
C GLY C 75 42.57 43.74 6.39
N TYR C 76 42.73 42.49 6.84
CA TYR C 76 42.48 42.09 8.22
C TYR C 76 43.82 41.80 8.90
N ARG C 77 44.11 42.51 9.99
CA ARG C 77 45.41 42.41 10.65
C ARG C 77 45.22 41.83 12.05
N PHE C 78 46.07 40.87 12.40
CA PHE C 78 45.89 40.19 13.69
C PHE C 78 47.19 39.52 14.11
N THR C 79 47.39 39.49 15.43
CA THR C 79 48.46 38.70 16.02
C THR C 79 47.95 37.30 16.28
N ALA C 80 48.75 36.31 15.89
CA ALA C 80 48.37 34.91 16.05
C ALA C 80 49.60 34.11 16.43
N ALA C 81 49.35 32.86 16.77
CA ALA C 81 50.40 31.89 16.98
C ALA C 81 49.88 30.58 16.41
N VAL C 82 50.68 29.94 15.56
CA VAL C 82 50.29 28.67 14.97
C VAL C 82 50.73 27.55 15.92
N ARG C 83 49.78 26.73 16.33
CA ARG C 83 50.01 25.68 17.32
C ARG C 83 49.93 24.30 16.64
N THR C 84 49.89 23.26 17.47
CA THR C 84 49.85 21.88 16.98
C THR C 84 48.63 21.62 16.10
N LEU C 85 48.85 20.87 15.02
CA LEU C 85 47.86 20.56 13.97
C LEU C 85 47.44 21.80 13.19
N ASP C 86 48.34 22.77 13.05
CA ASP C 86 48.09 24.01 12.33
C ASP C 86 46.92 24.77 12.93
N HIS C 87 46.93 24.89 14.25
CA HIS C 87 45.89 25.63 14.95
C HIS C 87 46.31 27.08 15.06
N TRP C 88 45.53 27.96 14.47
CA TRP C 88 45.73 29.40 14.55
C TRP C 88 45.08 29.91 15.81
N GLN C 89 45.88 30.11 16.86
CA GLN C 89 45.41 30.79 18.05
C GLN C 89 45.48 32.30 17.81
N ILE C 90 44.34 32.94 17.60
CA ILE C 90 44.25 34.35 17.24
C ILE C 90 43.75 35.14 18.44
N ASP C 91 44.42 36.24 18.76
CA ASP C 91 43.93 37.12 19.81
C ASP C 91 42.76 37.93 19.24
N ALA C 92 41.61 37.83 19.88
CA ALA C 92 40.39 38.46 19.36
C ALA C 92 40.55 39.98 19.35
N ASP C 93 41.03 40.56 20.44
CA ASP C 93 41.10 42.02 20.54
C ASP C 93 42.17 42.62 19.65
N SER C 94 43.02 41.82 19.02
CA SER C 94 44.04 42.33 18.12
C SER C 94 43.55 42.53 16.70
N ILE C 95 42.39 41.99 16.36
CA ILE C 95 41.92 42.05 14.99
C ILE C 95 41.46 43.47 14.65
N SER C 96 42.00 44.01 13.57
CA SER C 96 41.59 45.31 13.04
C SER C 96 41.33 45.17 11.54
N ARG C 97 40.46 46.03 11.02
CA ARG C 97 40.11 46.02 9.61
C ARG C 97 40.54 47.34 8.97
N HIS C 98 41.07 47.28 7.74
CA HIS C 98 41.68 48.42 7.08
C HIS C 98 41.35 48.42 5.60
N ARG C 99 40.83 49.55 5.12
CA ARG C 99 40.65 49.82 3.70
C ARG C 99 41.04 51.27 3.45
N ASP C 100 41.85 51.51 2.43
CA ASP C 100 42.22 52.85 2.00
C ASP C 100 42.70 53.71 3.16
N GLY C 101 43.68 53.20 3.90
CA GLY C 101 44.28 53.95 4.99
C GLY C 101 43.35 54.39 6.10
N GLU C 102 42.22 53.70 6.30
CA GLU C 102 41.32 53.98 7.42
C GLU C 102 40.94 52.68 8.13
N GLU C 103 40.84 52.74 9.45
CA GLU C 103 40.39 51.62 10.27
C GLU C 103 38.86 51.55 10.24
N LEU C 104 38.30 50.37 9.73
CA LEU C 104 36.87 50.11 9.63
C LEU C 104 36.39 49.23 10.77
N PRO C 105 35.12 49.33 11.19
CA PRO C 105 34.59 48.37 12.16
C PRO C 105 34.56 46.96 11.59
N LEU C 106 34.64 45.99 12.49
CA LEU C 106 34.58 44.59 12.12
C LEU C 106 33.13 44.23 11.81
N ALA C 107 32.87 43.71 10.62
CA ALA C 107 31.51 43.37 10.21
C ALA C 107 31.54 42.00 9.54
N ALA C 108 31.00 40.99 10.23
CA ALA C 108 31.10 39.63 9.73
C ALA C 108 30.48 39.50 8.35
N LEU C 109 29.34 40.16 8.12
CA LEU C 109 28.69 40.01 6.82
C LEU C 109 29.58 40.53 5.70
N ASP C 110 30.20 41.69 5.90
CA ASP C 110 31.14 42.22 4.91
C ASP C 110 32.32 41.28 4.71
N PHE C 111 32.79 40.66 5.80
CA PHE C 111 33.95 39.77 5.71
C PHE C 111 33.71 38.66 4.70
N PHE C 112 32.49 38.08 4.67
CA PHE C 112 32.22 36.99 3.75
C PHE C 112 31.94 37.48 2.34
N ILE C 113 31.40 38.69 2.19
CA ILE C 113 31.24 39.22 0.84
C ILE C 113 32.60 39.48 0.20
N GLU C 114 33.53 40.03 0.98
CA GLU C 114 34.86 40.35 0.46
C GLU C 114 35.66 39.11 0.10
N LEU C 115 35.32 37.94 0.67
CA LEU C 115 36.02 36.70 0.37
C LEU C 115 35.17 35.74 -0.43
N LYS C 116 34.07 36.23 -1.01
CA LYS C 116 33.10 35.38 -1.72
C LYS C 116 33.79 34.36 -2.61
N ASP C 117 34.68 34.83 -3.49
CA ASP C 117 35.31 33.93 -4.45
C ASP C 117 36.43 33.11 -3.82
N SER C 118 37.15 33.68 -2.86
CA SER C 118 38.20 32.89 -2.21
C SER C 118 37.60 31.71 -1.44
N LEU C 119 36.42 31.91 -0.86
CA LEU C 119 35.74 30.85 -0.12
C LEU C 119 34.84 29.99 -0.99
N GLY C 120 34.72 30.31 -2.27
CA GLY C 120 33.93 29.49 -3.17
C GLY C 120 32.43 29.59 -2.95
N LEU C 121 31.97 30.68 -2.37
CA LEU C 121 30.54 30.86 -2.20
C LEU C 121 29.92 31.20 -3.56
N SER C 122 29.06 30.32 -4.07
CA SER C 122 28.37 30.63 -5.31
C SER C 122 27.44 31.83 -5.13
N ASP C 123 26.96 32.36 -6.25
CA ASP C 123 25.99 33.44 -6.19
C ASP C 123 24.68 32.98 -5.55
N GLU C 124 24.31 31.72 -5.72
CA GLU C 124 23.04 31.25 -5.18
C GLU C 124 23.10 31.02 -3.68
N ILE C 125 24.29 30.72 -3.16
CA ILE C 125 24.42 30.35 -1.76
C ILE C 125 24.89 31.50 -0.86
N LEU C 126 25.51 32.53 -1.43
CA LEU C 126 26.03 33.63 -0.63
C LEU C 126 24.97 34.31 0.25
N PRO C 127 23.79 34.68 -0.27
CA PRO C 127 22.80 35.32 0.63
C PRO C 127 22.35 34.41 1.76
N VAL C 128 21.96 33.18 1.46
CA VAL C 128 21.49 32.32 2.54
C VAL C 128 22.62 32.06 3.54
N TYR C 129 23.87 32.05 3.06
CA TYR C 129 24.98 31.90 3.98
C TYR C 129 25.07 33.11 4.91
N LEU C 130 24.81 34.31 4.39
CA LEU C 130 24.79 35.47 5.27
C LEU C 130 23.59 35.44 6.22
N GLU C 131 22.47 34.87 5.78
CA GLU C 131 21.36 34.69 6.71
C GLU C 131 21.73 33.74 7.83
N GLU C 132 22.45 32.67 7.50
CA GLU C 132 22.93 31.75 8.53
C GLU C 132 23.88 32.44 9.48
N ILE C 133 24.82 33.23 8.95
CA ILE C 133 25.77 33.98 9.78
C ILE C 133 25.02 34.95 10.69
N SER C 134 23.99 35.63 10.16
CA SER C 134 23.21 36.56 10.99
C SER C 134 22.56 35.85 12.15
N SER C 135 21.96 34.67 11.89
CA SER C 135 21.32 33.92 12.96
C SER C 135 22.32 33.49 14.02
N THR C 136 23.49 32.99 13.60
CA THR C 136 24.56 32.69 14.56
C THR C 136 24.91 33.90 15.42
N LEU C 137 25.11 35.07 14.79
CA LEU C 137 25.49 36.26 15.56
C LEU C 137 24.41 36.63 16.57
N SER C 138 23.14 36.54 16.15
CA SER C 138 22.02 36.82 17.06
C SER C 138 22.02 35.91 18.26
N GLY C 139 22.24 34.61 18.03
CA GLY C 139 22.30 33.68 19.14
C GLY C 139 23.42 34.02 20.10
N THR C 140 24.58 34.40 19.56
CA THR C 140 25.66 34.86 20.41
C THR C 140 25.22 36.06 21.24
N CYS C 141 24.56 37.02 20.59
CA CYS C 141 24.02 38.14 21.34
C CYS C 141 23.12 37.66 22.47
N TYR C 142 22.22 36.71 22.18
CA TYR C 142 21.34 36.20 23.22
C TYR C 142 22.14 35.58 24.34
N LYS C 143 23.08 34.71 23.98
CA LYS C 143 23.85 34.04 25.01
C LYS C 143 24.65 35.02 25.84
N LEU C 144 25.06 36.16 25.24
CA LEU C 144 25.77 37.19 26.01
C LEU C 144 24.87 37.90 27.01
N THR C 145 23.53 37.74 26.92
CA THR C 145 22.67 38.26 27.96
C THR C 145 22.43 37.25 29.08
N LYS C 146 22.95 36.05 28.95
CA LYS C 146 22.66 35.07 29.99
C LYS C 146 23.57 35.35 31.19
N PRO C 147 23.11 34.98 32.39
CA PRO C 147 23.94 35.16 33.59
C PRO C 147 25.38 34.68 33.38
N ARG C 148 26.32 35.58 33.70
CA ARG C 148 27.75 35.28 33.59
C ARG C 148 28.12 34.17 34.58
N ILE C 149 28.44 32.99 34.07
CA ILE C 149 28.71 31.82 34.90
C ILE C 149 30.11 31.27 34.57
N THR C 150 30.87 30.95 35.60
CA THR C 150 32.25 30.52 35.40
C THR C 150 32.35 29.03 35.15
N ALA C 151 33.46 28.63 34.53
CA ALA C 151 33.68 27.21 34.27
C ALA C 151 33.48 26.40 35.54
N ALA C 152 34.14 26.81 36.63
CA ALA C 152 34.04 26.08 37.89
C ALA C 152 32.59 25.99 38.36
N GLU C 153 31.85 27.10 38.28
CA GLU C 153 30.45 27.05 38.73
C GLU C 153 29.62 26.12 37.85
N LEU C 154 29.99 26.00 36.57
CA LEU C 154 29.19 25.23 35.64
C LEU C 154 29.32 23.72 35.91
N ALA C 155 30.53 23.26 36.24
CA ALA C 155 30.72 21.83 36.47
C ALA C 155 29.88 21.30 37.61
N ALA C 156 29.62 22.14 38.62
CA ALA C 156 28.77 21.76 39.73
C ALA C 156 27.31 22.12 39.49
N GLY C 157 26.93 22.44 38.25
CA GLY C 157 25.57 22.86 37.97
C GLY C 157 24.61 21.76 37.56
N GLY C 158 25.13 20.61 37.16
CA GLY C 158 24.25 19.53 36.76
C GLY C 158 24.14 19.38 35.25
N PHE C 159 23.89 18.14 34.82
CA PHE C 159 23.86 17.72 33.40
C PHE C 159 23.24 18.74 32.46
N GLN C 160 22.01 19.18 32.75
CA GLN C 160 21.32 20.06 31.82
C GLN C 160 21.81 21.50 31.88
N ALA C 161 22.39 21.92 33.03
CA ALA C 161 23.02 23.23 33.06
C ALA C 161 24.25 23.28 32.16
N ILE C 162 25.08 22.22 32.17
CA ILE C 162 26.13 22.12 31.16
C ILE C 162 25.54 22.09 29.76
N GLU C 163 24.47 21.30 29.56
CA GLU C 163 23.91 21.11 28.22
C GLU C 163 23.45 22.41 27.61
N THR C 164 22.67 23.21 28.38
CA THR C 164 22.16 24.50 27.92
C THR C 164 23.14 25.66 28.10
N GLY C 165 24.28 25.44 28.78
CA GLY C 165 25.30 26.43 29.00
C GLY C 165 26.39 26.45 27.97
N MET C 166 26.29 25.60 26.95
CA MET C 166 27.30 25.58 25.90
C MET C 166 27.10 26.80 25.02
N THR C 167 28.21 27.41 24.59
CA THR C 167 28.13 28.61 23.77
C THR C 167 28.72 28.45 22.39
N GLU C 168 29.84 27.72 22.24
CA GLU C 168 30.55 27.70 20.97
C GLU C 168 29.82 26.89 19.90
N GLY C 169 29.25 25.73 20.25
CA GLY C 169 28.77 24.83 19.22
C GLY C 169 29.92 24.08 18.59
N HIS C 170 29.76 23.70 17.33
CA HIS C 170 30.82 22.95 16.66
C HIS C 170 32.09 23.81 16.55
N PRO C 171 33.26 23.27 16.93
CA PRO C 171 34.48 24.10 16.94
C PRO C 171 35.04 24.41 15.56
N CYS C 172 34.68 23.63 14.53
CA CYS C 172 35.23 23.86 13.20
C CYS C 172 34.34 24.76 12.35
N PHE C 173 33.04 24.50 12.31
CA PHE C 173 32.13 25.21 11.42
C PHE C 173 31.95 26.66 11.87
N VAL C 174 32.24 27.60 10.98
CA VAL C 174 32.01 29.01 11.29
C VAL C 174 30.52 29.29 11.41
N ALA C 175 29.76 28.92 10.38
CA ALA C 175 28.30 29.08 10.40
C ALA C 175 27.72 27.79 10.98
N ASN C 176 27.60 27.75 12.33
CA ASN C 176 27.29 26.49 13.01
C ASN C 176 25.97 26.48 13.77
N ASN C 177 25.50 27.60 14.29
CA ASN C 177 24.36 27.62 15.19
C ASN C 177 23.14 28.30 14.57
N GLY C 178 22.95 28.11 13.25
CA GLY C 178 21.96 28.86 12.52
C GLY C 178 20.56 28.29 12.54
N ARG C 179 19.75 28.75 13.50
CA ARG C 179 18.39 28.25 13.72
C ARG C 179 17.37 28.92 12.80
N LEU C 180 17.64 28.84 11.50
CA LEU C 180 16.74 29.48 10.55
C LEU C 180 15.45 28.68 10.38
N GLY C 181 14.38 29.41 10.07
CA GLY C 181 13.03 28.92 10.12
C GLY C 181 12.28 29.31 11.38
N PHE C 182 13.01 29.65 12.44
CA PHE C 182 12.43 30.12 13.70
C PHE C 182 12.24 31.64 13.63
N GLY C 183 11.02 32.12 13.88
CA GLY C 183 10.87 33.52 14.18
C GLY C 183 11.50 33.80 15.54
N ILE C 184 11.63 35.08 15.89
CA ILE C 184 12.38 35.38 17.12
C ILE C 184 11.65 34.81 18.33
N HIS C 185 10.32 34.90 18.36
CA HIS C 185 9.54 34.31 19.45
C HIS C 185 9.74 32.81 19.52
N GLU C 186 9.90 32.15 18.37
CA GLU C 186 10.13 30.70 18.39
C GLU C 186 11.55 30.39 18.77
N TYR C 187 12.51 31.22 18.34
CA TYR C 187 13.88 31.05 18.84
C TYR C 187 13.89 31.13 20.35
N LEU C 188 13.21 32.12 20.90
CA LEU C 188 13.23 32.30 22.35
C LEU C 188 12.51 31.19 23.09
N SER C 189 11.61 30.45 22.42
CA SER C 189 10.89 29.35 23.05
C SER C 189 11.55 27.99 22.87
N TYR C 190 12.40 27.84 21.86
CA TYR C 190 12.79 26.50 21.42
C TYR C 190 14.28 26.28 21.34
N ALA C 191 15.09 27.33 21.29
CA ALA C 191 16.50 27.07 21.09
C ALA C 191 17.12 26.52 22.38
N PRO C 192 18.02 25.54 22.26
CA PRO C 192 18.66 24.95 23.47
C PRO C 192 19.16 25.98 24.47
N GLU C 193 19.85 27.02 23.99
CA GLU C 193 20.50 27.95 24.92
C GLU C 193 19.50 28.76 25.73
N THR C 194 18.21 28.79 25.37
CA THR C 194 17.28 29.53 26.22
C THR C 194 16.82 28.71 27.40
N ALA C 195 17.05 27.40 27.38
CA ALA C 195 16.63 26.52 28.46
C ALA C 195 15.15 26.72 28.77
N SER C 196 14.32 26.89 27.71
CA SER C 196 12.87 27.01 27.91
C SER C 196 12.23 25.63 27.95
N PRO C 197 11.40 25.35 28.95
CA PRO C 197 10.66 24.08 28.96
C PRO C 197 9.69 23.99 27.79
N VAL C 198 9.59 22.80 27.22
CA VAL C 198 8.78 22.54 26.04
C VAL C 198 7.86 21.36 26.36
N ARG C 199 6.60 21.47 25.99
CA ARG C 199 5.67 20.36 26.11
C ARG C 199 5.40 19.81 24.72
N LEU C 200 5.49 18.49 24.58
CA LEU C 200 5.29 17.87 23.27
C LEU C 200 3.82 17.73 22.94
N VAL C 201 3.50 17.92 21.66
CA VAL C 201 2.19 17.70 21.10
C VAL C 201 2.14 16.24 20.65
N TRP C 202 1.02 15.58 20.90
CA TRP C 202 0.85 14.19 20.52
C TRP C 202 -0.24 14.06 19.46
N LEU C 203 0.05 13.24 18.45
CA LEU C 203 -0.93 12.91 17.44
C LEU C 203 -1.21 11.42 17.46
N ALA C 204 -2.43 11.05 17.08
CA ALA C 204 -2.77 9.67 16.77
C ALA C 204 -2.67 9.49 15.26
N ALA C 205 -1.89 8.51 14.82
CA ALA C 205 -1.71 8.26 13.40
C ALA C 205 -2.28 6.90 13.04
N HIS C 206 -3.08 6.87 11.99
CA HIS C 206 -3.76 5.65 11.61
C HIS C 206 -2.74 4.62 11.15
N ARG C 207 -2.94 3.38 11.59
CA ARG C 207 -1.97 2.34 11.36
C ARG C 207 -1.91 1.90 9.90
N SER C 208 -2.82 2.34 9.04
CA SER C 208 -2.61 2.15 7.60
C SER C 208 -1.46 3.02 7.09
N ARG C 209 -1.03 4.01 7.87
CA ARG C 209 -0.05 4.97 7.39
C ARG C 209 1.14 5.13 8.33
N ALA C 210 1.14 4.52 9.50
CA ALA C 210 2.20 4.70 10.47
C ALA C 210 2.61 3.34 11.01
N ALA C 211 3.89 3.20 11.35
CA ALA C 211 4.41 1.95 11.87
C ALA C 211 5.34 2.24 13.04
N PHE C 212 5.28 1.38 14.05
CA PHE C 212 6.06 1.47 15.28
C PHE C 212 7.05 0.32 15.33
N THR C 213 8.32 0.63 15.55
CA THR C 213 9.37 -0.38 15.60
C THR C 213 10.06 -0.34 16.95
N ALA C 214 10.36 -1.50 17.51
CA ALA C 214 10.79 -1.56 18.90
C ALA C 214 11.97 -2.49 19.08
N GLY C 215 12.87 -2.13 19.99
CA GLY C 215 13.95 -3.01 20.36
C GLY C 215 13.49 -4.13 21.28
N VAL C 216 14.44 -5.02 21.58
CA VAL C 216 14.16 -6.12 22.50
C VAL C 216 13.49 -5.60 23.75
N GLY C 217 12.46 -6.31 24.18
CA GLY C 217 11.84 -5.99 25.44
C GLY C 217 10.80 -4.91 25.40
N ILE C 218 10.50 -4.34 24.24
CA ILE C 218 9.56 -3.25 24.15
C ILE C 218 8.25 -3.79 23.61
N ASP C 219 7.18 -3.50 24.33
CA ASP C 219 5.80 -3.78 23.96
C ASP C 219 5.14 -2.42 23.77
N TYR C 220 4.47 -2.21 22.63
CA TYR C 220 3.95 -0.89 22.31
C TYR C 220 3.04 -0.36 23.42
N GLU C 221 2.04 -1.14 23.83
CA GLU C 221 1.03 -0.72 24.80
C GLU C 221 1.68 -0.38 26.15
N SER C 222 2.56 -1.25 26.65
CA SER C 222 3.22 -0.92 27.90
C SER C 222 4.24 0.22 27.74
N PHE C 223 4.94 0.29 26.60
CA PHE C 223 5.90 1.37 26.38
C PHE C 223 5.23 2.73 26.46
N VAL C 224 4.08 2.85 25.78
CA VAL C 224 3.39 4.13 25.75
C VAL C 224 2.81 4.47 27.12
N ARG C 225 2.30 3.46 27.86
CA ARG C 225 1.76 3.71 29.20
C ARG C 225 2.84 4.13 30.18
N GLN C 226 4.03 3.51 30.12
CA GLN C 226 5.14 3.95 30.98
C GLN C 226 5.57 5.38 30.68
N GLU C 227 5.50 5.81 29.41
CA GLU C 227 5.95 7.15 29.06
C GLU C 227 4.91 8.20 29.39
N LEU C 228 3.63 7.91 29.14
CA LEU C 228 2.61 8.94 29.27
C LEU C 228 1.81 8.82 30.55
N GLY C 229 1.81 7.65 31.19
CA GLY C 229 0.89 7.40 32.30
C GLY C 229 -0.48 7.00 31.83
N GLU C 230 -1.16 6.17 32.62
CA GLU C 230 -2.48 5.65 32.26
C GLU C 230 -3.50 6.77 32.10
N GLU C 231 -3.46 7.78 32.97
CA GLU C 231 -4.43 8.85 32.88
C GLU C 231 -4.36 9.53 31.51
N THR C 232 -3.15 9.87 31.06
CA THR C 232 -3.02 10.56 29.77
C THR C 232 -3.41 9.65 28.61
N VAL C 233 -3.01 8.37 28.66
CA VAL C 233 -3.38 7.44 27.60
C VAL C 233 -4.90 7.38 27.46
N ASP C 234 -5.59 7.28 28.60
CA ASP C 234 -7.04 7.17 28.52
C ASP C 234 -7.68 8.49 28.09
N ARG C 235 -7.11 9.62 28.52
CA ARG C 235 -7.55 10.90 27.98
C ARG C 235 -7.40 10.91 26.45
N PHE C 236 -6.26 10.46 25.96
CA PHE C 236 -6.06 10.44 24.51
C PHE C 236 -7.02 9.47 23.81
N HIS C 237 -7.26 8.28 24.40
CA HIS C 237 -8.24 7.37 23.82
C HIS C 237 -9.62 8.01 23.79
N GLY C 238 -9.97 8.76 24.84
CA GLY C 238 -11.21 9.51 24.85
C GLY C 238 -11.32 10.51 23.71
N VAL C 239 -10.20 11.10 23.30
CA VAL C 239 -10.27 12.00 22.14
C VAL C 239 -10.71 11.23 20.91
N LEU C 240 -10.13 10.06 20.68
CA LEU C 240 -10.49 9.24 19.53
C LEU C 240 -11.94 8.73 19.62
N ARG C 241 -12.36 8.33 20.82
CA ARG C 241 -13.71 7.82 20.98
CA ARG C 241 -13.71 7.82 20.99
C ARG C 241 -14.77 8.90 20.74
N GLU C 242 -14.53 10.14 21.20
CA GLU C 242 -15.50 11.18 20.89
C GLU C 242 -15.66 11.35 19.38
N ARG C 243 -14.61 11.13 18.59
CA ARG C 243 -14.75 11.24 17.14
C ARG C 243 -15.31 9.96 16.52
N GLY C 244 -15.67 8.97 17.32
CA GLY C 244 -16.13 7.71 16.78
C GLY C 244 -15.03 6.83 16.23
N LEU C 245 -13.79 7.06 16.64
CA LEU C 245 -12.65 6.33 16.13
C LEU C 245 -12.22 5.25 17.12
N ASP C 246 -11.62 4.18 16.61
CA ASP C 246 -11.16 3.07 17.46
C ASP C 246 -9.69 3.25 17.80
N PRO C 247 -9.31 3.35 19.08
CA PRO C 247 -7.88 3.54 19.39
C PRO C 247 -7.00 2.44 18.83
N ALA C 248 -7.49 1.20 18.76
CA ALA C 248 -6.67 0.09 18.28
C ALA C 248 -6.16 0.29 16.85
N ASP C 249 -6.81 1.16 16.07
CA ASP C 249 -6.37 1.50 14.73
C ASP C 249 -5.27 2.57 14.69
N TYR C 250 -4.85 3.12 15.83
CA TYR C 250 -3.96 4.27 15.86
C TYR C 250 -2.73 4.00 16.70
N LEU C 251 -1.67 4.74 16.36
CA LEU C 251 -0.38 4.84 17.04
C LEU C 251 -0.22 6.27 17.52
N PHE C 252 0.41 6.44 18.68
CA PHE C 252 0.72 7.78 19.17
C PHE C 252 2.06 8.25 18.60
N ILE C 253 2.09 9.48 18.11
CA ILE C 253 3.35 10.07 17.70
C ILE C 253 3.55 11.42 18.39
N PRO C 254 4.68 11.61 19.07
CA PRO C 254 4.98 12.93 19.67
C PRO C 254 5.63 13.84 18.67
N VAL C 255 5.22 15.12 18.65
CA VAL C 255 5.78 16.04 17.67
C VAL C 255 6.19 17.35 18.35
N HIS C 256 7.20 17.98 17.76
CA HIS C 256 7.65 19.30 18.22
C HIS C 256 6.54 20.33 17.98
N PRO C 257 6.15 21.10 18.98
CA PRO C 257 5.14 22.15 18.79
C PRO C 257 5.33 23.00 17.53
N TRP C 258 6.58 23.36 17.18
CA TRP C 258 6.78 24.13 15.96
C TRP C 258 6.33 23.33 14.73
N GLN C 259 6.66 22.03 14.72
CA GLN C 259 6.29 21.19 13.60
C GLN C 259 4.77 21.12 13.45
N TRP C 260 4.05 21.07 14.56
CA TRP C 260 2.59 21.00 14.45
C TRP C 260 2.04 22.31 13.91
N TRP C 261 2.36 23.42 14.59
CA TRP C 261 1.72 24.68 14.26
C TRP C 261 2.17 25.21 12.92
N ASN C 262 3.42 24.95 12.53
CA ASN C 262 3.89 25.59 11.31
C ASN C 262 3.91 24.66 10.10
N LYS C 263 3.84 23.34 10.29
CA LYS C 263 3.94 22.42 9.16
C LYS C 263 2.78 21.45 9.06
N LEU C 264 2.66 20.56 10.04
CA LEU C 264 1.72 19.45 9.91
C LEU C 264 0.28 19.94 9.76
N SER C 265 -0.09 20.96 10.53
CA SER C 265 -1.47 21.44 10.55
C SER C 265 -1.89 22.02 9.20
N VAL C 266 -0.93 22.31 8.32
CA VAL C 266 -1.16 22.97 7.03
C VAL C 266 -0.78 22.02 5.91
N THR C 267 0.49 21.60 5.90
CA THR C 267 0.99 20.69 4.88
C THR C 267 0.27 19.33 4.94
N PHE C 268 0.01 18.81 6.14
CA PHE C 268 -0.72 17.56 6.27
C PHE C 268 -2.21 17.79 6.54
N ALA C 269 -2.77 18.89 6.05
CA ALA C 269 -4.18 19.16 6.30
C ALA C 269 -5.06 17.99 5.86
N ALA C 270 -4.74 17.38 4.72
CA ALA C 270 -5.55 16.28 4.23
C ALA C 270 -5.58 15.14 5.24
N GLU C 271 -4.47 14.90 5.95
CA GLU C 271 -4.45 13.79 6.90
C GLU C 271 -5.30 14.10 8.12
N VAL C 272 -5.30 15.36 8.54
CA VAL C 272 -6.09 15.75 9.70
C VAL C 272 -7.56 15.71 9.36
N ALA C 273 -7.92 16.28 8.21
CA ALA C 273 -9.32 16.35 7.80
C ALA C 273 -9.92 14.95 7.68
N ARG C 274 -9.17 13.99 7.15
CA ARG C 274 -9.68 12.65 6.90
C ARG C 274 -9.49 11.74 8.11
N GLN C 275 -8.90 12.28 9.19
CA GLN C 275 -8.66 11.53 10.41
C GLN C 275 -7.60 10.44 10.23
N HIS C 276 -6.72 10.55 9.24
CA HIS C 276 -5.52 9.73 9.32
C HIS C 276 -4.60 10.23 10.42
N LEU C 277 -4.70 11.52 10.79
CA LEU C 277 -4.02 12.08 11.94
C LEU C 277 -5.03 12.77 12.82
N VAL C 278 -4.84 12.65 14.13
CA VAL C 278 -5.77 13.26 15.08
C VAL C 278 -4.95 13.94 16.16
N CYS C 279 -5.25 15.21 16.39
CA CYS C 279 -4.50 15.94 17.40
C CYS C 279 -5.05 15.53 18.75
N LEU C 280 -4.19 14.97 19.61
CA LEU C 280 -4.61 14.45 20.90
C LEU C 280 -4.48 15.48 22.03
N GLY C 281 -3.45 16.29 22.02
CA GLY C 281 -3.21 17.26 23.07
C GLY C 281 -1.73 17.38 23.33
N GLU C 282 -1.40 18.08 24.40
CA GLU C 282 -0.04 18.20 24.91
C GLU C 282 0.20 17.18 25.99
N GLY C 283 1.41 16.64 26.03
CA GLY C 283 1.80 15.83 27.16
C GLY C 283 2.18 16.72 28.35
N ASP C 284 2.07 16.14 29.53
CA ASP C 284 2.27 16.92 30.74
C ASP C 284 3.75 17.17 31.04
N ASP C 285 4.63 16.28 30.61
CA ASP C 285 6.03 16.37 31.04
C ASP C 285 6.77 17.53 30.37
N GLU C 286 7.62 18.19 31.14
CA GLU C 286 8.44 19.28 30.64
C GLU C 286 9.74 18.73 30.08
N TYR C 287 10.08 19.17 28.87
CA TYR C 287 11.30 18.79 28.19
C TYR C 287 12.19 20.01 27.94
N LEU C 288 13.50 19.76 27.81
CA LEU C 288 14.48 20.74 27.36
C LEU C 288 15.10 20.28 26.05
N ALA C 289 15.12 21.15 25.05
CA ALA C 289 15.87 20.86 23.84
C ALA C 289 17.34 20.68 24.18
N GLN C 290 17.99 19.74 23.49
CA GLN C 290 19.42 19.48 23.67
C GLN C 290 20.20 20.24 22.59
N GLN C 291 21.53 20.04 22.56
CA GLN C 291 22.32 20.69 21.51
C GLN C 291 21.78 20.35 20.12
N SER C 292 21.32 19.11 19.93
CA SER C 292 20.40 18.78 18.86
C SER C 292 19.06 19.46 19.16
N ILE C 293 18.68 20.47 18.39
CA ILE C 293 17.49 21.23 18.77
C ILE C 293 16.23 20.37 18.70
N ARG C 294 16.27 19.26 17.98
CA ARG C 294 15.10 18.43 17.78
C ARG C 294 15.00 17.29 18.80
N THR C 295 15.95 17.17 19.71
CA THR C 295 16.01 16.06 20.66
C THR C 295 15.76 16.60 22.06
N PHE C 296 14.89 15.92 22.80
CA PHE C 296 14.35 16.47 24.04
C PHE C 296 14.63 15.57 25.22
N PHE C 297 15.18 16.17 26.29
CA PHE C 297 15.37 15.52 27.58
C PHE C 297 14.20 15.84 28.51
N ASN C 298 13.69 14.80 29.19
CA ASN C 298 12.52 14.95 30.06
C ASN C 298 12.98 15.42 31.44
N THR C 299 12.72 16.71 31.77
CA THR C 299 13.09 17.24 33.08
C THR C 299 12.04 16.95 34.14
N SER C 300 10.82 16.63 33.76
CA SER C 300 9.87 16.18 34.78
C SER C 300 10.25 14.81 35.34
N HIS C 301 10.65 13.90 34.45
CA HIS C 301 11.00 12.54 34.85
C HIS C 301 12.26 12.15 34.09
N PRO C 302 13.43 12.48 34.65
CA PRO C 302 14.69 12.32 33.90
C PRO C 302 15.01 10.88 33.58
N GLU C 303 14.38 9.92 34.27
CA GLU C 303 14.56 8.49 34.01
C GLU C 303 13.92 8.10 32.68
N LYS C 304 12.92 8.85 32.21
CA LYS C 304 12.22 8.47 30.99
C LYS C 304 13.10 8.76 29.76
N HIS C 305 12.61 8.39 28.59
CA HIS C 305 13.41 8.47 27.37
C HIS C 305 13.55 9.89 26.85
N TYR C 306 14.67 10.16 26.16
CA TYR C 306 14.69 11.26 25.21
C TYR C 306 13.64 11.03 24.14
N VAL C 307 13.15 12.12 23.57
CA VAL C 307 12.30 12.09 22.38
C VAL C 307 13.00 12.90 21.30
N LYS C 308 13.28 12.27 20.16
CA LYS C 308 13.80 13.00 19.01
C LYS C 308 12.66 13.19 18.01
N THR C 309 12.46 14.43 17.55
CA THR C 309 11.30 14.79 16.75
C THR C 309 11.71 15.26 15.36
N ALA C 310 10.75 15.22 14.45
CA ALA C 310 10.96 15.78 13.13
C ALA C 310 10.80 17.29 13.21
N LEU C 311 11.71 18.00 12.57
CA LEU C 311 11.70 19.46 12.60
C LEU C 311 12.12 19.95 11.22
N SER C 312 11.15 20.49 10.48
CA SER C 312 11.35 20.88 9.09
C SER C 312 11.96 22.28 8.96
N VAL C 313 13.07 22.51 9.62
CA VAL C 313 13.88 23.71 9.41
C VAL C 313 14.94 23.40 8.38
N ILE C 314 15.75 24.41 8.01
CA ILE C 314 16.79 24.22 6.99
C ILE C 314 18.13 24.68 7.51
N ASN C 315 19.19 24.01 7.01
CA ASN C 315 20.59 24.28 7.33
C ASN C 315 21.42 24.27 6.04
N MET C 316 21.03 25.13 5.09
CA MET C 316 21.79 25.36 3.86
C MET C 316 21.14 26.47 3.05
N LEU C 322 13.78 14.35 9.90
CA LEU C 322 13.94 12.97 10.37
C LEU C 322 13.17 11.97 9.45
N SER C 323 13.91 11.08 8.79
CA SER C 323 13.34 10.14 7.84
C SER C 323 12.86 8.87 8.53
N ALA C 324 11.85 8.24 7.91
CA ALA C 324 11.23 7.05 8.47
C ALA C 324 11.54 5.77 7.69
N ALA C 325 12.45 5.82 6.71
CA ALA C 325 12.66 4.70 5.78
C ALA C 325 13.40 3.53 6.43
N TYR C 326 14.69 3.71 6.72
CA TYR C 326 15.46 2.73 7.49
C TYR C 326 15.28 2.91 9.00
N MET C 327 14.32 3.77 9.38
CA MET C 327 13.89 3.86 10.77
C MET C 327 13.36 2.53 11.28
N GLU C 328 12.84 1.70 10.37
CA GLU C 328 12.39 0.38 10.77
C GLU C 328 13.52 -0.47 11.32
N ALA C 329 14.77 -0.15 11.01
CA ALA C 329 15.90 -0.96 11.48
C ALA C 329 16.66 -0.30 12.61
N THR C 330 16.30 0.94 12.95
CA THR C 330 17.09 1.68 13.93
C THR C 330 17.20 0.99 15.29
N PRO C 331 16.13 0.46 15.91
CA PRO C 331 16.34 -0.21 17.19
C PRO C 331 17.21 -1.45 17.10
N ALA C 332 17.06 -2.25 16.04
CA ALA C 332 17.86 -3.47 15.92
C ALA C 332 19.35 -3.16 15.83
N ILE C 333 19.70 -2.13 15.06
CA ILE C 333 21.09 -1.71 14.99
C ILE C 333 21.62 -1.39 16.38
N ASN C 334 20.81 -0.70 17.19
CA ASN C 334 21.22 -0.40 18.57
C ASN C 334 21.38 -1.67 19.40
N ASP C 335 20.43 -2.61 19.31
CA ASP C 335 20.55 -3.84 20.10
C ASP C 335 21.81 -4.62 19.71
N TRP C 336 22.14 -4.63 18.43
CA TRP C 336 23.36 -5.29 17.98
C TRP C 336 24.60 -4.68 18.65
N LEU C 337 24.73 -3.34 18.59
CA LEU C 337 25.90 -2.69 19.16
C LEU C 337 25.96 -2.87 20.67
N ALA C 338 24.80 -2.82 21.33
CA ALA C 338 24.77 -3.09 22.75
C ALA C 338 25.34 -4.48 23.05
N GLN C 339 24.88 -5.49 22.31
CA GLN C 339 25.37 -6.85 22.54
C GLN C 339 26.87 -6.93 22.28
N LEU C 340 27.35 -6.25 21.25
CA LEU C 340 28.78 -6.27 20.91
C LEU C 340 29.63 -5.79 22.08
N ILE C 341 29.22 -4.72 22.75
CA ILE C 341 30.03 -4.18 23.84
C ILE C 341 29.99 -5.09 25.05
N GLU C 342 28.82 -5.64 25.38
CA GLU C 342 28.72 -6.52 26.54
C GLU C 342 29.48 -7.82 26.36
N GLY C 343 29.81 -8.19 25.11
CA GLY C 343 30.55 -9.41 24.84
C GLY C 343 32.04 -9.24 24.65
N ASP C 344 32.55 -8.06 25.03
CA ASP C 344 33.94 -7.69 24.79
C ASP C 344 34.56 -7.20 26.10
N PRO C 345 35.55 -7.92 26.65
CA PRO C 345 36.03 -7.58 28.00
C PRO C 345 36.77 -6.25 28.09
N VAL C 346 37.50 -5.82 27.06
CA VAL C 346 38.23 -4.57 27.18
C VAL C 346 37.26 -3.39 27.21
N LEU C 347 36.17 -3.47 26.46
CA LEU C 347 35.16 -2.44 26.57
C LEU C 347 34.56 -2.41 27.96
N LYS C 348 34.32 -3.58 28.56
CA LYS C 348 33.87 -3.62 29.95
C LYS C 348 34.85 -2.91 30.86
N ALA C 349 36.16 -3.06 30.59
CA ALA C 349 37.16 -2.37 31.39
C ALA C 349 37.23 -0.87 31.10
N THR C 350 36.80 -0.43 29.91
CA THR C 350 36.75 1.01 29.68
C THR C 350 35.54 1.65 30.34
N GLY C 351 34.54 0.85 30.71
CA GLY C 351 33.28 1.35 31.21
C GLY C 351 32.28 1.75 30.15
N LEU C 352 32.62 1.56 28.87
CA LEU C 352 31.80 2.04 27.76
C LEU C 352 30.38 1.46 27.78
N THR C 353 29.39 2.33 27.70
CA THR C 353 28.01 1.91 27.46
C THR C 353 27.45 2.83 26.39
N ILE C 354 26.25 2.50 25.91
CA ILE C 354 25.53 3.34 24.99
C ILE C 354 24.12 3.52 25.54
N ILE C 355 23.48 4.63 25.14
CA ILE C 355 22.05 4.78 25.35
C ILE C 355 21.40 4.44 24.03
N ARG C 356 20.60 3.40 24.03
CA ARG C 356 20.04 2.90 22.79
C ARG C 356 18.86 3.73 22.35
N GLU C 357 18.75 3.87 21.04
CA GLU C 357 17.46 4.15 20.44
C GLU C 357 16.59 2.89 20.62
N ARG C 358 15.50 2.99 21.37
CA ARG C 358 14.73 1.86 21.86
C ARG C 358 13.48 1.59 21.04
N ALA C 359 12.88 2.63 20.47
CA ALA C 359 11.62 2.50 19.74
C ALA C 359 11.55 3.67 18.75
N ALA C 360 10.85 3.44 17.64
CA ALA C 360 10.73 4.48 16.64
C ALA C 360 9.37 4.40 16.01
N VAL C 361 8.94 5.51 15.44
CA VAL C 361 7.62 5.54 14.83
C VAL C 361 7.75 6.42 13.61
N GLY C 362 7.08 6.02 12.53
CA GLY C 362 7.23 6.67 11.25
C GLY C 362 5.89 6.80 10.56
N TYR C 363 5.67 7.91 9.87
CA TYR C 363 4.42 8.19 9.19
C TYR C 363 4.67 8.24 7.69
N ARG C 364 3.79 7.61 6.93
CA ARG C 364 3.94 7.55 5.47
C ARG C 364 2.78 8.31 4.84
N HIS C 365 3.04 9.56 4.41
CA HIS C 365 2.10 10.35 3.64
C HIS C 365 2.06 9.78 2.23
N LEU C 366 0.99 9.02 1.92
CA LEU C 366 1.00 8.26 0.68
C LEU C 366 0.98 9.15 -0.55
N GLU C 367 0.27 10.28 -0.47
CA GLU C 367 0.22 11.17 -1.63
C GLU C 367 1.55 11.88 -1.85
N TYR C 368 2.17 12.42 -0.80
CA TYR C 368 3.48 13.04 -1.01
C TYR C 368 4.50 12.02 -1.48
N GLU C 369 4.37 10.76 -1.04
CA GLU C 369 5.26 9.70 -1.51
C GLU C 369 5.17 9.54 -3.02
N LYS C 370 3.95 9.39 -3.55
CA LYS C 370 3.82 9.25 -5.00
C LYS C 370 4.39 10.45 -5.73
N ALA C 371 4.39 11.62 -5.09
CA ALA C 371 4.79 12.85 -5.75
C ALA C 371 6.27 13.18 -5.60
N THR C 372 7.08 12.34 -4.93
CA THR C 372 8.46 12.71 -4.60
C THR C 372 9.41 11.54 -4.75
N ASP C 373 10.70 11.86 -4.73
CA ASP C 373 11.79 10.89 -4.63
C ASP C 373 12.08 10.63 -3.16
N ARG C 374 13.00 9.69 -2.90
CA ARG C 374 13.34 9.29 -1.54
C ARG C 374 13.88 10.43 -0.71
N TYR C 375 14.51 11.43 -1.34
CA TYR C 375 15.25 12.47 -0.63
C TYR C 375 14.41 13.72 -0.33
N SER C 376 13.16 13.75 -0.76
CA SER C 376 12.33 14.94 -0.55
C SER C 376 12.13 15.23 0.94
N PRO C 377 12.20 16.50 1.36
CA PRO C 377 11.82 16.83 2.74
C PRO C 377 10.36 16.60 3.05
N TYR C 378 9.49 16.39 2.06
CA TYR C 378 8.14 15.97 2.36
C TYR C 378 8.07 14.55 2.93
N ARG C 379 9.14 13.74 2.82
CA ARG C 379 9.21 12.41 3.43
C ARG C 379 9.63 12.46 4.90
N LYS C 380 10.14 13.59 5.39
CA LYS C 380 10.79 13.64 6.70
C LYS C 380 10.00 14.52 7.68
N MET C 381 8.71 14.63 7.48
CA MET C 381 7.97 15.62 8.25
C MET C 381 7.28 15.07 9.48
N LEU C 382 7.17 13.75 9.61
CA LEU C 382 6.44 13.20 10.74
C LEU C 382 7.06 11.83 11.05
N ALA C 383 7.87 11.78 12.10
CA ALA C 383 8.57 10.62 12.61
C ALA C 383 9.12 11.00 13.97
N ALA C 384 9.46 9.99 14.77
CA ALA C 384 10.06 10.23 16.07
C ALA C 384 10.80 8.98 16.50
N LEU C 385 11.78 9.17 17.37
CA LEU C 385 12.32 8.01 18.06
C LEU C 385 12.55 8.36 19.52
N TRP C 386 12.72 7.31 20.33
CA TRP C 386 12.94 7.42 21.77
C TRP C 386 14.29 6.81 22.11
N ARG C 387 15.05 7.50 22.96
CA ARG C 387 16.39 7.06 23.34
C ARG C 387 16.42 7.00 24.86
N GLU C 388 16.93 5.91 25.41
CA GLU C 388 16.90 5.77 26.85
C GLU C 388 17.81 6.80 27.53
N SER C 389 17.51 7.07 28.79
CA SER C 389 18.19 8.11 29.54
C SER C 389 19.45 7.55 30.20
N PRO C 390 20.55 8.30 30.27
CA PRO C 390 21.70 7.82 31.06
C PRO C 390 21.55 8.01 32.57
N VAL C 391 20.48 8.67 33.02
CA VAL C 391 20.37 9.03 34.44
C VAL C 391 20.28 7.81 35.36
N PRO C 392 19.41 6.82 35.11
CA PRO C 392 19.36 5.66 36.02
C PRO C 392 20.69 4.93 36.19
N SER C 393 21.64 5.08 35.27
CA SER C 393 22.90 4.36 35.39
C SER C 393 23.87 4.99 36.39
N LEU C 394 23.49 6.11 37.01
CA LEU C 394 24.44 6.88 37.83
C LEU C 394 24.58 6.28 39.23
N ARG C 395 25.83 6.00 39.62
CA ARG C 395 26.12 5.56 40.97
C ARG C 395 26.34 6.78 41.87
N ASP C 396 26.58 6.55 43.16
CA ASP C 396 26.75 7.64 44.12
C ASP C 396 27.92 8.53 43.70
N GLY C 397 27.68 9.85 43.72
CA GLY C 397 28.72 10.79 43.38
C GLY C 397 28.97 11.00 41.90
N GLU C 398 28.22 10.34 41.03
CA GLU C 398 28.45 10.47 39.60
C GLU C 398 27.58 11.58 39.02
N SER C 399 28.03 12.16 37.91
CA SER C 399 27.24 13.17 37.24
C SER C 399 27.52 13.08 35.74
N LEU C 400 26.72 13.81 34.97
CA LEU C 400 26.73 13.74 33.52
C LEU C 400 27.10 15.07 32.89
N ALA C 401 27.95 15.01 31.88
CA ALA C 401 28.33 16.20 31.13
C ALA C 401 28.60 15.82 29.68
N THR C 402 28.10 16.64 28.76
CA THR C 402 28.36 16.41 27.34
C THR C 402 29.83 16.59 27.06
N MET C 403 30.39 15.76 26.18
CA MET C 403 31.83 15.87 25.90
C MET C 403 32.19 17.22 25.30
N ALA C 404 31.23 17.83 24.57
CA ALA C 404 31.46 19.17 24.04
C ALA C 404 31.93 20.16 25.10
N SER C 405 31.55 19.93 26.36
CA SER C 405 31.89 20.86 27.44
C SER C 405 33.39 20.93 27.72
N LEU C 406 34.16 19.92 27.33
CA LEU C 406 35.60 19.98 27.52
C LEU C 406 36.22 21.13 26.74
N LEU C 407 35.59 21.54 25.64
CA LEU C 407 36.05 22.66 24.82
C LEU C 407 35.47 24.00 25.25
N HIS C 408 34.65 24.02 26.29
CA HIS C 408 33.96 25.23 26.67
C HIS C 408 34.89 26.18 27.41
N VAL C 409 34.77 27.48 27.11
CA VAL C 409 35.48 28.55 27.81
C VAL C 409 34.46 29.61 28.23
N ASP C 410 34.52 30.02 29.51
CA ASP C 410 33.61 31.01 30.10
C ASP C 410 34.02 32.42 29.68
N HIS C 411 33.31 33.42 30.24
CA HIS C 411 33.55 34.82 29.86
C HIS C 411 34.95 35.30 30.24
N ALA C 412 35.44 34.86 31.40
CA ALA C 412 36.74 35.22 31.91
C ALA C 412 37.89 34.44 31.27
N GLY C 413 37.60 33.45 30.42
CA GLY C 413 38.62 32.66 29.80
C GLY C 413 38.97 31.35 30.49
N ALA C 414 38.31 31.02 31.59
CA ALA C 414 38.56 29.76 32.30
C ALA C 414 38.01 28.56 31.52
N SER C 415 38.82 27.51 31.43
CA SER C 415 38.43 26.30 30.70
C SER C 415 37.57 25.38 31.57
N PHE C 416 36.56 24.77 30.95
CA PHE C 416 35.76 23.79 31.68
C PHE C 416 36.62 22.61 32.09
N ALA C 417 37.36 22.03 31.14
CA ALA C 417 38.26 20.94 31.47
C ALA C 417 39.17 21.31 32.63
N GLY C 418 39.67 22.55 32.65
CA GLY C 418 40.58 22.96 33.71
C GLY C 418 39.92 23.02 35.08
N ALA C 419 38.65 23.44 35.12
CA ALA C 419 37.93 23.45 36.40
C ALA C 419 37.78 22.06 36.96
N LEU C 420 37.68 21.05 36.08
CA LEU C 420 37.56 19.67 36.52
C LEU C 420 38.87 19.15 37.13
N ILE C 421 40.01 19.62 36.63
CA ILE C 421 41.29 19.25 37.22
C ILE C 421 41.32 19.67 38.67
N ALA C 422 40.87 20.90 38.96
CA ALA C 422 40.92 21.43 40.31
C ALA C 422 40.04 20.63 41.26
N ARG C 423 38.82 20.29 40.84
CA ARG C 423 37.99 19.42 41.65
C ARG C 423 38.65 18.08 41.88
N SER C 424 39.50 17.65 40.95
CA SER C 424 40.03 16.29 40.99
C SER C 424 41.28 16.17 41.85
N GLY C 425 42.14 17.19 41.88
CA GLY C 425 43.40 17.08 42.60
C GLY C 425 44.41 16.18 41.96
N LEU C 426 44.16 15.75 40.72
CA LEU C 426 45.04 14.86 39.99
C LEU C 426 46.03 15.67 39.15
N ALA C 427 47.11 15.01 38.75
CA ALA C 427 48.01 15.63 37.80
C ALA C 427 47.31 15.68 36.43
N PRO C 428 47.60 16.71 35.64
CA PRO C 428 46.81 16.91 34.41
C PRO C 428 46.92 15.75 33.42
N ALA C 429 48.12 15.22 33.20
CA ALA C 429 48.21 14.08 32.29
C ALA C 429 47.53 12.84 32.86
N GLU C 430 47.46 12.73 34.19
CA GLU C 430 46.75 11.60 34.80
C GLU C 430 45.25 11.73 34.60
N TRP C 431 44.72 12.95 34.79
CA TRP C 431 43.32 13.21 34.44
C TRP C 431 43.06 12.89 32.97
N LEU C 432 44.01 13.25 32.09
CA LEU C 432 43.82 13.06 30.66
C LEU C 432 43.87 11.59 30.27
N ARG C 433 44.80 10.84 30.88
CA ARG C 433 44.92 9.42 30.58
C ARG C 433 43.60 8.70 30.84
N ARG C 434 42.95 9.01 31.96
CA ARG C 434 41.70 8.33 32.31
C ARG C 434 40.60 8.72 31.33
N TYR C 435 40.57 9.99 30.91
CA TYR C 435 39.62 10.40 29.88
C TYR C 435 39.90 9.67 28.57
N LEU C 436 41.17 9.51 28.21
CA LEU C 436 41.49 8.82 26.97
C LEU C 436 41.11 7.34 27.06
N ARG C 437 41.32 6.74 28.23
CA ARG C 437 40.97 5.34 28.43
C ARG C 437 39.46 5.13 28.32
N ALA C 438 38.65 6.10 28.76
CA ALA C 438 37.20 5.94 28.72
C ALA C 438 36.63 6.20 27.33
N TYR C 439 37.18 7.16 26.60
CA TYR C 439 36.65 7.62 25.33
C TYR C 439 37.46 7.19 24.11
N TYR C 440 38.80 7.28 24.17
CA TYR C 440 39.64 7.14 22.99
C TYR C 440 40.00 5.67 22.70
N THR C 441 40.39 4.93 23.73
CA THR C 441 40.67 3.50 23.54
C THR C 441 39.53 2.72 22.88
N PRO C 442 38.25 2.91 23.22
CA PRO C 442 37.21 2.13 22.54
C PRO C 442 37.15 2.37 21.05
N LEU C 443 37.35 3.62 20.61
CA LEU C 443 37.29 3.91 19.18
C LEU C 443 38.34 3.13 18.42
N LEU C 444 39.55 3.04 18.97
CA LEU C 444 40.61 2.25 18.34
C LEU C 444 40.21 0.79 18.21
N HIS C 445 39.83 0.16 19.32
CA HIS C 445 39.40 -1.23 19.26
C HIS C 445 38.27 -1.44 18.25
N SER C 446 37.32 -0.49 18.16
CA SER C 446 36.24 -0.62 17.20
C SER C 446 36.76 -0.64 15.77
N PHE C 447 37.75 0.21 15.47
CA PHE C 447 38.31 0.23 14.13
C PHE C 447 39.09 -1.05 13.84
N TYR C 448 39.92 -1.47 14.80
CA TYR C 448 40.87 -2.55 14.53
C TYR C 448 40.18 -3.91 14.51
N ALA C 449 39.42 -4.23 15.56
CA ALA C 449 38.81 -5.55 15.65
C ALA C 449 37.59 -5.67 14.75
N TYR C 450 36.62 -4.78 14.92
CA TYR C 450 35.33 -4.94 14.29
C TYR C 450 35.18 -4.10 13.02
N ASP C 451 36.20 -3.34 12.64
CA ASP C 451 36.14 -2.46 11.47
C ASP C 451 34.97 -1.47 11.60
N LEU C 452 34.77 -0.99 12.81
CA LEU C 452 33.61 -0.17 13.16
C LEU C 452 34.06 1.25 13.46
N VAL C 453 33.34 2.23 12.91
CA VAL C 453 33.63 3.65 13.10
C VAL C 453 32.32 4.37 13.39
N TYR C 454 32.45 5.64 13.77
CA TYR C 454 31.31 6.50 14.09
C TYR C 454 31.48 7.81 13.34
N MET C 455 30.85 8.85 13.85
CA MET C 455 31.25 10.24 13.58
C MET C 455 31.36 10.90 14.95
N PRO C 456 32.33 10.47 15.75
CA PRO C 456 32.30 10.78 17.19
C PRO C 456 32.71 12.20 17.56
N HIS C 457 31.78 13.16 17.44
CA HIS C 457 32.01 14.55 17.81
C HIS C 457 31.58 14.80 19.25
N GLY C 458 31.74 16.04 19.72
CA GLY C 458 31.42 16.36 21.10
C GLY C 458 29.97 16.11 21.47
N GLU C 459 29.05 16.34 20.54
CA GLU C 459 27.63 16.32 20.87
C GLU C 459 27.06 14.91 20.97
N ASN C 460 27.72 13.89 20.42
CA ASN C 460 27.17 12.54 20.47
C ASN C 460 27.95 11.64 21.44
N VAL C 461 28.59 12.23 22.44
CA VAL C 461 29.24 11.52 23.55
C VAL C 461 28.90 12.21 24.86
N ILE C 462 28.50 11.42 25.87
CA ILE C 462 28.25 11.91 27.21
C ILE C 462 29.30 11.33 28.14
N LEU C 463 29.84 12.17 29.00
CA LEU C 463 30.85 11.75 29.97
C LEU C 463 30.22 11.59 31.33
N VAL C 464 30.69 10.59 32.06
CA VAL C 464 30.30 10.37 33.44
C VAL C 464 31.42 10.85 34.35
N LEU C 465 31.07 11.64 35.36
CA LEU C 465 32.06 12.33 36.17
C LEU C 465 31.82 12.00 37.64
N LYS C 466 32.91 11.74 38.35
CA LYS C 466 32.88 11.59 39.80
C LYS C 466 34.05 12.39 40.35
N ASP C 467 33.74 13.32 41.26
CA ASP C 467 34.76 14.13 41.94
C ASP C 467 35.69 14.80 40.94
N GLY C 468 35.17 15.18 39.78
CA GLY C 468 35.94 15.85 38.76
C GLY C 468 36.63 14.95 37.76
N VAL C 469 36.50 13.64 37.92
CA VAL C 469 37.21 12.67 37.08
C VAL C 469 36.23 12.02 36.10
N VAL C 470 36.75 11.68 34.92
CA VAL C 470 36.00 10.95 33.91
C VAL C 470 36.03 9.47 34.29
N GLU C 471 34.88 8.94 34.74
CA GLU C 471 34.77 7.53 35.09
C GLU C 471 34.64 6.67 33.83
N ARG C 472 33.81 7.09 32.88
CA ARG C 472 33.46 6.31 31.69
C ARG C 472 32.76 7.24 30.72
N ALA C 473 32.56 6.75 29.49
CA ALA C 473 31.89 7.50 28.44
C ALA C 473 30.64 6.75 27.94
N ILE C 474 29.65 7.51 27.52
CA ILE C 474 28.40 7.00 26.96
C ILE C 474 28.24 7.56 25.54
N TYR C 475 28.08 6.67 24.56
CA TYR C 475 27.85 7.05 23.16
C TYR C 475 26.36 7.07 22.86
N LYS C 476 25.96 7.94 21.93
CA LYS C 476 24.59 8.04 21.46
C LYS C 476 24.56 8.45 19.99
N ASP C 477 23.36 8.44 19.41
CA ASP C 477 23.13 8.68 17.99
C ASP C 477 23.83 7.62 17.14
N ILE C 478 23.39 6.39 17.33
CA ILE C 478 24.09 5.22 16.81
C ILE C 478 23.71 4.95 15.37
N ALA C 479 22.43 4.68 15.12
CA ALA C 479 22.00 4.05 13.87
C ALA C 479 22.39 4.90 12.66
N GLU C 480 22.24 6.22 12.77
CA GLU C 480 22.52 7.11 11.66
C GLU C 480 24.02 7.38 11.48
N GLU C 481 24.88 6.83 12.35
CA GLU C 481 26.28 7.24 12.37
C GLU C 481 27.26 6.09 12.17
N ILE C 482 26.91 4.87 12.48
CA ILE C 482 27.91 3.81 12.48
C ILE C 482 28.04 3.17 11.11
N CYS C 483 29.22 2.62 10.89
CA CYS C 483 29.59 2.03 9.62
C CYS C 483 30.59 0.91 9.89
N VAL C 484 30.34 -0.26 9.34
CA VAL C 484 31.31 -1.33 9.33
C VAL C 484 31.95 -1.36 7.94
N MET C 485 33.27 -1.20 7.90
CA MET C 485 34.00 -1.13 6.64
C MET C 485 34.45 -2.54 6.25
N ASP C 486 33.46 -3.36 5.92
CA ASP C 486 33.64 -4.74 5.53
C ASP C 486 32.32 -5.18 4.89
N PRO C 487 32.17 -5.01 3.58
CA PRO C 487 30.97 -5.51 2.91
C PRO C 487 30.86 -7.03 2.94
N ASP C 488 31.95 -7.74 3.24
CA ASP C 488 31.92 -9.19 3.38
C ASP C 488 31.65 -9.64 4.82
N ALA C 489 30.93 -8.84 5.61
CA ALA C 489 30.72 -9.09 7.03
C ALA C 489 29.36 -9.70 7.29
N VAL C 490 29.32 -10.66 8.22
CA VAL C 490 28.09 -11.35 8.58
C VAL C 490 27.38 -10.52 9.64
N LEU C 491 26.15 -10.12 9.35
CA LEU C 491 25.36 -9.29 10.25
C LEU C 491 23.91 -9.72 10.14
N PRO C 492 23.10 -9.44 11.15
CA PRO C 492 21.67 -9.69 11.03
C PRO C 492 21.08 -8.94 9.83
N PRO C 493 20.01 -9.48 9.24
CA PRO C 493 19.49 -8.83 8.02
C PRO C 493 19.16 -7.37 8.21
N GLU C 494 18.44 -7.02 9.28
CA GLU C 494 18.09 -5.63 9.55
C GLU C 494 19.30 -4.75 9.86
N VAL C 495 20.47 -5.36 10.06
CA VAL C 495 21.70 -4.63 10.40
C VAL C 495 22.68 -4.57 9.23
N GLN C 496 22.46 -5.33 8.16
CA GLN C 496 23.36 -5.27 7.02
C GLN C 496 23.53 -3.84 6.50
N ARG C 497 22.51 -2.99 6.70
CA ARG C 497 22.47 -1.65 6.11
C ARG C 497 23.70 -0.81 6.45
N ILE C 498 24.43 -1.16 7.50
CA ILE C 498 25.55 -0.33 7.94
C ILE C 498 26.87 -0.71 7.28
N ARG C 499 26.87 -1.71 6.39
CA ARG C 499 28.08 -2.11 5.68
C ARG C 499 28.39 -1.13 4.57
N ALA C 500 29.68 -0.79 4.43
CA ALA C 500 30.10 0.07 3.34
C ALA C 500 31.56 -0.22 2.98
N GLU C 501 31.86 -0.15 1.68
CA GLU C 501 33.23 -0.27 1.19
C GLU C 501 33.84 1.12 1.11
N VAL C 502 35.03 1.26 1.68
CA VAL C 502 35.73 2.55 1.76
C VAL C 502 37.05 2.39 0.99
N PRO C 503 37.63 3.51 0.54
CA PRO C 503 39.03 3.43 0.05
C PRO C 503 39.95 3.12 1.23
N GLU C 504 40.91 2.23 1.00
CA GLU C 504 41.81 1.87 2.08
C GLU C 504 42.54 3.11 2.62
N ASP C 505 42.74 4.12 1.77
CA ASP C 505 43.53 5.30 2.13
C ASP C 505 42.76 6.29 2.99
N THR C 506 41.49 6.06 3.26
CA THR C 506 40.70 6.99 4.06
C THR C 506 40.18 6.38 5.37
N LYS C 507 40.27 5.05 5.54
CA LYS C 507 39.63 4.41 6.70
C LYS C 507 40.14 4.98 8.01
N LEU C 508 41.45 5.24 8.11
CA LEU C 508 42.00 5.72 9.38
C LEU C 508 41.64 7.18 9.67
N LEU C 509 41.08 7.91 8.71
CA LEU C 509 40.78 9.32 8.96
C LEU C 509 39.62 9.50 9.93
N SER C 510 38.79 8.48 10.12
CA SER C 510 37.78 8.54 11.16
C SER C 510 38.41 8.90 12.51
N VAL C 511 39.66 8.53 12.72
CA VAL C 511 40.39 8.91 13.92
C VAL C 511 41.12 10.24 13.74
N PHE C 512 41.76 10.42 12.58
CA PHE C 512 42.65 11.56 12.38
C PHE C 512 41.86 12.85 12.27
N THR C 513 40.90 12.90 11.35
CA THR C 513 40.09 14.11 11.24
C THR C 513 39.13 14.22 12.43
N ASP C 514 38.32 13.19 12.66
CA ASP C 514 37.18 13.36 13.57
C ASP C 514 37.60 13.50 15.04
N VAL C 515 38.72 12.91 15.45
CA VAL C 515 39.16 12.97 16.83
C VAL C 515 40.31 13.97 17.03
N PHE C 516 41.39 13.80 16.27
CA PHE C 516 42.55 14.68 16.45
C PHE C 516 42.27 16.08 15.93
N ASP C 517 42.00 16.19 14.62
CA ASP C 517 41.87 17.50 13.97
C ASP C 517 40.62 18.26 14.41
N CYS C 518 39.54 17.58 14.81
CA CYS C 518 38.27 18.24 15.09
C CYS C 518 37.93 18.36 16.56
N PHE C 519 38.72 17.78 17.46
CA PHE C 519 38.38 17.90 18.86
C PHE C 519 39.64 18.06 19.71
N PHE C 520 40.57 17.11 19.60
CA PHE C 520 41.81 17.19 20.37
C PHE C 520 42.62 18.42 20.00
N ARG C 521 42.63 18.78 18.71
CA ARG C 521 43.28 20.02 18.29
C ARG C 521 42.87 21.19 19.17
N PHE C 522 41.59 21.25 19.54
CA PHE C 522 41.13 22.34 20.39
C PHE C 522 41.42 22.07 21.85
N LEU C 523 41.26 20.83 22.30
CA LEU C 523 41.43 20.52 23.71
C LEU C 523 42.86 20.77 24.17
N ALA C 524 43.85 20.38 23.34
CA ALA C 524 45.24 20.58 23.72
C ALA C 524 45.54 22.06 23.92
N VAL C 525 45.14 22.90 22.98
CA VAL C 525 45.46 24.33 23.07
C VAL C 525 44.67 25.00 24.18
N ASN C 526 43.50 24.48 24.53
CA ASN C 526 42.76 25.09 25.62
C ASN C 526 43.46 24.86 26.95
N LEU C 527 44.00 23.65 27.15
CA LEU C 527 44.73 23.37 28.38
C LEU C 527 46.10 24.01 28.38
N ALA C 528 46.75 24.12 27.22
CA ALA C 528 48.04 24.77 27.16
C ALA C 528 47.91 26.28 27.37
N SER C 529 46.89 26.90 26.76
CA SER C 529 46.68 28.33 26.95
C SER C 529 46.42 28.70 28.41
N GLU C 530 45.91 27.78 29.22
CA GLU C 530 45.66 28.04 30.64
C GLU C 530 46.86 27.75 31.53
N GLY C 531 47.94 27.22 30.99
CA GLY C 531 49.06 26.81 31.83
C GLY C 531 48.79 25.55 32.61
N VAL C 532 47.93 24.67 32.11
CA VAL C 532 47.59 23.40 32.75
C VAL C 532 48.45 22.26 32.19
N LEU C 533 48.67 22.23 30.87
CA LEU C 533 49.31 21.09 30.23
C LEU C 533 49.88 21.56 28.90
N GLU C 534 51.18 21.40 28.70
CA GLU C 534 51.80 21.82 27.45
C GLU C 534 51.34 20.92 26.30
N GLU C 535 51.32 21.49 25.09
CA GLU C 535 50.82 20.75 23.94
C GLU C 535 51.65 19.49 23.68
N ASP C 536 52.98 19.52 23.89
CA ASP C 536 53.79 18.32 23.72
C ASP C 536 53.37 17.22 24.69
N ASP C 537 53.13 17.58 25.97
CA ASP C 537 52.65 16.60 26.93
C ASP C 537 51.33 15.98 26.50
N PHE C 538 50.48 16.77 25.84
CA PHE C 538 49.17 16.28 25.45
C PHE C 538 49.30 15.11 24.48
N TRP C 539 49.98 15.33 23.36
CA TRP C 539 50.12 14.28 22.35
C TRP C 539 51.01 13.14 22.82
N ARG C 540 51.95 13.41 23.73
CA ARG C 540 52.71 12.35 24.36
C ARG C 540 51.80 11.45 25.19
N THR C 541 50.93 12.05 26.01
CA THR C 541 49.97 11.27 26.78
C THR C 541 49.05 10.47 25.86
N VAL C 542 48.70 11.04 24.71
CA VAL C 542 47.86 10.30 23.78
C VAL C 542 48.63 9.16 23.14
N ALA C 543 49.89 9.41 22.78
CA ALA C 543 50.73 8.35 22.25
C ALA C 543 50.90 7.20 23.25
N GLU C 544 51.07 7.54 24.54
CA GLU C 544 51.19 6.52 25.57
C GLU C 544 49.98 5.62 25.60
N VAL C 545 48.78 6.22 25.52
CA VAL C 545 47.54 5.46 25.61
C VAL C 545 47.34 4.63 24.34
N THR C 546 47.75 5.17 23.19
CA THR C 546 47.67 4.41 21.95
C THR C 546 48.61 3.21 21.97
N ARG C 547 49.87 3.43 22.34
CA ARG C 547 50.82 2.33 22.48
C ARG C 547 50.34 1.33 23.53
N GLU C 548 50.01 1.82 24.74
CA GLU C 548 49.51 0.97 25.80
C GLU C 548 48.42 0.03 25.30
N TYR C 549 47.52 0.54 24.45
CA TYR C 549 46.45 -0.29 23.92
C TYR C 549 46.96 -1.29 22.89
N GLN C 550 47.82 -0.82 21.98
CA GLN C 550 48.36 -1.71 20.97
C GLN C 550 49.18 -2.83 21.62
N GLU C 551 49.83 -2.53 22.74
CA GLU C 551 50.63 -3.54 23.42
C GLU C 551 49.76 -4.62 24.05
N SER C 552 48.51 -4.31 24.36
CA SER C 552 47.65 -5.29 24.98
C SER C 552 46.91 -6.18 23.99
N MET C 553 47.02 -5.91 22.68
CA MET C 553 46.33 -6.67 21.64
C MET C 553 47.29 -7.11 20.54
N PRO C 554 48.18 -8.07 20.83
CA PRO C 554 49.13 -8.53 19.80
C PRO C 554 48.46 -9.20 18.61
N GLU C 555 47.26 -9.75 18.76
CA GLU C 555 46.59 -10.39 17.64
C GLU C 555 46.35 -9.42 16.48
N LEU C 556 46.36 -8.12 16.73
CA LEU C 556 46.00 -7.15 15.72
C LEU C 556 47.21 -6.34 15.21
N ALA C 557 48.43 -6.79 15.49
CA ALA C 557 49.61 -6.02 15.10
C ALA C 557 49.82 -6.00 13.59
N ASP C 558 49.29 -6.98 12.86
CA ASP C 558 49.33 -6.92 11.41
C ASP C 558 48.46 -5.79 10.88
N LYS C 559 47.33 -5.53 11.56
CA LYS C 559 46.48 -4.41 11.18
C LYS C 559 47.11 -3.08 11.57
N PHE C 560 47.83 -3.05 12.70
CA PHE C 560 48.48 -1.83 13.17
C PHE C 560 49.48 -1.29 12.14
N ARG C 561 50.07 -2.16 11.33
CA ARG C 561 50.95 -1.75 10.24
C ARG C 561 50.16 -1.43 8.98
N GLN C 562 49.04 -2.14 8.74
CA GLN C 562 48.22 -1.86 7.57
C GLN C 562 47.51 -0.52 7.67
N TYR C 563 47.17 -0.08 8.89
CA TYR C 563 46.51 1.19 9.15
C TYR C 563 47.26 1.85 10.31
N ASP C 564 48.26 2.66 9.99
CA ASP C 564 49.22 3.14 10.97
C ASP C 564 48.70 4.40 11.67
N MET C 565 48.60 4.34 12.99
CA MET C 565 48.28 5.50 13.81
C MET C 565 49.47 6.41 14.03
N PHE C 566 50.68 5.92 13.79
CA PHE C 566 51.89 6.70 14.01
C PHE C 566 52.54 7.16 12.71
N ALA C 567 51.80 7.14 11.61
CA ALA C 567 52.32 7.66 10.35
C ALA C 567 52.73 9.13 10.52
N PRO C 568 53.71 9.60 9.74
CA PRO C 568 54.13 11.00 9.89
C PRO C 568 53.06 11.97 9.43
N GLU C 569 52.38 11.69 8.33
CA GLU C 569 51.42 12.61 7.75
C GLU C 569 50.09 11.92 7.51
N PHE C 570 49.01 12.69 7.63
CA PHE C 570 47.67 12.28 7.20
C PHE C 570 46.98 13.51 6.60
N ALA C 571 45.92 13.24 5.85
CA ALA C 571 45.31 14.29 5.06
C ALA C 571 44.54 15.26 5.95
N LEU C 572 44.58 16.54 5.59
CA LEU C 572 43.88 17.59 6.33
C LEU C 572 42.47 17.72 5.74
N SER C 573 41.47 17.31 6.52
CA SER C 573 40.09 17.30 6.04
C SER C 573 39.42 18.64 6.31
N CYS C 574 38.72 19.16 5.31
CA CYS C 574 38.21 20.52 5.31
C CYS C 574 36.70 20.53 5.38
N LEU C 575 36.15 20.74 6.57
CA LEU C 575 34.70 20.68 6.75
C LEU C 575 34.00 21.89 6.14
N ASN C 576 34.51 23.10 6.38
CA ASN C 576 33.89 24.29 5.83
C ASN C 576 33.85 24.24 4.31
N ARG C 577 34.90 23.71 3.67
CA ARG C 577 34.89 23.53 2.22
C ARG C 577 33.79 22.58 1.77
N LEU C 578 33.36 21.65 2.63
CA LEU C 578 32.20 20.82 2.32
C LEU C 578 30.90 21.60 2.51
N GLN C 579 30.82 22.42 3.56
CA GLN C 579 29.61 23.21 3.79
C GLN C 579 29.47 24.31 2.73
N LEU C 580 30.57 24.99 2.38
CA LEU C 580 30.54 26.03 1.37
C LEU C 580 30.25 25.50 -0.03
N ARG C 581 30.23 24.17 -0.23
CA ARG C 581 29.97 23.57 -1.53
C ARG C 581 28.49 23.26 -1.76
N ASN C 582 27.69 23.19 -0.71
CA ASN C 582 26.24 22.92 -0.84
C ASN C 582 25.46 23.30 0.42
N VAL C 599 44.00 17.13 -2.48
CA VAL C 599 44.11 18.19 -1.47
C VAL C 599 45.49 18.13 -0.80
N GLY C 600 45.60 18.69 0.40
CA GLY C 600 46.86 18.76 1.11
C GLY C 600 46.95 17.77 2.26
N THR C 601 48.04 17.89 3.02
CA THR C 601 48.32 16.99 4.13
C THR C 601 48.65 17.79 5.38
N LEU C 602 48.87 17.07 6.49
CA LEU C 602 49.12 17.67 7.78
C LEU C 602 49.98 16.71 8.62
N ARG C 603 50.73 17.27 9.56
CA ARG C 603 51.70 16.50 10.35
C ARG C 603 51.02 15.88 11.57
N ASN C 604 51.06 14.55 11.66
CA ASN C 604 50.52 13.78 12.80
C ASN C 604 51.25 14.12 14.09
N PRO C 605 50.57 14.63 15.11
CA PRO C 605 51.27 14.96 16.36
C PRO C 605 51.87 13.76 17.04
N ILE C 606 51.29 12.59 16.85
CA ILE C 606 51.69 11.39 17.57
C ILE C 606 52.77 10.71 16.72
N ALA C 607 54.03 11.01 17.06
CA ALA C 607 55.15 10.43 16.33
C ALA C 607 56.41 10.35 17.20
N GLY C 608 56.27 10.31 18.51
CA GLY C 608 57.41 10.31 19.42
C GLY C 608 57.00 10.62 20.83
N HIS D 20 -4.78 30.68 16.40
CA HIS D 20 -5.46 29.72 17.25
C HIS D 20 -4.88 29.74 18.65
N MET D 21 -5.76 29.89 19.64
CA MET D 21 -5.32 29.67 21.01
C MET D 21 -5.23 28.16 21.29
N SER D 22 -6.34 27.44 21.18
CA SER D 22 -6.36 26.04 21.54
C SER D 22 -5.85 25.13 20.42
N LEU D 23 -5.39 23.94 20.85
CA LEU D 23 -4.82 22.96 19.93
C LEU D 23 -5.90 22.28 19.11
N ALA D 24 -7.05 22.07 19.72
CA ALA D 24 -8.17 21.52 18.98
C ALA D 24 -8.81 22.57 18.11
N ASP D 25 -8.90 23.80 18.60
CA ASP D 25 -9.43 24.87 17.76
C ASP D 25 -8.54 25.15 16.56
N SER D 26 -7.26 24.84 16.62
CA SER D 26 -6.44 25.06 15.43
C SER D 26 -6.90 24.19 14.26
N VAL D 27 -7.60 23.09 14.49
CA VAL D 27 -7.98 22.32 13.31
C VAL D 27 -9.46 21.99 13.31
N ALA D 28 -10.25 22.72 14.08
CA ALA D 28 -11.68 22.47 14.11
C ALA D 28 -12.32 22.64 12.74
N HIS D 29 -11.76 23.48 11.87
CA HIS D 29 -12.35 23.64 10.54
C HIS D 29 -12.15 22.43 9.64
N LEU D 30 -11.18 21.56 9.95
CA LEU D 30 -10.88 20.41 9.11
C LEU D 30 -11.70 19.22 9.58
N SER D 31 -12.88 19.03 9.01
CA SER D 31 -13.70 17.84 9.30
C SER D 31 -13.86 17.02 8.04
N PRO D 32 -14.17 15.73 8.16
CA PRO D 32 -14.42 14.93 6.95
C PRO D 32 -15.48 15.53 6.04
N GLU D 33 -16.55 16.07 6.61
CA GLU D 33 -17.62 16.58 5.75
C GLU D 33 -17.19 17.84 5.01
N ARG D 34 -16.59 18.81 5.72
CA ARG D 34 -16.14 20.02 5.00
C ARG D 34 -15.05 19.67 4.00
N TRP D 35 -14.17 18.74 4.36
CA TRP D 35 -13.07 18.42 3.45
C TRP D 35 -13.60 17.82 2.15
N GLU D 36 -14.61 16.95 2.26
CA GLU D 36 -15.24 16.38 1.07
C GLU D 36 -15.91 17.47 0.23
N GLN D 37 -16.62 18.40 0.86
CA GLN D 37 -17.19 19.50 0.09
C GLN D 37 -16.09 20.32 -0.58
N ALA D 38 -15.00 20.64 0.16
CA ALA D 38 -13.92 21.42 -0.46
C ALA D 38 -13.29 20.69 -1.64
N ASN D 39 -13.10 19.38 -1.53
CA ASN D 39 -12.50 18.61 -2.64
C ASN D 39 -13.40 18.61 -3.87
N ARG D 40 -14.70 18.38 -3.69
CA ARG D 40 -15.64 18.41 -4.81
C ARG D 40 -15.61 19.77 -5.51
N LEU D 41 -15.62 20.85 -4.72
CA LEU D 41 -15.64 22.20 -5.31
C LEU D 41 -14.36 22.50 -6.05
N LEU D 42 -13.22 22.06 -5.52
CA LEU D 42 -11.96 22.35 -6.20
C LEU D 42 -11.84 21.52 -7.48
N ILE D 43 -12.21 20.24 -7.42
CA ILE D 43 -12.14 19.40 -8.64
C ILE D 43 -13.07 19.94 -9.71
N ARG D 44 -14.27 20.39 -9.32
CA ARG D 44 -15.17 21.02 -10.28
C ARG D 44 -14.49 22.21 -10.95
N LYS D 45 -13.84 23.06 -10.15
CA LYS D 45 -13.16 24.21 -10.72
C LYS D 45 -11.98 23.78 -11.57
N ALA D 46 -11.22 22.78 -11.11
CA ALA D 46 -10.06 22.34 -11.88
C ALA D 46 -10.50 21.76 -13.21
N LEU D 47 -11.51 20.88 -13.19
CA LEU D 47 -12.07 20.37 -14.44
C LEU D 47 -12.47 21.50 -15.37
N ALA D 48 -13.17 22.51 -14.85
CA ALA D 48 -13.69 23.56 -15.73
C ALA D 48 -12.57 24.44 -16.31
N GLU D 49 -11.60 24.83 -15.48
CA GLU D 49 -10.58 25.75 -15.96
C GLU D 49 -9.47 25.04 -16.73
N PHE D 50 -9.14 23.80 -16.38
CA PHE D 50 -8.17 23.08 -17.20
C PHE D 50 -8.77 22.72 -18.58
N ALA D 51 -10.09 22.52 -18.66
CA ALA D 51 -10.69 22.29 -19.97
C ALA D 51 -10.74 23.58 -20.78
N HIS D 52 -11.12 24.68 -20.13
CA HIS D 52 -11.06 25.97 -20.80
C HIS D 52 -9.67 26.24 -21.36
N GLU D 53 -8.63 25.93 -20.59
CA GLU D 53 -7.28 26.18 -21.07
C GLU D 53 -6.77 25.07 -21.95
N ARG D 54 -7.60 24.05 -22.23
CA ARG D 54 -7.24 22.94 -23.09
C ARG D 54 -6.06 22.15 -22.53
N LEU D 55 -5.88 22.18 -21.21
CA LEU D 55 -4.92 21.29 -20.60
C LEU D 55 -5.46 19.87 -20.59
N ILE D 56 -6.78 19.74 -20.48
CA ILE D 56 -7.49 18.47 -20.63
C ILE D 56 -8.57 18.66 -21.68
N THR D 57 -9.12 17.55 -22.15
CA THR D 57 -10.14 17.52 -23.20
C THR D 57 -11.22 16.51 -22.81
N PRO D 58 -12.28 16.95 -22.16
CA PRO D 58 -13.38 16.04 -21.83
C PRO D 58 -14.01 15.44 -23.08
N GLU D 59 -14.34 14.15 -23.02
CA GLU D 59 -15.05 13.44 -24.08
C GLU D 59 -16.50 13.19 -23.66
N ARG D 60 -17.45 13.50 -24.53
CA ARG D 60 -18.84 13.16 -24.24
C ARG D 60 -19.05 11.67 -24.46
N ASP D 61 -19.77 11.06 -23.53
CA ASP D 61 -20.14 9.63 -23.56
C ASP D 61 -21.63 9.59 -23.22
N GLY D 62 -22.48 9.91 -24.19
CA GLY D 62 -23.89 9.99 -23.92
C GLY D 62 -24.26 11.21 -23.10
N ASP D 63 -24.82 10.99 -21.91
CA ASP D 63 -25.28 12.08 -21.07
C ASP D 63 -24.22 12.57 -20.07
N VAL D 64 -23.02 12.00 -20.08
CA VAL D 64 -21.93 12.49 -19.25
C VAL D 64 -20.74 12.89 -20.11
N TYR D 65 -19.84 13.65 -19.49
CA TYR D 65 -18.51 13.92 -20.02
C TYR D 65 -17.50 13.14 -19.20
N VAL D 66 -16.41 12.72 -19.82
CA VAL D 66 -15.41 11.90 -19.15
C VAL D 66 -14.04 12.51 -19.36
N VAL D 67 -13.27 12.61 -18.28
CA VAL D 67 -11.87 13.02 -18.29
C VAL D 67 -11.07 11.90 -17.61
N ARG D 68 -10.00 11.47 -18.25
CA ARG D 68 -9.24 10.32 -17.73
C ARG D 68 -7.87 10.74 -17.23
N SER D 69 -7.37 10.01 -16.23
CA SER D 69 -5.99 10.15 -15.79
C SER D 69 -5.02 9.87 -16.94
N ASP D 70 -3.76 10.23 -16.71
CA ASP D 70 -2.73 10.05 -17.73
C ASP D 70 -2.61 8.58 -18.13
N ASP D 71 -2.79 7.67 -17.19
CA ASP D 71 -2.60 6.26 -17.47
C ASP D 71 -3.87 5.59 -17.98
N GLY D 72 -4.98 6.32 -18.07
CA GLY D 72 -6.24 5.76 -18.49
C GLY D 72 -7.01 4.97 -17.44
N LEU D 73 -6.43 4.67 -16.28
CA LEU D 73 -7.07 3.78 -15.32
C LEU D 73 -8.12 4.46 -14.44
N THR D 74 -8.10 5.78 -14.33
CA THR D 74 -9.04 6.50 -13.48
C THR D 74 -9.87 7.45 -14.32
N GLY D 75 -11.18 7.46 -14.12
CA GLY D 75 -12.07 8.30 -14.92
C GLY D 75 -12.89 9.25 -14.05
N TYR D 76 -13.06 10.48 -14.53
CA TYR D 76 -13.88 11.48 -13.86
C TYR D 76 -15.07 11.76 -14.76
N ARG D 77 -16.28 11.55 -14.24
CA ARG D 77 -17.50 11.70 -15.01
C ARG D 77 -18.32 12.82 -14.41
N PHE D 78 -18.96 13.61 -15.27
CA PHE D 78 -19.68 14.77 -14.82
C PHE D 78 -20.56 15.26 -15.96
N THR D 79 -21.61 15.99 -15.58
CA THR D 79 -22.44 16.65 -16.59
C THR D 79 -21.97 18.09 -16.68
N ALA D 80 -22.07 18.64 -17.89
CA ALA D 80 -21.55 19.98 -18.12
C ALA D 80 -22.26 20.59 -19.33
N ALA D 81 -22.24 21.92 -19.39
CA ALA D 81 -22.61 22.65 -20.60
C ALA D 81 -21.48 23.62 -20.96
N VAL D 82 -21.12 23.66 -22.24
CA VAL D 82 -20.08 24.56 -22.74
C VAL D 82 -20.75 25.87 -23.13
N ARG D 83 -20.43 26.94 -22.42
CA ARG D 83 -21.05 28.25 -22.66
C ARG D 83 -20.07 29.13 -23.45
N THR D 84 -20.43 30.39 -23.62
CA THR D 84 -19.62 31.34 -24.37
C THR D 84 -18.19 31.46 -23.81
N LEU D 85 -17.23 31.72 -24.70
CA LEU D 85 -15.81 31.79 -24.37
C LEU D 85 -15.33 30.44 -23.83
N ASP D 86 -15.81 29.35 -24.43
CA ASP D 86 -15.40 28.01 -24.05
C ASP D 86 -15.46 27.82 -22.53
N HIS D 87 -16.56 28.22 -21.94
CA HIS D 87 -16.70 28.14 -20.50
C HIS D 87 -17.38 26.81 -20.18
N TRP D 88 -16.71 25.98 -19.38
CA TRP D 88 -17.27 24.70 -18.94
C TRP D 88 -18.08 24.91 -17.66
N GLN D 89 -19.40 24.85 -17.78
CA GLN D 89 -20.29 24.96 -16.64
C GLN D 89 -20.58 23.54 -16.15
N ILE D 90 -19.96 23.16 -15.03
CA ILE D 90 -19.99 21.77 -14.57
C ILE D 90 -20.85 21.69 -13.32
N ASP D 91 -21.76 20.72 -13.28
CA ASP D 91 -22.52 20.48 -12.07
C ASP D 91 -21.61 19.77 -11.07
N ALA D 92 -21.29 20.45 -9.98
CA ALA D 92 -20.39 19.86 -8.98
C ALA D 92 -20.94 18.56 -8.41
N ASP D 93 -22.25 18.50 -8.13
CA ASP D 93 -22.79 17.29 -7.51
C ASP D 93 -22.83 16.10 -8.45
N SER D 94 -22.62 16.30 -9.76
CA SER D 94 -22.62 15.19 -10.71
C SER D 94 -21.26 14.52 -10.86
N ILE D 95 -20.21 15.03 -10.22
CA ILE D 95 -18.85 14.55 -10.47
C ILE D 95 -18.63 13.22 -9.78
N SER D 96 -18.16 12.24 -10.52
CA SER D 96 -17.86 10.95 -9.92
C SER D 96 -16.50 10.47 -10.42
N ARG D 97 -15.84 9.68 -9.58
CA ARG D 97 -14.51 9.15 -9.84
C ARG D 97 -14.59 7.63 -9.90
N HIS D 98 -13.97 7.04 -10.93
CA HIS D 98 -14.12 5.62 -11.20
C HIS D 98 -12.79 4.96 -11.54
N ARG D 99 -12.56 3.78 -10.98
CA ARG D 99 -11.36 3.00 -11.27
C ARG D 99 -11.68 1.53 -11.10
N ASP D 100 -11.39 0.73 -12.13
CA ASP D 100 -11.59 -0.72 -12.08
C ASP D 100 -12.99 -1.09 -11.59
N GLY D 101 -13.99 -0.64 -12.35
CA GLY D 101 -15.37 -0.87 -12.02
C GLY D 101 -15.86 -0.40 -10.66
N GLU D 102 -15.06 0.35 -9.91
CA GLU D 102 -15.46 0.79 -8.58
C GLU D 102 -15.46 2.31 -8.52
N GLU D 103 -16.39 2.86 -7.74
CA GLU D 103 -16.55 4.30 -7.63
C GLU D 103 -15.77 4.79 -6.41
N LEU D 104 -14.86 5.73 -6.63
CA LEU D 104 -13.92 6.19 -5.62
C LEU D 104 -14.28 7.58 -5.11
N PRO D 105 -13.90 7.92 -3.87
CA PRO D 105 -14.17 9.27 -3.38
C PRO D 105 -13.29 10.31 -4.07
N LEU D 106 -13.82 11.52 -4.18
CA LEU D 106 -13.09 12.60 -4.80
C LEU D 106 -11.95 13.05 -3.89
N ALA D 107 -10.76 13.17 -4.46
CA ALA D 107 -9.60 13.60 -3.68
C ALA D 107 -8.78 14.54 -4.56
N ALA D 108 -8.74 15.83 -4.23
CA ALA D 108 -8.05 16.77 -5.10
C ALA D 108 -6.58 16.38 -5.29
N LEU D 109 -5.89 15.91 -4.24
CA LEU D 109 -4.47 15.61 -4.38
C LEU D 109 -4.24 14.52 -5.42
N ASP D 110 -5.02 13.44 -5.34
CA ASP D 110 -4.89 12.35 -6.31
C ASP D 110 -5.19 12.85 -7.72
N PHE D 111 -6.16 13.76 -7.85
CA PHE D 111 -6.52 14.32 -9.16
C PHE D 111 -5.28 14.89 -9.85
N PHE D 112 -4.54 15.75 -9.16
CA PHE D 112 -3.37 16.36 -9.80
C PHE D 112 -2.24 15.35 -10.00
N ILE D 113 -2.06 14.42 -9.07
CA ILE D 113 -1.06 13.40 -9.32
C ILE D 113 -1.41 12.58 -10.56
N GLU D 114 -2.70 12.21 -10.72
CA GLU D 114 -3.14 11.40 -11.86
C GLU D 114 -3.04 12.13 -13.20
N LEU D 115 -3.08 13.46 -13.19
CA LEU D 115 -2.94 14.27 -14.39
C LEU D 115 -1.59 15.00 -14.44
N LYS D 116 -0.62 14.54 -13.64
CA LYS D 116 0.67 15.22 -13.55
C LYS D 116 1.21 15.60 -14.93
N ASP D 117 1.21 14.65 -15.86
CA ASP D 117 1.88 14.90 -17.14
C ASP D 117 1.04 15.77 -18.07
N SER D 118 -0.27 15.56 -18.11
CA SER D 118 -1.13 16.43 -18.91
C SER D 118 -1.06 17.87 -18.44
N LEU D 119 -0.74 18.08 -17.18
CA LEU D 119 -0.77 19.42 -16.64
C LEU D 119 0.58 20.12 -16.72
N GLY D 120 1.65 19.41 -17.06
CA GLY D 120 2.96 20.01 -17.12
C GLY D 120 3.66 20.15 -15.79
N LEU D 121 3.22 19.41 -14.78
CA LEU D 121 3.80 19.52 -13.45
C LEU D 121 5.10 18.75 -13.40
N SER D 122 6.22 19.46 -13.35
CA SER D 122 7.51 18.79 -13.28
C SER D 122 7.66 18.09 -11.94
N ASP D 123 8.68 17.25 -11.83
CA ASP D 123 8.95 16.56 -10.57
C ASP D 123 9.25 17.54 -9.45
N GLU D 124 9.85 18.69 -9.76
CA GLU D 124 10.30 19.59 -8.71
C GLU D 124 9.14 20.36 -8.09
N ILE D 125 8.17 20.80 -8.88
CA ILE D 125 7.12 21.61 -8.29
C ILE D 125 5.82 20.85 -7.99
N LEU D 126 5.65 19.59 -8.46
CA LEU D 126 4.46 18.83 -8.08
C LEU D 126 4.20 18.82 -6.58
N PRO D 127 5.17 18.46 -5.71
CA PRO D 127 4.86 18.48 -4.25
C PRO D 127 4.47 19.86 -3.76
N VAL D 128 5.18 20.91 -4.20
CA VAL D 128 4.86 22.25 -3.75
C VAL D 128 3.45 22.62 -4.17
N TYR D 129 3.10 22.31 -5.42
CA TYR D 129 1.74 22.53 -5.91
C TYR D 129 0.71 21.75 -5.09
N LEU D 130 1.04 20.53 -4.66
CA LEU D 130 0.07 19.84 -3.81
C LEU D 130 -0.04 20.53 -2.46
N GLU D 131 1.06 21.10 -1.97
CA GLU D 131 0.97 21.84 -0.73
C GLU D 131 0.12 23.10 -0.91
N GLU D 132 0.28 23.80 -2.03
CA GLU D 132 -0.57 24.94 -2.34
C GLU D 132 -2.04 24.52 -2.40
N ILE D 133 -2.31 23.37 -3.03
CA ILE D 133 -3.68 22.86 -3.12
C ILE D 133 -4.21 22.54 -1.74
N SER D 134 -3.40 21.89 -0.88
CA SER D 134 -3.88 21.61 0.47
C SER D 134 -4.29 22.89 1.18
N SER D 135 -3.51 23.94 1.00
CA SER D 135 -3.78 25.20 1.67
C SER D 135 -5.09 25.81 1.18
N THR D 136 -5.32 25.78 -0.14
CA THR D 136 -6.59 26.23 -0.69
C THR D 136 -7.77 25.46 -0.09
N LEU D 137 -7.64 24.12 0.02
CA LEU D 137 -8.73 23.31 0.55
C LEU D 137 -8.99 23.63 2.01
N SER D 138 -7.92 23.81 2.78
CA SER D 138 -8.08 24.18 4.18
C SER D 138 -8.79 25.51 4.31
N GLY D 139 -8.39 26.49 3.48
CA GLY D 139 -9.09 27.76 3.48
C GLY D 139 -10.55 27.59 3.14
N THR D 140 -10.86 26.71 2.19
CA THR D 140 -12.27 26.47 1.88
C THR D 140 -13.01 25.88 3.07
N CYS D 141 -12.37 24.94 3.79
CA CYS D 141 -12.97 24.40 5.00
C CYS D 141 -13.20 25.49 6.02
N TYR D 142 -12.24 26.40 6.16
CA TYR D 142 -12.44 27.48 7.11
C TYR D 142 -13.64 28.31 6.69
N LYS D 143 -13.75 28.64 5.41
CA LYS D 143 -14.86 29.47 5.00
C LYS D 143 -16.20 28.77 5.17
N LEU D 144 -16.20 27.44 5.05
CA LEU D 144 -17.44 26.69 5.25
C LEU D 144 -17.93 26.73 6.68
N THR D 145 -17.07 27.09 7.65
CA THR D 145 -17.55 27.24 9.03
C THR D 145 -18.10 28.65 9.30
N LYS D 146 -17.93 29.58 8.38
CA LYS D 146 -18.45 30.92 8.64
C LYS D 146 -19.97 30.92 8.56
N PRO D 147 -20.61 31.89 9.22
CA PRO D 147 -22.07 32.02 9.10
C PRO D 147 -22.48 32.12 7.64
N ARG D 148 -23.51 31.36 7.29
CA ARG D 148 -24.01 31.35 5.92
C ARG D 148 -24.83 32.63 5.70
N ILE D 149 -24.38 33.48 4.80
CA ILE D 149 -25.01 34.76 4.53
C ILE D 149 -25.44 34.78 3.06
N THR D 150 -26.61 35.34 2.79
CA THR D 150 -27.09 35.28 1.42
C THR D 150 -26.48 36.40 0.59
N ALA D 151 -26.47 36.18 -0.73
CA ALA D 151 -26.00 37.19 -1.65
C ALA D 151 -26.65 38.54 -1.38
N ALA D 152 -27.97 38.57 -1.19
CA ALA D 152 -28.65 39.84 -0.92
C ALA D 152 -28.23 40.42 0.43
N GLU D 153 -28.05 39.59 1.45
CA GLU D 153 -27.64 40.12 2.75
C GLU D 153 -26.21 40.65 2.68
N LEU D 154 -25.34 39.97 1.93
CA LEU D 154 -23.98 40.46 1.74
C LEU D 154 -23.97 41.79 1.01
N ALA D 155 -24.80 41.91 -0.03
CA ALA D 155 -24.85 43.14 -0.82
C ALA D 155 -25.26 44.35 0.00
N ALA D 156 -25.95 44.14 1.12
CA ALA D 156 -26.39 45.22 1.96
C ALA D 156 -25.49 45.40 3.17
N GLY D 157 -24.46 44.58 3.31
CA GLY D 157 -23.67 44.51 4.52
C GLY D 157 -22.55 45.51 4.67
N GLY D 158 -22.23 46.30 3.65
CA GLY D 158 -21.17 47.28 3.83
C GLY D 158 -19.82 46.81 3.26
N PHE D 159 -18.93 47.79 3.11
CA PHE D 159 -17.73 47.62 2.30
C PHE D 159 -16.87 46.46 2.80
N GLN D 160 -16.57 46.44 4.10
CA GLN D 160 -15.64 45.44 4.61
C GLN D 160 -16.30 44.08 4.83
N ALA D 161 -17.62 44.03 5.09
CA ALA D 161 -18.29 42.73 5.13
C ALA D 161 -18.21 42.06 3.76
N ILE D 162 -18.46 42.81 2.68
CA ILE D 162 -18.31 42.27 1.34
C ILE D 162 -16.87 41.81 1.12
N GLU D 163 -15.90 42.66 1.49
CA GLU D 163 -14.49 42.36 1.25
C GLU D 163 -14.08 41.04 1.90
N THR D 164 -14.45 40.83 3.16
CA THR D 164 -14.02 39.65 3.91
C THR D 164 -14.93 38.45 3.68
N GLY D 165 -16.05 38.63 2.97
CA GLY D 165 -17.03 37.61 2.69
C GLY D 165 -16.92 37.00 1.32
N MET D 166 -15.91 37.39 0.55
CA MET D 166 -15.61 36.72 -0.71
C MET D 166 -15.13 35.31 -0.41
N THR D 167 -15.57 34.35 -1.20
CA THR D 167 -15.14 32.97 -0.97
C THR D 167 -14.26 32.42 -2.08
N GLU D 168 -14.53 32.83 -3.31
CA GLU D 168 -13.91 32.17 -4.46
C GLU D 168 -12.43 32.53 -4.59
N GLY D 169 -12.08 33.81 -4.48
CA GLY D 169 -10.76 34.20 -4.91
C GLY D 169 -10.72 34.37 -6.41
N HIS D 170 -9.53 34.36 -6.95
CA HIS D 170 -9.39 34.56 -8.38
C HIS D 170 -10.18 33.49 -9.13
N PRO D 171 -11.05 33.84 -10.08
CA PRO D 171 -11.91 32.81 -10.71
C PRO D 171 -11.17 31.86 -11.64
N CYS D 172 -10.00 32.23 -12.18
CA CYS D 172 -9.25 31.38 -13.10
C CYS D 172 -8.30 30.42 -12.39
N PHE D 173 -7.48 30.90 -11.46
CA PHE D 173 -6.41 30.07 -10.88
C PHE D 173 -6.99 29.01 -9.97
N VAL D 174 -6.63 27.75 -10.21
CA VAL D 174 -7.17 26.66 -9.39
C VAL D 174 -6.56 26.72 -7.99
N ALA D 175 -5.24 26.77 -7.90
CA ALA D 175 -4.52 26.98 -6.63
C ALA D 175 -4.41 28.49 -6.40
N ASN D 176 -5.47 29.09 -5.85
CA ASN D 176 -5.50 30.54 -5.82
C ASN D 176 -5.42 31.16 -4.43
N ASN D 177 -5.61 30.40 -3.37
CA ASN D 177 -5.62 31.01 -2.04
C ASN D 177 -4.66 30.29 -1.12
N GLY D 178 -3.51 29.88 -1.63
CA GLY D 178 -2.55 29.21 -0.80
C GLY D 178 -1.72 30.18 0.02
N ARG D 179 -2.06 30.32 1.31
CA ARG D 179 -1.32 31.20 2.22
C ARG D 179 -0.08 30.48 2.79
N LEU D 180 0.80 30.00 1.89
CA LEU D 180 1.92 29.18 2.34
C LEU D 180 2.96 30.03 3.04
N GLY D 181 3.54 29.47 4.08
CA GLY D 181 4.35 30.20 5.00
C GLY D 181 3.64 30.59 6.29
N PHE D 182 2.31 30.73 6.27
CA PHE D 182 1.55 30.91 7.50
C PHE D 182 1.41 29.55 8.19
N GLY D 183 1.74 29.50 9.47
CA GLY D 183 1.24 28.42 10.30
C GLY D 183 -0.23 28.59 10.53
N ILE D 184 -0.87 27.55 11.08
CA ILE D 184 -2.33 27.59 11.18
C ILE D 184 -2.78 28.72 12.09
N HIS D 185 -2.09 28.96 13.21
CA HIS D 185 -2.44 30.09 14.08
C HIS D 185 -2.26 31.42 13.33
N GLU D 186 -1.26 31.50 12.47
CA GLU D 186 -1.07 32.73 11.69
C GLU D 186 -2.14 32.87 10.62
N TYR D 187 -2.49 31.77 9.96
CA TYR D 187 -3.62 31.80 9.04
C TYR D 187 -4.87 32.31 9.74
N LEU D 188 -5.16 31.77 10.91
CA LEU D 188 -6.36 32.17 11.64
C LEU D 188 -6.27 33.62 12.13
N SER D 189 -5.08 34.18 12.26
CA SER D 189 -4.94 35.57 12.68
C SER D 189 -4.86 36.57 11.54
N TYR D 190 -4.48 36.15 10.31
CA TYR D 190 -4.10 37.12 9.28
C TYR D 190 -4.82 36.94 7.94
N ALA D 191 -5.39 35.79 7.65
CA ALA D 191 -6.04 35.62 6.36
C ALA D 191 -7.30 36.48 6.28
N PRO D 192 -7.56 37.08 5.12
CA PRO D 192 -8.68 38.05 5.04
C PRO D 192 -10.03 37.46 5.36
N GLU D 193 -10.27 36.20 5.02
CA GLU D 193 -11.60 35.64 5.27
C GLU D 193 -11.89 35.42 6.75
N THR D 194 -10.86 35.51 7.62
CA THR D 194 -11.10 35.44 9.06
C THR D 194 -11.58 36.76 9.63
N ALA D 195 -11.37 37.88 8.92
CA ALA D 195 -11.82 39.18 9.39
C ALA D 195 -11.26 39.50 10.77
N SER D 196 -10.01 39.17 10.99
CA SER D 196 -9.36 39.40 12.29
C SER D 196 -8.75 40.79 12.32
N PRO D 197 -9.08 41.60 13.33
CA PRO D 197 -8.39 42.89 13.47
C PRO D 197 -6.89 42.66 13.59
N VAL D 198 -6.11 43.52 12.93
CA VAL D 198 -4.66 43.47 12.97
C VAL D 198 -4.14 44.85 13.37
N ARG D 199 -3.13 44.85 14.23
CA ARG D 199 -2.43 46.06 14.62
C ARG D 199 -1.04 46.02 13.99
N LEU D 200 -0.67 47.11 13.31
CA LEU D 200 0.63 47.13 12.63
C LEU D 200 1.75 47.40 13.61
N VAL D 201 2.90 46.86 13.30
CA VAL D 201 4.13 47.15 14.00
C VAL D 201 4.83 48.29 13.28
N TRP D 202 5.42 49.21 14.03
CA TRP D 202 6.10 50.35 13.45
C TRP D 202 7.58 50.29 13.76
N LEU D 203 8.39 50.46 12.74
CA LEU D 203 9.84 50.56 12.85
C LEU D 203 10.29 51.97 12.46
N ALA D 204 11.34 52.44 13.13
CA ALA D 204 12.08 53.61 12.68
C ALA D 204 13.27 53.15 11.86
N ALA D 205 13.41 53.67 10.65
CA ALA D 205 14.46 53.25 9.72
C ALA D 205 15.41 54.42 9.45
N HIS D 206 16.71 54.18 9.64
CA HIS D 206 17.68 55.26 9.48
C HIS D 206 17.71 55.75 8.03
N ARG D 207 17.75 57.07 7.85
CA ARG D 207 17.66 57.66 6.50
C ARG D 207 18.91 57.44 5.64
N SER D 208 19.99 56.89 6.19
CA SER D 208 21.08 56.40 5.35
C SER D 208 20.67 55.17 4.54
N ARG D 209 19.60 54.48 4.93
CA ARG D 209 19.20 53.28 4.20
CA ARG D 209 19.19 53.28 4.21
C ARG D 209 17.73 53.27 3.78
N ALA D 210 16.88 54.12 4.32
CA ALA D 210 15.49 54.17 3.93
C ALA D 210 15.18 55.50 3.25
N ALA D 211 14.24 55.47 2.31
CA ALA D 211 13.83 56.65 1.56
C ALA D 211 12.32 56.73 1.53
N PHE D 212 11.82 57.95 1.72
CA PHE D 212 10.40 58.27 1.71
C PHE D 212 10.11 59.09 0.47
N THR D 213 9.00 58.82 -0.17
CA THR D 213 8.58 59.59 -1.32
C THR D 213 7.09 59.84 -1.19
N ALA D 214 6.61 60.98 -1.69
CA ALA D 214 5.23 61.37 -1.43
C ALA D 214 4.66 62.18 -2.57
N GLY D 215 3.33 62.14 -2.72
CA GLY D 215 2.66 62.79 -3.82
C GLY D 215 2.41 64.25 -3.54
N VAL D 216 1.73 64.91 -4.48
CA VAL D 216 1.46 66.34 -4.35
C VAL D 216 0.69 66.62 -3.07
N GLY D 217 1.15 67.63 -2.33
CA GLY D 217 0.47 68.07 -1.13
C GLY D 217 0.71 67.24 0.11
N ILE D 218 1.61 66.26 0.07
CA ILE D 218 2.05 65.54 1.24
C ILE D 218 3.34 66.15 1.79
N ASP D 219 3.36 66.40 3.09
CA ASP D 219 4.53 66.74 3.89
C ASP D 219 4.74 65.62 4.91
N TYR D 220 5.96 65.08 4.99
CA TYR D 220 6.19 63.89 5.83
C TYR D 220 5.67 64.06 7.26
N GLU D 221 6.06 65.15 7.93
CA GLU D 221 5.77 65.30 9.36
C GLU D 221 4.28 65.40 9.60
N SER D 222 3.59 66.21 8.80
CA SER D 222 2.15 66.30 8.98
C SER D 222 1.47 64.99 8.55
N PHE D 223 2.00 64.32 7.52
CA PHE D 223 1.46 63.02 7.09
C PHE D 223 1.47 62.01 8.23
N VAL D 224 2.62 61.82 8.90
CA VAL D 224 2.63 60.84 9.98
C VAL D 224 1.76 61.27 11.16
N ARG D 225 1.65 62.57 11.43
CA ARG D 225 0.81 62.98 12.55
C ARG D 225 -0.66 62.71 12.25
N GLN D 226 -1.11 62.99 11.02
CA GLN D 226 -2.48 62.70 10.67
C GLN D 226 -2.78 61.21 10.78
N GLU D 227 -1.80 60.36 10.42
CA GLU D 227 -2.03 58.93 10.39
C GLU D 227 -1.99 58.32 11.81
N LEU D 228 -1.02 58.73 12.64
CA LEU D 228 -0.81 58.10 13.94
C LEU D 228 -1.34 58.92 15.10
N GLY D 229 -1.59 60.21 14.90
CA GLY D 229 -1.93 61.06 16.02
C GLY D 229 -0.67 61.52 16.76
N GLU D 230 -0.75 62.72 17.32
CA GLU D 230 0.40 63.33 17.96
C GLU D 230 0.91 62.50 19.13
N GLU D 231 0.01 61.94 19.94
CA GLU D 231 0.47 61.20 21.11
C GLU D 231 1.34 60.01 20.72
N THR D 232 0.94 59.29 19.68
CA THR D 232 1.71 58.13 19.26
C THR D 232 3.04 58.56 18.64
N VAL D 233 3.03 59.59 17.78
CA VAL D 233 4.26 60.12 17.21
C VAL D 233 5.23 60.49 18.33
N ASP D 234 4.73 61.18 19.38
CA ASP D 234 5.63 61.59 20.46
C ASP D 234 6.15 60.39 21.24
N ARG D 235 5.31 59.39 21.45
CA ARG D 235 5.74 58.17 22.13
C ARG D 235 6.82 57.44 21.31
N PHE D 236 6.60 57.31 20.00
CA PHE D 236 7.65 56.75 19.13
C PHE D 236 8.91 57.61 19.16
N HIS D 237 8.76 58.96 19.14
CA HIS D 237 9.95 59.79 19.29
C HIS D 237 10.68 59.50 20.60
N GLY D 238 9.93 59.24 21.68
CA GLY D 238 10.56 58.91 22.95
C GLY D 238 11.34 57.62 22.93
N VAL D 239 10.90 56.63 22.15
CA VAL D 239 11.67 55.40 22.01
C VAL D 239 13.06 55.69 21.42
N LEU D 240 13.09 56.51 20.36
CA LEU D 240 14.36 56.94 19.78
C LEU D 240 15.21 57.72 20.79
N ARG D 241 14.60 58.71 21.46
CA ARG D 241 15.36 59.54 22.38
C ARG D 241 15.99 58.70 23.48
N GLU D 242 15.23 57.77 24.05
CA GLU D 242 15.81 56.94 25.10
C GLU D 242 17.05 56.20 24.62
N ARG D 243 17.16 55.88 23.33
CA ARG D 243 18.37 55.25 22.81
C ARG D 243 19.44 56.26 22.40
N GLY D 244 19.27 57.54 22.71
CA GLY D 244 20.17 58.57 22.23
C GLY D 244 20.08 58.85 20.74
N LEU D 245 18.96 58.55 20.10
CA LEU D 245 18.84 58.69 18.65
C LEU D 245 17.96 59.89 18.29
N ASP D 246 18.25 60.50 17.13
CA ASP D 246 17.57 61.72 16.67
C ASP D 246 16.42 61.36 15.73
N PRO D 247 15.16 61.67 16.08
CA PRO D 247 14.05 61.38 15.15
C PRO D 247 14.23 61.93 13.73
N ALA D 248 14.92 63.07 13.58
CA ALA D 248 15.10 63.68 12.26
C ALA D 248 15.88 62.79 11.30
N ASP D 249 16.70 61.88 11.83
CA ASP D 249 17.47 60.95 11.02
C ASP D 249 16.69 59.71 10.60
N TYR D 250 15.42 59.55 11.02
CA TYR D 250 14.70 58.29 10.89
C TYR D 250 13.37 58.47 10.17
N LEU D 251 12.92 57.39 9.54
CA LEU D 251 11.63 57.29 8.85
C LEU D 251 10.81 56.18 9.51
N PHE D 252 9.51 56.45 9.72
CA PHE D 252 8.60 55.43 10.22
C PHE D 252 8.20 54.46 9.11
N ILE D 253 8.34 53.17 9.33
CA ILE D 253 7.84 52.16 8.40
C ILE D 253 6.87 51.23 9.13
N PRO D 254 5.61 51.14 8.70
CA PRO D 254 4.70 50.13 9.27
C PRO D 254 4.96 48.76 8.65
N VAL D 255 4.91 47.73 9.48
CA VAL D 255 5.21 46.38 9.03
C VAL D 255 4.12 45.44 9.49
N HIS D 256 3.81 44.47 8.66
CA HIS D 256 2.93 43.38 9.02
C HIS D 256 3.52 42.62 10.21
N PRO D 257 2.74 42.33 11.25
CA PRO D 257 3.33 41.61 12.40
C PRO D 257 4.00 40.28 12.02
N TRP D 258 3.45 39.56 11.05
CA TRP D 258 4.10 38.30 10.68
C TRP D 258 5.51 38.56 10.19
N GLN D 259 5.67 39.64 9.40
CA GLN D 259 6.96 40.00 8.83
C GLN D 259 7.97 40.39 9.91
N TRP D 260 7.52 41.09 10.95
CA TRP D 260 8.44 41.44 12.03
C TRP D 260 8.90 40.19 12.77
N TRP D 261 7.95 39.36 13.22
CA TRP D 261 8.29 38.26 14.13
C TRP D 261 9.04 37.15 13.41
N ASN D 262 8.69 36.87 12.16
CA ASN D 262 9.20 35.70 11.47
C ASN D 262 10.36 36.02 10.51
N LYS D 263 10.49 37.25 10.03
CA LYS D 263 11.57 37.59 9.11
C LYS D 263 12.47 38.70 9.64
N LEU D 264 11.95 39.92 9.86
CA LEU D 264 12.83 41.05 10.09
C LEU D 264 13.65 40.91 11.37
N SER D 265 13.02 40.41 12.45
CA SER D 265 13.73 40.28 13.71
C SER D 265 14.88 39.30 13.61
N VAL D 266 14.90 38.43 12.59
CA VAL D 266 15.97 37.45 12.39
C VAL D 266 16.83 37.84 11.20
N THR D 267 16.23 37.94 10.02
CA THR D 267 16.99 38.21 8.82
C THR D 267 17.69 39.58 8.88
N PHE D 268 17.02 40.58 9.44
CA PHE D 268 17.61 41.92 9.57
C PHE D 268 18.15 42.18 10.96
N ALA D 269 18.66 41.16 11.65
CA ALA D 269 19.16 41.37 13.00
C ALA D 269 20.29 42.39 13.00
N ALA D 270 21.16 42.34 11.99
CA ALA D 270 22.25 43.31 11.90
C ALA D 270 21.73 44.74 11.91
N GLU D 271 20.64 45.00 11.20
CA GLU D 271 20.10 46.36 11.13
C GLU D 271 19.52 46.79 12.47
N VAL D 272 18.92 45.86 13.20
CA VAL D 272 18.34 46.17 14.51
C VAL D 272 19.45 46.42 15.53
N ALA D 273 20.44 45.54 15.57
CA ALA D 273 21.53 45.68 16.53
C ALA D 273 22.31 46.98 16.29
N ARG D 274 22.54 47.36 15.04
CA ARG D 274 23.27 48.61 14.79
C ARG D 274 22.38 49.84 14.83
N GLN D 275 21.09 49.67 15.16
CA GLN D 275 20.12 50.77 15.24
C GLN D 275 19.87 51.44 13.89
N HIS D 276 20.12 50.73 12.80
CA HIS D 276 19.56 51.15 11.52
C HIS D 276 18.05 50.99 11.51
N LEU D 277 17.54 50.03 12.28
CA LEU D 277 16.12 49.82 12.45
C LEU D 277 15.87 49.78 13.94
N VAL D 278 14.85 50.49 14.39
CA VAL D 278 14.48 50.51 15.79
C VAL D 278 13.00 50.13 15.88
N CYS D 279 12.70 49.16 16.74
CA CYS D 279 11.33 48.80 17.02
C CYS D 279 10.66 49.89 17.84
N LEU D 280 9.60 50.47 17.32
CA LEU D 280 8.93 51.55 18.04
C LEU D 280 7.74 51.06 18.84
N GLY D 281 6.99 50.10 18.33
CA GLY D 281 5.83 49.55 18.99
C GLY D 281 4.70 49.31 18.01
N GLU D 282 3.50 49.18 18.54
CA GLU D 282 2.29 48.95 17.77
C GLU D 282 1.50 50.24 17.63
N GLY D 283 0.84 50.39 16.47
CA GLY D 283 -0.13 51.47 16.33
C GLY D 283 -1.45 51.05 16.95
N ASP D 284 -2.22 52.04 17.39
CA ASP D 284 -3.50 51.79 18.05
C ASP D 284 -4.61 51.35 17.09
N ASP D 285 -4.62 51.85 15.87
CA ASP D 285 -5.74 51.59 14.98
C ASP D 285 -5.84 50.10 14.62
N GLU D 286 -7.07 49.59 14.56
CA GLU D 286 -7.34 48.24 14.09
C GLU D 286 -7.50 48.23 12.57
N TYR D 287 -6.86 47.26 11.92
CA TYR D 287 -6.91 47.09 10.47
C TYR D 287 -7.51 45.73 10.11
N LEU D 288 -8.09 45.63 8.92
CA LEU D 288 -8.50 44.37 8.33
C LEU D 288 -7.68 44.13 7.07
N ALA D 289 -7.14 42.92 6.93
CA ALA D 289 -6.52 42.53 5.68
C ALA D 289 -7.58 42.49 4.58
N GLN D 290 -7.20 42.91 3.37
CA GLN D 290 -8.08 42.91 2.22
C GLN D 290 -7.84 41.63 1.43
N GLN D 291 -8.52 41.48 0.28
CA GLN D 291 -8.30 40.31 -0.56
C GLN D 291 -6.80 40.15 -0.89
N SER D 292 -6.11 41.26 -1.13
CA SER D 292 -4.65 41.30 -1.01
C SER D 292 -4.29 41.17 0.47
N ILE D 293 -3.66 40.07 0.87
CA ILE D 293 -3.48 39.83 2.30
C ILE D 293 -2.48 40.81 2.94
N ARG D 294 -1.63 41.49 2.16
CA ARG D 294 -0.65 42.44 2.70
C ARG D 294 -1.14 43.88 2.67
N THR D 295 -2.39 44.12 2.26
CA THR D 295 -2.97 45.46 2.19
C THR D 295 -4.03 45.58 3.27
N PHE D 296 -3.98 46.67 4.02
CA PHE D 296 -4.78 46.81 5.23
C PHE D 296 -5.67 48.04 5.14
N PHE D 297 -6.96 47.84 5.39
CA PHE D 297 -7.93 48.91 5.54
C PHE D 297 -8.09 49.24 7.01
N ASN D 298 -8.14 50.54 7.34
CA ASN D 298 -8.22 51.01 8.73
C ASN D 298 -9.69 51.03 9.17
N THR D 299 -10.08 50.13 10.08
CA THR D 299 -11.46 50.10 10.55
C THR D 299 -11.69 51.04 11.71
N SER D 300 -10.67 51.34 12.51
CA SER D 300 -10.83 52.38 13.53
C SER D 300 -11.16 53.73 12.91
N HIS D 301 -10.48 54.08 11.81
CA HIS D 301 -10.64 55.38 11.15
C HIS D 301 -10.68 55.16 9.65
N PRO D 302 -11.85 54.80 9.12
CA PRO D 302 -11.95 54.45 7.68
C PRO D 302 -11.49 55.54 6.73
N GLU D 303 -11.49 56.81 7.16
CA GLU D 303 -11.03 57.90 6.30
C GLU D 303 -9.51 57.87 6.11
N LYS D 304 -8.77 57.15 6.96
CA LYS D 304 -7.32 57.15 6.88
C LYS D 304 -6.84 56.23 5.76
N HIS D 305 -5.53 56.20 5.52
CA HIS D 305 -5.01 55.52 4.34
C HIS D 305 -5.04 54.00 4.52
N TYR D 306 -5.22 53.29 3.42
CA TYR D 306 -4.79 51.90 3.39
C TYR D 306 -3.29 51.86 3.63
N VAL D 307 -2.82 50.76 4.20
CA VAL D 307 -1.41 50.48 4.33
C VAL D 307 -1.12 49.18 3.62
N LYS D 308 -0.18 49.21 2.68
CA LYS D 308 0.31 48.01 2.02
C LYS D 308 1.70 47.67 2.53
N THR D 309 1.90 46.46 3.01
CA THR D 309 3.13 46.07 3.69
C THR D 309 3.87 45.01 2.89
N ALA D 310 5.15 44.85 3.19
CA ALA D 310 5.93 43.76 2.66
C ALA D 310 5.60 42.50 3.44
N LEU D 311 5.50 41.38 2.73
CA LEU D 311 5.11 40.11 3.35
C LEU D 311 5.83 38.98 2.65
N SER D 312 6.83 38.40 3.31
CA SER D 312 7.73 37.45 2.65
C SER D 312 7.16 36.03 2.70
N VAL D 313 6.01 35.83 2.05
CA VAL D 313 5.44 34.49 1.92
C VAL D 313 5.80 33.88 0.56
N ILE D 314 5.20 32.73 0.25
CA ILE D 314 5.48 31.98 -0.98
C ILE D 314 4.33 32.22 -1.94
N ASN D 315 4.62 32.95 -3.03
CA ASN D 315 3.65 33.27 -4.06
C ASN D 315 3.36 32.05 -4.94
N MET D 316 2.36 32.20 -5.81
CA MET D 316 1.89 31.12 -6.68
C MET D 316 2.92 30.74 -7.73
N ALA D 324 10.83 47.56 -3.89
CA ALA D 324 11.10 48.96 -3.57
C ALA D 324 11.96 49.68 -4.64
N ALA D 325 12.23 48.99 -5.77
CA ALA D 325 13.10 49.49 -6.84
C ALA D 325 12.70 50.88 -7.33
N TYR D 326 11.82 50.93 -8.35
CA TYR D 326 11.15 52.11 -8.94
C TYR D 326 10.11 52.74 -7.98
N MET D 327 10.10 52.25 -6.73
CA MET D 327 9.16 52.71 -5.73
C MET D 327 9.21 54.22 -5.55
N GLU D 328 10.37 54.84 -5.81
CA GLU D 328 10.46 56.27 -5.57
C GLU D 328 9.44 57.05 -6.40
N ALA D 329 9.11 56.57 -7.60
CA ALA D 329 8.28 57.36 -8.50
C ALA D 329 6.79 56.95 -8.45
N THR D 330 6.42 56.03 -7.57
CA THR D 330 5.02 55.59 -7.45
C THR D 330 4.04 56.74 -7.21
N PRO D 331 4.19 57.59 -6.19
CA PRO D 331 3.25 58.71 -6.04
C PRO D 331 3.13 59.58 -7.28
N ALA D 332 4.24 59.85 -7.95
CA ALA D 332 4.19 60.71 -9.12
C ALA D 332 3.42 60.04 -10.26
N ILE D 333 3.52 58.72 -10.38
CA ILE D 333 2.79 58.02 -11.43
C ILE D 333 1.29 58.14 -11.18
N ASN D 334 0.88 58.00 -9.92
CA ASN D 334 -0.52 58.19 -9.51
C ASN D 334 -1.01 59.61 -9.76
N ASP D 335 -0.20 60.63 -9.38
CA ASP D 335 -0.58 62.02 -9.63
C ASP D 335 -0.77 62.28 -11.13
N TRP D 336 0.11 61.71 -11.96
CA TRP D 336 -0.01 61.86 -13.40
C TRP D 336 -1.33 61.28 -13.92
N LEU D 337 -1.69 60.07 -13.46
CA LEU D 337 -2.90 59.45 -13.94
C LEU D 337 -4.14 60.19 -13.44
N ALA D 338 -4.14 60.59 -12.17
CA ALA D 338 -5.26 61.40 -11.68
C ALA D 338 -5.40 62.69 -12.47
N GLN D 339 -4.28 63.37 -12.76
CA GLN D 339 -4.37 64.57 -13.62
C GLN D 339 -4.88 64.21 -15.01
N LEU D 340 -4.39 63.10 -15.56
CA LEU D 340 -4.89 62.68 -16.87
C LEU D 340 -6.41 62.54 -16.85
N ILE D 341 -6.96 61.88 -15.83
CA ILE D 341 -8.41 61.65 -15.77
C ILE D 341 -9.17 62.96 -15.63
N GLU D 342 -8.77 63.80 -14.67
CA GLU D 342 -9.42 65.10 -14.51
C GLU D 342 -9.32 65.95 -15.77
N GLY D 343 -8.21 65.86 -16.52
CA GLY D 343 -8.09 66.63 -17.76
C GLY D 343 -8.91 66.13 -18.96
N ASP D 344 -9.43 64.92 -18.93
CA ASP D 344 -10.06 64.31 -20.10
C ASP D 344 -11.57 64.21 -19.89
N PRO D 345 -12.39 65.03 -20.56
CA PRO D 345 -13.83 64.99 -20.29
C PRO D 345 -14.49 63.69 -20.65
N VAL D 346 -13.91 62.90 -21.57
CA VAL D 346 -14.44 61.56 -21.80
C VAL D 346 -14.35 60.73 -20.54
N LEU D 347 -13.16 60.71 -19.93
CA LEU D 347 -12.99 59.98 -18.68
C LEU D 347 -13.75 60.63 -17.52
N LYS D 348 -13.76 61.96 -17.43
CA LYS D 348 -14.52 62.57 -16.32
C LYS D 348 -15.99 62.21 -16.43
N ALA D 349 -16.52 62.15 -17.66
CA ALA D 349 -17.94 61.88 -17.84
C ALA D 349 -18.31 60.47 -17.38
N THR D 350 -17.37 59.51 -17.42
CA THR D 350 -17.68 58.17 -16.90
C THR D 350 -17.68 58.15 -15.38
N GLY D 351 -17.21 59.22 -14.74
CA GLY D 351 -17.08 59.27 -13.30
C GLY D 351 -15.88 58.54 -12.73
N LEU D 352 -15.01 57.99 -13.58
CA LEU D 352 -13.82 57.28 -13.13
C LEU D 352 -12.97 58.14 -12.21
N THR D 353 -12.46 57.53 -11.14
CA THR D 353 -11.41 58.11 -10.32
C THR D 353 -10.45 57.00 -9.94
N ILE D 354 -9.35 57.38 -9.28
CA ILE D 354 -8.46 56.42 -8.66
C ILE D 354 -8.35 56.79 -7.19
N ILE D 355 -7.98 55.80 -6.38
CA ILE D 355 -7.44 56.08 -5.07
C ILE D 355 -5.93 55.96 -5.21
N ARG D 356 -5.25 57.11 -5.09
CA ARG D 356 -3.82 57.20 -5.38
C ARG D 356 -2.99 56.56 -4.28
N GLU D 357 -1.91 55.91 -4.68
CA GLU D 357 -0.80 55.73 -3.75
C GLU D 357 -0.21 57.11 -3.47
N ARG D 358 -0.27 57.55 -2.21
CA ARG D 358 0.07 58.90 -1.80
C ARG D 358 1.48 59.01 -1.24
N ALA D 359 2.04 57.91 -0.74
CA ALA D 359 3.34 57.93 -0.11
C ALA D 359 3.86 56.51 -0.04
N ALA D 360 5.17 56.37 -0.13
CA ALA D 360 5.83 55.09 -0.15
C ALA D 360 7.14 55.23 0.60
N VAL D 361 7.57 54.12 1.20
CA VAL D 361 8.81 54.10 1.94
C VAL D 361 9.53 52.78 1.64
N GLY D 362 10.83 52.87 1.37
CA GLY D 362 11.61 51.69 1.02
C GLY D 362 12.85 51.60 1.86
N TYR D 363 13.23 50.38 2.18
CA TYR D 363 14.45 50.13 2.92
C TYR D 363 15.44 49.39 2.02
N ARG D 364 16.70 49.82 2.07
CA ARG D 364 17.76 49.18 1.27
C ARG D 364 18.78 48.57 2.21
N HIS D 365 18.78 47.24 2.28
CA HIS D 365 19.74 46.49 3.07
C HIS D 365 21.03 46.38 2.28
N LEU D 366 22.02 47.20 2.64
CA LEU D 366 23.19 47.34 1.76
C LEU D 366 23.95 46.03 1.62
N GLU D 367 24.11 45.27 2.69
CA GLU D 367 24.89 44.04 2.59
C GLU D 367 24.16 42.98 1.76
N TYR D 368 22.85 42.81 1.96
CA TYR D 368 22.14 41.87 1.10
C TYR D 368 22.11 42.36 -0.34
N GLU D 369 22.19 43.67 -0.58
CA GLU D 369 22.13 44.13 -1.96
C GLU D 369 23.39 43.75 -2.70
N LYS D 370 24.56 43.92 -2.07
CA LYS D 370 25.82 43.53 -2.70
C LYS D 370 25.83 42.06 -3.09
N ALA D 371 25.09 41.24 -2.35
CA ALA D 371 25.16 39.78 -2.46
C ALA D 371 24.04 39.19 -3.30
N THR D 372 23.16 40.02 -3.86
CA THR D 372 21.98 39.56 -4.57
C THR D 372 21.82 40.36 -5.85
N ASP D 373 20.86 39.93 -6.68
CA ASP D 373 20.40 40.60 -7.90
C ASP D 373 19.05 41.27 -7.64
N ARG D 374 18.47 41.84 -8.70
CA ARG D 374 17.22 42.61 -8.58
C ARG D 374 16.03 41.73 -8.20
N TYR D 375 16.06 40.44 -8.49
CA TYR D 375 14.89 39.59 -8.29
C TYR D 375 14.86 38.87 -6.93
N SER D 376 15.88 39.07 -6.10
CA SER D 376 16.01 38.32 -4.85
C SER D 376 14.94 38.71 -3.83
N PRO D 377 14.35 37.73 -3.12
CA PRO D 377 13.37 38.09 -2.08
C PRO D 377 14.00 38.88 -0.94
N TYR D 378 15.31 38.77 -0.74
CA TYR D 378 15.99 39.59 0.25
C TYR D 378 15.88 41.08 -0.02
N ARG D 379 15.49 41.49 -1.22
CA ARG D 379 15.29 42.91 -1.52
C ARG D 379 13.86 43.38 -1.35
N LYS D 380 12.94 42.45 -1.08
CA LYS D 380 11.52 42.76 -1.00
C LYS D 380 11.01 42.72 0.44
N MET D 381 11.90 42.80 1.42
CA MET D 381 11.54 42.46 2.79
C MET D 381 11.07 43.60 3.65
N LEU D 382 11.33 44.86 3.29
CA LEU D 382 10.95 45.98 4.15
C LEU D 382 10.66 47.19 3.27
N ALA D 383 9.38 47.45 3.06
CA ALA D 383 8.85 48.55 2.27
C ALA D 383 7.37 48.65 2.61
N ALA D 384 6.79 49.81 2.32
CA ALA D 384 5.38 50.05 2.62
C ALA D 384 4.88 51.14 1.71
N LEU D 385 3.57 51.17 1.50
CA LEU D 385 2.98 52.35 0.88
C LEU D 385 1.60 52.63 1.45
N TRP D 386 1.17 53.87 1.27
CA TRP D 386 -0.13 54.33 1.75
C TRP D 386 -1.00 54.72 0.55
N ARG D 387 -2.25 54.31 0.61
CA ARG D 387 -3.21 54.58 -0.46
C ARG D 387 -4.43 55.28 0.13
N GLU D 388 -4.89 56.32 -0.55
CA GLU D 388 -6.13 57.03 -0.20
C GLU D 388 -7.27 56.06 0.09
N SER D 389 -8.06 56.39 1.11
CA SER D 389 -9.29 55.67 1.34
C SER D 389 -10.35 56.13 0.33
N PRO D 390 -11.19 55.23 -0.15
CA PRO D 390 -12.34 55.64 -0.98
C PRO D 390 -13.51 56.19 -0.17
N VAL D 391 -13.48 56.10 1.16
CA VAL D 391 -14.64 56.44 1.98
C VAL D 391 -14.99 57.93 1.96
N PRO D 392 -14.05 58.88 2.10
CA PRO D 392 -14.48 60.29 2.13
C PRO D 392 -15.01 60.81 0.80
N SER D 393 -14.82 60.12 -0.32
CA SER D 393 -15.44 60.55 -1.57
C SER D 393 -16.93 60.24 -1.65
N LEU D 394 -17.48 59.47 -0.71
CA LEU D 394 -18.83 58.95 -0.89
C LEU D 394 -19.85 60.08 -0.76
N ARG D 395 -20.77 60.15 -1.72
CA ARG D 395 -21.90 61.07 -1.61
C ARG D 395 -23.06 60.33 -0.95
N ASP D 396 -24.22 60.98 -0.86
CA ASP D 396 -25.36 60.42 -0.17
C ASP D 396 -25.86 59.17 -0.87
N GLY D 397 -26.13 58.10 -0.10
CA GLY D 397 -26.61 56.87 -0.71
C GLY D 397 -25.58 56.03 -1.42
N GLU D 398 -24.32 56.44 -1.46
CA GLU D 398 -23.30 55.66 -2.15
C GLU D 398 -22.67 54.66 -1.17
N SER D 399 -22.33 53.49 -1.68
CA SER D 399 -21.62 52.49 -0.89
C SER D 399 -20.59 51.80 -1.78
N LEU D 400 -19.66 51.07 -1.15
CA LEU D 400 -18.50 50.53 -1.83
C LEU D 400 -18.56 49.00 -1.90
N ALA D 401 -18.14 48.44 -3.03
CA ALA D 401 -18.02 46.98 -3.13
C ALA D 401 -16.88 46.66 -4.08
N THR D 402 -15.94 45.84 -3.63
CA THR D 402 -14.95 45.29 -4.56
C THR D 402 -15.67 44.71 -5.78
N MET D 403 -15.12 44.94 -6.96
CA MET D 403 -15.72 44.37 -8.16
C MET D 403 -15.73 42.85 -8.15
N ALA D 404 -14.82 42.21 -7.41
CA ALA D 404 -14.85 40.75 -7.30
C ALA D 404 -16.22 40.27 -6.85
N SER D 405 -16.92 41.05 -6.04
CA SER D 405 -18.21 40.63 -5.55
C SER D 405 -19.18 40.37 -6.69
N LEU D 406 -18.95 40.91 -7.88
CA LEU D 406 -19.88 40.62 -8.97
C LEU D 406 -19.86 39.13 -9.37
N LEU D 407 -18.76 38.40 -9.10
CA LEU D 407 -18.69 36.97 -9.38
C LEU D 407 -19.11 36.11 -8.20
N HIS D 408 -19.41 36.74 -7.08
CA HIS D 408 -19.73 36.01 -5.86
C HIS D 408 -21.05 35.29 -6.01
N VAL D 409 -21.08 34.03 -5.57
CA VAL D 409 -22.29 33.23 -5.53
C VAL D 409 -22.41 32.69 -4.11
N ASP D 410 -23.60 32.82 -3.51
CA ASP D 410 -23.68 32.40 -2.12
C ASP D 410 -23.82 30.87 -2.05
N HIS D 411 -23.98 30.37 -0.82
CA HIS D 411 -24.10 28.93 -0.56
C HIS D 411 -25.32 28.31 -1.23
N ALA D 412 -26.29 29.12 -1.64
CA ALA D 412 -27.52 28.66 -2.25
C ALA D 412 -27.55 28.85 -3.75
N GLY D 413 -26.44 29.28 -4.35
CA GLY D 413 -26.43 29.51 -5.78
C GLY D 413 -26.95 30.87 -6.20
N ALA D 414 -27.25 31.76 -5.25
CA ALA D 414 -27.71 33.09 -5.59
C ALA D 414 -26.51 34.01 -5.85
N SER D 415 -26.55 34.77 -6.95
CA SER D 415 -25.39 35.55 -7.32
C SER D 415 -25.53 36.96 -6.79
N PHE D 416 -24.41 37.48 -6.31
CA PHE D 416 -24.35 38.85 -5.79
C PHE D 416 -24.78 39.85 -6.85
N ALA D 417 -24.32 39.71 -8.09
CA ALA D 417 -24.75 40.65 -9.12
C ALA D 417 -26.25 40.57 -9.33
N GLY D 418 -26.80 39.34 -9.35
CA GLY D 418 -28.24 39.19 -9.39
C GLY D 418 -28.96 39.97 -8.31
N ALA D 419 -28.43 39.95 -7.09
CA ALA D 419 -29.09 40.67 -6.02
C ALA D 419 -29.05 42.18 -6.24
N LEU D 420 -27.97 42.70 -6.82
CA LEU D 420 -27.90 44.13 -7.12
C LEU D 420 -28.88 44.52 -8.22
N ILE D 421 -28.94 43.74 -9.31
CA ILE D 421 -29.93 43.97 -10.36
C ILE D 421 -31.33 44.03 -9.76
N ALA D 422 -31.67 43.03 -8.92
CA ALA D 422 -33.00 43.03 -8.33
C ALA D 422 -33.22 44.25 -7.47
N ARG D 423 -32.25 44.57 -6.61
CA ARG D 423 -32.42 45.70 -5.71
C ARG D 423 -32.63 46.99 -6.49
N SER D 424 -32.14 47.06 -7.74
CA SER D 424 -32.20 48.28 -8.52
C SER D 424 -33.50 48.45 -9.27
N GLY D 425 -34.26 47.37 -9.48
CA GLY D 425 -35.45 47.43 -10.28
C GLY D 425 -35.25 47.72 -11.75
N LEU D 426 -34.01 47.78 -12.23
CA LEU D 426 -33.77 48.08 -13.64
C LEU D 426 -33.88 46.82 -14.48
N ALA D 427 -34.04 46.99 -15.78
CA ALA D 427 -33.87 45.86 -16.67
C ALA D 427 -32.42 45.40 -16.59
N PRO D 428 -32.17 44.08 -16.49
CA PRO D 428 -30.77 43.61 -16.34
C PRO D 428 -29.80 44.19 -17.36
N ALA D 429 -30.18 44.28 -18.64
CA ALA D 429 -29.27 44.81 -19.65
C ALA D 429 -28.99 46.30 -19.43
N GLU D 430 -29.95 47.04 -18.87
CA GLU D 430 -29.71 48.44 -18.52
C GLU D 430 -28.83 48.56 -17.28
N TRP D 431 -29.03 47.69 -16.29
CA TRP D 431 -28.08 47.62 -15.18
C TRP D 431 -26.68 47.36 -15.70
N LEU D 432 -26.55 46.41 -16.62
CA LEU D 432 -25.24 46.05 -17.16
C LEU D 432 -24.64 47.20 -17.93
N ARG D 433 -25.47 47.90 -18.69
CA ARG D 433 -24.96 49.01 -19.49
C ARG D 433 -24.38 50.11 -18.60
N ARG D 434 -24.97 50.32 -17.43
CA ARG D 434 -24.46 51.32 -16.49
C ARG D 434 -23.16 50.88 -15.86
N TYR D 435 -23.06 49.59 -15.52
CA TYR D 435 -21.78 49.07 -15.08
C TYR D 435 -20.71 49.22 -16.16
N LEU D 436 -21.03 48.84 -17.41
CA LEU D 436 -20.03 48.90 -18.48
C LEU D 436 -19.54 50.32 -18.72
N ARG D 437 -20.42 51.31 -18.57
CA ARG D 437 -20.02 52.68 -18.80
C ARG D 437 -19.09 53.19 -17.71
N ALA D 438 -19.26 52.73 -16.48
CA ALA D 438 -18.41 53.12 -15.36
C ALA D 438 -17.05 52.42 -15.40
N TYR D 439 -17.02 51.15 -15.77
CA TYR D 439 -15.80 50.36 -15.67
C TYR D 439 -15.11 50.10 -16.99
N TYR D 440 -15.85 49.74 -18.04
CA TYR D 440 -15.31 49.24 -19.30
C TYR D 440 -15.00 50.37 -20.27
N THR D 441 -15.95 51.27 -20.51
CA THR D 441 -15.67 52.43 -21.35
C THR D 441 -14.37 53.16 -20.99
N PRO D 442 -14.02 53.40 -19.72
CA PRO D 442 -12.73 54.07 -19.49
C PRO D 442 -11.54 53.21 -19.94
N LEU D 443 -11.66 51.88 -19.90
CA LEU D 443 -10.57 51.05 -20.38
C LEU D 443 -10.38 51.22 -21.87
N LEU D 444 -11.49 51.29 -22.62
CA LEU D 444 -11.40 51.47 -24.07
C LEU D 444 -10.80 52.82 -24.40
N HIS D 445 -11.27 53.86 -23.73
CA HIS D 445 -10.76 55.20 -24.02
C HIS D 445 -9.28 55.31 -23.65
N SER D 446 -8.88 54.72 -22.51
CA SER D 446 -7.47 54.76 -22.13
C SER D 446 -6.60 54.09 -23.18
N PHE D 447 -7.03 52.90 -23.65
CA PHE D 447 -6.28 52.20 -24.67
C PHE D 447 -6.16 53.02 -25.95
N TYR D 448 -7.27 53.54 -26.47
CA TYR D 448 -7.23 54.09 -27.82
C TYR D 448 -6.68 55.52 -27.84
N ALA D 449 -7.04 56.33 -26.85
CA ALA D 449 -6.60 57.72 -26.79
C ALA D 449 -5.19 57.85 -26.24
N TYR D 450 -4.78 56.98 -25.32
CA TYR D 450 -3.49 57.17 -24.67
C TYR D 450 -2.58 55.95 -24.74
N ASP D 451 -2.98 54.86 -25.40
CA ASP D 451 -2.17 53.63 -25.45
C ASP D 451 -1.89 53.13 -24.03
N LEU D 452 -2.81 53.40 -23.13
CA LEU D 452 -2.67 53.15 -21.71
C LEU D 452 -3.53 51.97 -21.29
N VAL D 453 -2.90 50.96 -20.67
CA VAL D 453 -3.60 49.79 -20.18
C VAL D 453 -3.33 49.63 -18.70
N TYR D 454 -4.21 48.90 -18.04
CA TYR D 454 -4.17 48.56 -16.63
C TYR D 454 -4.03 47.04 -16.50
N MET D 455 -4.20 46.56 -15.28
CA MET D 455 -4.48 45.16 -15.04
C MET D 455 -5.75 45.18 -14.20
N PRO D 456 -6.91 45.34 -14.83
CA PRO D 456 -8.15 45.69 -14.10
C PRO D 456 -9.00 44.49 -13.70
N HIS D 457 -8.49 43.62 -12.82
CA HIS D 457 -9.24 42.45 -12.40
C HIS D 457 -10.19 42.78 -11.25
N GLY D 458 -10.90 41.77 -10.74
CA GLY D 458 -11.88 42.03 -9.69
C GLY D 458 -11.30 42.75 -8.48
N GLU D 459 -10.07 42.39 -8.08
CA GLU D 459 -9.52 42.87 -6.82
C GLU D 459 -8.94 44.28 -6.89
N ASN D 460 -8.72 44.85 -8.08
CA ASN D 460 -8.19 46.21 -8.09
C ASN D 460 -9.14 47.20 -8.75
N VAL D 461 -10.44 46.91 -8.65
CA VAL D 461 -11.49 47.87 -8.96
C VAL D 461 -12.45 47.89 -7.79
N ILE D 462 -12.85 49.08 -7.36
CA ILE D 462 -13.90 49.23 -6.36
C ILE D 462 -15.10 49.87 -7.03
N LEU D 463 -16.26 49.25 -6.88
CA LEU D 463 -17.49 49.79 -7.43
C LEU D 463 -18.15 50.70 -6.43
N VAL D 464 -18.68 51.83 -6.91
CA VAL D 464 -19.50 52.71 -6.08
C VAL D 464 -20.95 52.47 -6.45
N LEU D 465 -21.73 52.00 -5.49
CA LEU D 465 -23.10 51.58 -5.74
C LEU D 465 -24.07 52.59 -5.16
N LYS D 466 -25.17 52.81 -5.87
CA LYS D 466 -26.23 53.66 -5.34
C LYS D 466 -27.53 53.11 -5.90
N ASP D 467 -28.47 52.80 -5.01
CA ASP D 467 -29.73 52.20 -5.42
C ASP D 467 -29.50 50.91 -6.22
N GLY D 468 -28.49 50.13 -5.83
CA GLY D 468 -28.19 48.87 -6.51
C GLY D 468 -27.44 49.00 -7.83
N VAL D 469 -27.16 50.22 -8.29
CA VAL D 469 -26.58 50.48 -9.59
C VAL D 469 -25.14 50.91 -9.39
N VAL D 470 -24.27 50.53 -10.34
CA VAL D 470 -22.91 51.02 -10.31
C VAL D 470 -22.94 52.47 -10.77
N GLU D 471 -22.68 53.40 -9.85
CA GLU D 471 -22.63 54.82 -10.18
C GLU D 471 -21.32 55.17 -10.87
N ARG D 472 -20.22 54.60 -10.42
CA ARG D 472 -18.89 54.92 -10.93
C ARG D 472 -17.95 53.86 -10.36
N ALA D 473 -16.74 53.84 -10.88
CA ALA D 473 -15.76 52.87 -10.48
C ALA D 473 -14.49 53.57 -10.01
N ILE D 474 -13.71 52.88 -9.19
CA ILE D 474 -12.49 53.40 -8.61
C ILE D 474 -11.41 52.39 -8.91
N TYR D 475 -10.36 52.80 -9.63
CA TYR D 475 -9.25 51.89 -9.90
C TYR D 475 -8.20 52.05 -8.81
N LYS D 476 -7.47 50.97 -8.57
CA LYS D 476 -6.42 51.00 -7.55
C LYS D 476 -5.32 50.05 -7.97
N ASP D 477 -4.18 50.17 -7.28
CA ASP D 477 -2.97 49.41 -7.55
C ASP D 477 -2.33 49.90 -8.86
N ILE D 478 -2.06 51.20 -8.93
CA ILE D 478 -1.72 51.85 -10.20
C ILE D 478 -0.26 51.57 -10.59
N ALA D 479 0.68 51.96 -9.73
CA ALA D 479 2.06 52.15 -10.18
C ALA D 479 2.72 50.85 -10.64
N GLU D 480 2.37 49.72 -10.04
CA GLU D 480 3.06 48.50 -10.38
C GLU D 480 2.38 47.76 -11.51
N GLU D 481 1.28 48.29 -12.02
CA GLU D 481 0.56 47.61 -13.09
C GLU D 481 0.48 48.38 -14.40
N ILE D 482 0.37 49.71 -14.37
CA ILE D 482 -0.05 50.42 -15.57
C ILE D 482 1.09 50.51 -16.56
N CYS D 483 0.71 50.72 -17.81
CA CYS D 483 1.66 50.62 -18.90
C CYS D 483 1.18 51.51 -20.04
N VAL D 484 2.11 52.27 -20.62
CA VAL D 484 1.86 53.02 -21.83
C VAL D 484 2.61 52.35 -22.95
N MET D 485 1.87 51.78 -23.90
CA MET D 485 2.42 50.91 -24.94
C MET D 485 2.85 51.77 -26.14
N ASP D 486 3.89 52.53 -25.91
CA ASP D 486 4.36 53.56 -26.82
C ASP D 486 5.67 54.07 -26.25
N PRO D 487 6.82 53.53 -26.67
CA PRO D 487 8.10 53.98 -26.10
C PRO D 487 8.48 55.40 -26.49
N ASP D 488 7.84 55.98 -27.50
CA ASP D 488 8.09 57.36 -27.91
C ASP D 488 7.03 58.31 -27.37
N ALA D 489 6.38 57.95 -26.26
CA ALA D 489 5.27 58.72 -25.71
C ALA D 489 5.79 59.78 -24.75
N VAL D 490 5.25 60.99 -24.86
CA VAL D 490 5.77 62.11 -24.10
C VAL D 490 5.11 62.11 -22.72
N LEU D 491 5.91 61.89 -21.69
CA LEU D 491 5.45 61.72 -20.32
C LEU D 491 6.40 62.48 -19.41
N PRO D 492 5.91 62.92 -18.24
CA PRO D 492 6.81 63.59 -17.29
C PRO D 492 7.95 62.67 -16.91
N PRO D 493 9.13 63.24 -16.64
CA PRO D 493 10.33 62.39 -16.53
C PRO D 493 10.22 61.28 -15.53
N GLU D 494 9.75 61.56 -14.31
CA GLU D 494 9.57 60.50 -13.32
C GLU D 494 8.57 59.46 -13.78
N VAL D 495 7.75 59.76 -14.80
CA VAL D 495 6.70 58.84 -15.24
C VAL D 495 7.11 58.00 -16.45
N GLN D 496 8.11 58.44 -17.23
CA GLN D 496 8.54 57.74 -18.44
C GLN D 496 8.82 56.26 -18.22
N ARG D 497 9.07 55.82 -16.98
CA ARG D 497 9.34 54.43 -16.66
C ARG D 497 8.20 53.47 -17.01
N ILE D 498 6.97 53.97 -17.18
CA ILE D 498 5.83 53.09 -17.45
C ILE D 498 5.64 52.82 -18.95
N ARG D 499 6.50 53.36 -19.80
CA ARG D 499 6.44 53.08 -21.23
C ARG D 499 7.03 51.71 -21.51
N ALA D 500 6.54 51.07 -22.57
CA ALA D 500 6.96 49.72 -22.90
C ALA D 500 6.79 49.45 -24.39
N GLU D 501 7.70 48.64 -24.92
CA GLU D 501 7.62 48.13 -26.28
C GLU D 501 6.88 46.80 -26.25
N VAL D 502 5.65 46.77 -26.75
CA VAL D 502 4.88 45.52 -26.74
C VAL D 502 4.51 45.10 -28.16
N PRO D 503 4.48 43.81 -28.46
CA PRO D 503 4.16 43.40 -29.84
C PRO D 503 2.73 43.77 -30.20
N GLU D 504 2.54 44.15 -31.46
CA GLU D 504 1.28 44.74 -31.89
C GLU D 504 0.09 43.81 -31.67
N ASP D 505 0.28 42.52 -31.85
CA ASP D 505 -0.83 41.59 -31.75
C ASP D 505 -1.19 41.24 -30.32
N THR D 506 -0.40 41.67 -29.34
CA THR D 506 -0.75 41.43 -27.96
C THR D 506 -1.31 42.66 -27.25
N LYS D 507 -1.32 43.82 -27.91
CA LYS D 507 -1.71 45.05 -27.21
C LYS D 507 -3.12 44.96 -26.65
N LEU D 508 -4.03 44.43 -27.44
CA LEU D 508 -5.43 44.41 -27.05
C LEU D 508 -5.75 43.27 -26.10
N LEU D 509 -4.79 42.38 -25.83
CA LEU D 509 -5.06 41.30 -24.88
C LEU D 509 -5.29 41.82 -23.49
N SER D 510 -4.95 43.08 -23.20
CA SER D 510 -5.30 43.65 -21.91
C SER D 510 -6.82 43.68 -21.72
N VAL D 511 -7.56 43.92 -22.79
CA VAL D 511 -9.02 43.86 -22.75
C VAL D 511 -9.53 42.44 -22.96
N PHE D 512 -9.11 41.76 -24.05
CA PHE D 512 -9.69 40.47 -24.39
C PHE D 512 -9.45 39.44 -23.28
N THR D 513 -8.19 39.32 -22.82
CA THR D 513 -7.87 38.37 -21.76
C THR D 513 -8.29 38.85 -20.38
N ASP D 514 -7.83 40.04 -19.97
CA ASP D 514 -8.04 40.46 -18.58
C ASP D 514 -9.50 40.79 -18.30
N VAL D 515 -10.23 41.33 -19.27
CA VAL D 515 -11.62 41.69 -19.01
C VAL D 515 -12.58 40.60 -19.51
N PHE D 516 -12.52 40.27 -20.80
CA PHE D 516 -13.48 39.29 -21.33
C PHE D 516 -13.24 37.92 -20.73
N ASP D 517 -12.06 37.34 -20.97
CA ASP D 517 -11.88 35.92 -20.66
C ASP D 517 -11.74 35.67 -19.17
N CYS D 518 -11.22 36.62 -18.41
CA CYS D 518 -10.94 36.38 -17.00
C CYS D 518 -11.94 37.05 -16.07
N PHE D 519 -12.95 37.73 -16.60
CA PHE D 519 -13.92 38.35 -15.69
C PHE D 519 -15.32 38.28 -16.29
N PHE D 520 -15.58 38.92 -17.45
CA PHE D 520 -16.93 38.89 -18.02
C PHE D 520 -17.41 37.47 -18.30
N ARG D 521 -16.52 36.59 -18.74
CA ARG D 521 -16.89 35.20 -18.97
C ARG D 521 -17.67 34.63 -17.79
N PHE D 522 -17.18 34.87 -16.57
CA PHE D 522 -17.83 34.32 -15.39
C PHE D 522 -19.10 35.09 -15.06
N LEU D 523 -19.09 36.42 -15.22
CA LEU D 523 -20.26 37.22 -14.88
C LEU D 523 -21.45 36.91 -15.80
N ALA D 524 -21.19 36.77 -17.11
CA ALA D 524 -22.25 36.41 -18.05
C ALA D 524 -22.87 35.05 -17.73
N VAL D 525 -22.02 34.07 -17.42
CA VAL D 525 -22.51 32.74 -17.08
C VAL D 525 -23.32 32.77 -15.78
N ASN D 526 -22.84 33.46 -14.75
CA ASN D 526 -23.62 33.50 -13.51
C ASN D 526 -24.98 34.14 -13.73
N LEU D 527 -25.05 35.23 -14.50
CA LEU D 527 -26.33 35.89 -14.73
C LEU D 527 -27.24 35.04 -15.59
N ALA D 528 -26.67 34.25 -16.50
CA ALA D 528 -27.52 33.38 -17.29
C ALA D 528 -28.08 32.24 -16.45
N SER D 529 -27.26 31.63 -15.58
CA SER D 529 -27.74 30.52 -14.74
C SER D 529 -28.89 30.95 -13.84
N GLU D 530 -28.90 32.19 -13.39
CA GLU D 530 -30.01 32.64 -12.56
C GLU D 530 -31.26 33.02 -13.34
N GLY D 531 -31.28 32.90 -14.65
CA GLY D 531 -32.42 33.35 -15.42
C GLY D 531 -32.59 34.86 -15.38
N VAL D 532 -31.51 35.59 -15.16
CA VAL D 532 -31.55 37.05 -15.11
C VAL D 532 -31.29 37.67 -16.48
N LEU D 533 -30.32 37.15 -17.22
CA LEU D 533 -29.93 37.74 -18.50
C LEU D 533 -29.26 36.67 -19.36
N GLU D 534 -29.73 36.53 -20.59
CA GLU D 534 -29.10 35.56 -21.49
C GLU D 534 -27.66 35.99 -21.82
N GLU D 535 -26.82 35.00 -22.12
CA GLU D 535 -25.44 35.27 -22.51
C GLU D 535 -25.37 36.16 -23.74
N ASP D 536 -26.12 35.80 -24.80
CA ASP D 536 -26.12 36.61 -26.01
C ASP D 536 -26.52 38.06 -25.72
N ASP D 537 -27.47 38.27 -24.81
CA ASP D 537 -27.84 39.64 -24.48
C ASP D 537 -26.74 40.33 -23.69
N PHE D 538 -26.07 39.60 -22.79
CA PHE D 538 -24.87 40.12 -22.13
C PHE D 538 -23.86 40.64 -23.16
N TRP D 539 -23.49 39.78 -24.12
CA TRP D 539 -22.43 40.14 -25.04
C TRP D 539 -22.89 41.16 -26.07
N ARG D 540 -24.16 41.11 -26.49
CA ARG D 540 -24.70 42.20 -27.29
C ARG D 540 -24.59 43.54 -26.58
N THR D 541 -24.77 43.54 -25.26
CA THR D 541 -24.66 44.81 -24.53
C THR D 541 -23.22 45.30 -24.51
N VAL D 542 -22.26 44.40 -24.27
CA VAL D 542 -20.84 44.77 -24.35
C VAL D 542 -20.54 45.33 -25.73
N ALA D 543 -21.10 44.73 -26.75
CA ALA D 543 -20.83 45.19 -28.11
C ALA D 543 -21.46 46.55 -28.37
N GLU D 544 -22.67 46.80 -27.83
CA GLU D 544 -23.33 48.08 -28.02
C GLU D 544 -22.54 49.20 -27.35
N VAL D 545 -22.08 48.95 -26.13
CA VAL D 545 -21.28 49.93 -25.41
C VAL D 545 -19.96 50.15 -26.13
N THR D 546 -19.34 49.10 -26.66
CA THR D 546 -18.12 49.28 -27.45
C THR D 546 -18.37 50.21 -28.64
N ARG D 547 -19.41 49.93 -29.43
CA ARG D 547 -19.71 50.74 -30.60
C ARG D 547 -20.13 52.16 -30.22
N GLU D 548 -20.89 52.30 -29.15
CA GLU D 548 -21.23 53.62 -28.61
C GLU D 548 -19.98 54.44 -28.39
N TYR D 549 -18.98 53.86 -27.72
CA TYR D 549 -17.74 54.60 -27.51
C TYR D 549 -17.08 54.96 -28.83
N GLN D 550 -16.89 53.97 -29.72
CA GLN D 550 -16.21 54.24 -30.97
C GLN D 550 -16.92 55.31 -31.80
N GLU D 551 -18.25 55.22 -31.89
CA GLU D 551 -19.00 56.20 -32.66
C GLU D 551 -18.91 57.59 -32.07
N SER D 552 -18.61 57.71 -30.78
CA SER D 552 -18.45 59.04 -30.21
C SER D 552 -17.06 59.63 -30.45
N MET D 553 -16.13 58.85 -31.01
CA MET D 553 -14.74 59.28 -31.20
C MET D 553 -14.29 59.08 -32.64
N PRO D 554 -14.91 59.78 -33.61
CA PRO D 554 -14.50 59.65 -35.02
C PRO D 554 -13.02 59.88 -35.27
N GLU D 555 -12.36 60.76 -34.49
CA GLU D 555 -10.96 61.05 -34.77
C GLU D 555 -10.04 59.86 -34.51
N LEU D 556 -10.52 58.79 -33.89
CA LEU D 556 -9.69 57.62 -33.61
C LEU D 556 -10.01 56.45 -34.52
N ALA D 557 -10.73 56.69 -35.62
CA ALA D 557 -11.25 55.59 -36.43
C ALA D 557 -10.13 54.68 -36.94
N ASP D 558 -9.00 55.27 -37.32
CA ASP D 558 -7.86 54.50 -37.78
C ASP D 558 -7.33 53.56 -36.70
N LYS D 559 -7.29 54.05 -35.44
CA LYS D 559 -6.87 53.16 -34.37
C LYS D 559 -7.91 52.06 -34.11
N PHE D 560 -9.19 52.34 -34.34
CA PHE D 560 -10.24 51.35 -34.14
C PHE D 560 -10.09 50.19 -35.12
N ARG D 561 -9.69 50.47 -36.35
CA ARG D 561 -9.53 49.40 -37.32
C ARG D 561 -8.20 48.68 -37.17
N GLN D 562 -7.16 49.40 -36.78
CA GLN D 562 -5.88 48.77 -36.51
C GLN D 562 -5.97 47.76 -35.35
N TYR D 563 -6.67 48.14 -34.28
CA TYR D 563 -6.81 47.29 -33.08
C TYR D 563 -8.30 47.02 -32.97
N ASP D 564 -8.72 45.90 -33.55
CA ASP D 564 -10.12 45.66 -33.83
C ASP D 564 -10.73 44.92 -32.65
N MET D 565 -11.56 45.64 -31.86
CA MET D 565 -12.28 45.02 -30.75
C MET D 565 -13.24 43.94 -31.22
N PHE D 566 -13.62 43.93 -32.51
CA PHE D 566 -14.55 42.97 -33.09
C PHE D 566 -13.83 41.91 -33.95
N ALA D 567 -12.53 41.72 -33.72
CA ALA D 567 -11.80 40.70 -34.46
C ALA D 567 -12.44 39.34 -34.19
N PRO D 568 -12.49 38.45 -35.19
CA PRO D 568 -13.18 37.15 -34.97
C PRO D 568 -12.68 36.36 -33.77
N GLU D 569 -11.36 36.21 -33.59
CA GLU D 569 -10.79 35.43 -32.51
C GLU D 569 -9.63 36.19 -31.85
N PHE D 570 -9.30 35.81 -30.61
CA PHE D 570 -8.13 36.34 -29.91
C PHE D 570 -7.49 35.23 -29.11
N ALA D 571 -6.24 35.45 -28.70
CA ALA D 571 -5.44 34.39 -28.10
C ALA D 571 -6.10 33.83 -26.84
N LEU D 572 -5.85 32.54 -26.60
CA LEU D 572 -6.36 31.86 -25.42
C LEU D 572 -5.51 32.17 -24.19
N SER D 573 -6.18 32.31 -23.05
CA SER D 573 -5.52 32.65 -21.80
C SER D 573 -4.87 31.45 -21.15
N CYS D 574 -3.64 31.63 -20.67
CA CYS D 574 -2.83 30.55 -20.14
C CYS D 574 -2.59 30.64 -18.64
N LEU D 575 -3.53 31.18 -17.86
CA LEU D 575 -3.18 31.55 -16.49
C LEU D 575 -2.70 30.35 -15.69
N ASN D 576 -3.49 29.25 -15.69
CA ASN D 576 -3.06 28.06 -14.96
C ASN D 576 -1.83 27.42 -15.60
N ARG D 577 -1.78 27.40 -16.94
CA ARG D 577 -0.63 26.86 -17.64
C ARG D 577 0.68 27.43 -17.11
N LEU D 578 0.72 28.75 -16.87
CA LEU D 578 1.96 29.40 -16.43
C LEU D 578 2.32 29.05 -14.99
N GLN D 579 1.37 29.19 -14.05
CA GLN D 579 1.73 28.84 -12.68
C GLN D 579 2.09 27.35 -12.54
N LEU D 580 1.48 26.48 -13.35
CA LEU D 580 1.89 25.08 -13.34
C LEU D 580 3.30 24.87 -13.90
N ARG D 581 3.86 25.86 -14.63
CA ARG D 581 5.15 25.70 -15.28
C ARG D 581 6.31 26.28 -14.48
N ASN D 582 6.06 27.20 -13.56
CA ASN D 582 7.15 27.76 -12.76
C ASN D 582 6.66 28.19 -11.39
N LEU D 596 6.39 31.78 -25.54
CA LEU D 596 6.15 30.55 -26.30
C LEU D 596 4.70 30.05 -26.17
N GLN D 597 3.73 30.89 -26.55
CA GLN D 597 2.32 30.53 -26.54
C GLN D 597 1.91 30.04 -27.93
N LEU D 598 1.70 28.74 -28.06
CA LEU D 598 1.12 28.08 -29.24
C LEU D 598 -0.10 27.29 -28.81
N VAL D 599 -0.98 27.96 -28.05
CA VAL D 599 -2.06 27.26 -27.36
C VAL D 599 -3.40 27.41 -28.07
N GLY D 600 -3.58 28.44 -28.90
CA GLY D 600 -4.76 28.60 -29.71
C GLY D 600 -5.46 29.91 -29.44
N THR D 601 -6.65 30.04 -30.02
CA THR D 601 -7.46 31.23 -29.90
C THR D 601 -8.87 30.85 -29.48
N LEU D 602 -9.61 31.86 -29.04
CA LEU D 602 -11.01 31.79 -28.62
C LEU D 602 -11.82 32.65 -29.55
N ARG D 603 -13.05 32.25 -29.82
CA ARG D 603 -13.94 33.12 -30.58
C ARG D 603 -14.34 34.32 -29.74
N ASN D 604 -14.28 35.50 -30.35
CA ASN D 604 -14.59 36.76 -29.68
C ASN D 604 -16.10 36.90 -29.51
N PRO D 605 -16.63 36.92 -28.28
CA PRO D 605 -18.10 36.92 -28.11
C PRO D 605 -18.79 38.15 -28.65
N ILE D 606 -18.09 39.23 -28.98
CA ILE D 606 -18.76 40.39 -29.57
C ILE D 606 -18.55 40.47 -31.06
N ALA D 607 -17.84 39.50 -31.65
CA ALA D 607 -17.47 39.61 -33.06
C ALA D 607 -18.68 39.66 -33.99
N GLY D 608 -19.78 38.97 -33.66
CA GLY D 608 -20.92 39.01 -34.54
C GLY D 608 -21.91 40.12 -34.29
N PHE D 609 -21.68 40.90 -33.23
CA PHE D 609 -22.54 42.02 -32.86
C PHE D 609 -21.85 43.36 -33.20
#